data_6ZZG
#
_entry.id   6ZZG
#
_cell.length_a   164.451
_cell.length_b   347.187
_cell.length_c   94.851
_cell.angle_alpha   90.000
_cell.angle_beta   90.000
_cell.angle_gamma   90.000
#
_symmetry.space_group_name_H-M   'C 2 2 21'
#
loop_
_entity.id
_entity.type
_entity.pdbx_description
1 polymer 'Centriole protein'
2 polymer MB_CRS6-15
3 non-polymer 'ACETATE ION'
4 water water
#
loop_
_entity_poly.entity_id
_entity_poly.type
_entity_poly.pdbx_seq_one_letter_code
_entity_poly.pdbx_strand_id
1 'polypeptide(L)'
;GMPLLLDDGDPKAQTGFDLSTATTLFWRPVPVHVKQQDREDVLEELTFRILTGVAKQNHNLRILRIHISSDSDLFFLHTL
EVSEEDFQSLKNDQGILVDFASFPGKIISLLEKCILAQPGDSPRFQAVLTIRGGESVFKIVEINDFKQLPHITLAFRPGN
;
A,B,C,D,E,F
2 'polypeptide(L)'
;GSVSSVPTKLEVVAATPTSLLISWDAPAVTVYLYVITYGETGGNSPVQEFEVPGSKSTATISGLKPGVDYTITVYASSKH
SSRYASPISINYRT
;
G,H,I,J,K,L
#
loop_
_chem_comp.id
_chem_comp.type
_chem_comp.name
_chem_comp.formula
ACT non-polymer 'ACETATE ION' 'C2 H3 O2 -1'
#
# COMPACT_ATOMS: atom_id res chain seq x y z
N GLY A 16 11.74 -2.60 37.73
CA GLY A 16 13.05 -3.03 38.15
C GLY A 16 13.72 -3.95 37.14
N PHE A 17 14.87 -3.51 36.64
CA PHE A 17 15.62 -4.24 35.63
C PHE A 17 16.78 -4.96 36.31
N ASP A 18 17.05 -6.19 35.88
CA ASP A 18 18.14 -6.99 36.46
C ASP A 18 19.40 -6.72 35.65
N LEU A 19 20.22 -5.78 36.11
CA LEU A 19 21.42 -5.43 35.38
C LEU A 19 22.43 -6.57 35.35
N SER A 20 22.39 -7.47 36.33
CA SER A 20 23.29 -8.62 36.33
C SER A 20 23.02 -9.52 35.13
N THR A 21 21.74 -9.79 34.83
CA THR A 21 21.37 -10.64 33.71
C THR A 21 21.10 -9.84 32.44
N ALA A 22 21.61 -8.61 32.35
CA ALA A 22 21.37 -7.76 31.20
C ALA A 22 22.47 -7.92 30.16
N THR A 23 22.09 -7.85 28.90
CA THR A 23 23.03 -7.93 27.78
C THR A 23 23.01 -6.59 27.04
N THR A 24 24.19 -6.01 26.85
CA THR A 24 24.33 -4.77 26.10
C THR A 24 24.46 -5.09 24.61
N LEU A 25 23.61 -4.46 23.80
CA LEU A 25 23.63 -4.64 22.36
C LEU A 25 24.31 -3.50 21.63
N PHE A 26 24.36 -2.31 22.23
CA PHE A 26 24.75 -1.10 21.52
C PHE A 26 25.21 -0.09 22.55
N TRP A 27 26.44 0.41 22.42
CA TRP A 27 26.95 1.42 23.36
C TRP A 27 27.90 2.34 22.58
N ARG A 28 27.37 3.47 22.10
CA ARG A 28 28.19 4.42 21.36
C ARG A 28 27.46 5.75 21.20
N PRO A 29 28.15 6.83 20.83
CA PRO A 29 27.47 8.12 20.61
C PRO A 29 26.66 8.15 19.32
N VAL A 30 25.58 8.92 19.36
CA VAL A 30 24.67 9.10 18.22
C VAL A 30 24.35 10.58 18.06
N PRO A 31 24.42 11.13 16.85
CA PRO A 31 24.11 12.56 16.67
C PRO A 31 22.62 12.82 16.83
N VAL A 32 22.28 13.74 17.73
CA VAL A 32 20.88 14.03 18.07
C VAL A 32 20.67 15.54 18.06
N HIS A 33 19.53 15.98 17.51
CA HIS A 33 19.08 17.36 17.62
C HIS A 33 18.24 17.49 18.88
N VAL A 34 18.72 18.29 19.83
CA VAL A 34 18.11 18.39 21.15
C VAL A 34 17.40 19.74 21.24
N LYS A 35 16.10 19.70 21.43
CA LYS A 35 15.26 20.90 21.52
C LYS A 35 14.68 20.99 22.92
N GLN A 36 14.89 22.13 23.57
CA GLN A 36 14.26 22.43 24.86
C GLN A 36 13.49 23.73 24.74
N GLN A 37 12.52 23.91 25.64
CA GLN A 37 11.58 25.02 25.50
C GLN A 37 12.29 26.37 25.59
N ASP A 38 13.18 26.55 26.55
CA ASP A 38 13.78 27.86 26.81
C ASP A 38 15.23 27.96 26.36
N ARG A 39 15.78 26.90 25.77
CA ARG A 39 17.15 26.92 25.29
C ARG A 39 17.19 26.78 23.78
N GLU A 40 18.34 27.13 23.21
CA GLU A 40 18.56 27.04 21.79
C GLU A 40 18.65 25.58 21.35
N ASP A 41 18.29 25.32 20.09
CA ASP A 41 18.46 23.98 19.56
C ASP A 41 19.95 23.68 19.44
N VAL A 42 20.31 22.43 19.72
CA VAL A 42 21.72 22.02 19.74
C VAL A 42 21.86 20.68 19.04
N LEU A 43 22.83 20.59 18.13
CA LEU A 43 23.21 19.32 17.52
C LEU A 43 24.39 18.79 18.30
N GLU A 44 24.15 17.76 19.10
CA GLU A 44 25.16 17.27 20.03
C GLU A 44 25.17 15.75 19.93
N GLU A 45 26.34 15.17 20.15
CA GLU A 45 26.49 13.71 20.12
C GLU A 45 26.24 13.15 21.51
N LEU A 46 25.17 12.37 21.65
CA LEU A 46 24.74 11.79 22.91
C LEU A 46 25.03 10.30 22.91
N THR A 47 25.49 9.78 24.05
CA THR A 47 25.84 8.38 24.15
C THR A 47 24.60 7.53 24.39
N PHE A 48 24.36 6.57 23.51
CA PHE A 48 23.24 5.66 23.60
C PHE A 48 23.72 4.28 24.06
N ARG A 49 23.05 3.72 25.05
CA ARG A 49 23.31 2.36 25.51
C ARG A 49 21.99 1.59 25.51
N ILE A 50 21.96 0.48 24.77
CA ILE A 50 20.77 -0.34 24.64
C ILE A 50 21.03 -1.68 25.32
N LEU A 51 20.12 -2.07 26.21
CA LEU A 51 20.27 -3.28 27.00
C LEU A 51 18.98 -4.09 26.93
N THR A 52 19.12 -5.41 26.77
CA THR A 52 18.01 -6.32 26.89
C THR A 52 18.23 -7.22 28.09
N GLY A 53 17.15 -7.57 28.77
CA GLY A 53 17.25 -8.41 29.95
C GLY A 53 15.89 -8.71 30.51
N VAL A 54 15.89 -9.25 31.71
CA VAL A 54 14.65 -9.61 32.40
C VAL A 54 14.59 -8.85 33.72
N ALA A 55 13.38 -8.78 34.27
CA ALA A 55 13.16 -8.12 35.54
C ALA A 55 13.50 -9.07 36.68
N LYS A 56 13.92 -8.50 37.81
CA LYS A 56 14.15 -9.33 39.00
C LYS A 56 12.86 -9.98 39.46
N GLN A 57 11.73 -9.29 39.33
CA GLN A 57 10.45 -9.81 39.76
C GLN A 57 9.98 -11.00 38.95
N ASN A 58 10.62 -11.29 37.80
CA ASN A 58 10.12 -12.31 36.89
C ASN A 58 11.01 -12.49 35.67
N HIS A 59 11.79 -13.57 35.64
CA HIS A 59 12.62 -13.87 34.48
C HIS A 59 11.80 -14.05 33.21
N ASN A 60 10.48 -14.25 33.32
CA ASN A 60 9.67 -14.44 32.12
C ASN A 60 9.32 -13.11 31.45
N LEU A 61 9.39 -12.00 32.18
CA LEU A 61 9.14 -10.69 31.62
C LEU A 61 10.41 -10.16 30.96
N ARG A 62 10.39 -10.02 29.64
CA ARG A 62 11.56 -9.51 28.93
C ARG A 62 11.41 -8.00 28.78
N ILE A 63 12.52 -7.29 28.97
CA ILE A 63 12.50 -5.83 29.03
C ILE A 63 13.60 -5.28 28.14
N LEU A 64 13.32 -4.15 27.50
CA LEU A 64 14.30 -3.41 26.72
C LEU A 64 14.60 -2.11 27.44
N ARG A 65 15.88 -1.80 27.57
CA ARG A 65 16.35 -0.58 28.23
C ARG A 65 17.21 0.21 27.27
N ILE A 66 16.92 1.52 27.19
CA ILE A 66 17.73 2.45 26.40
C ILE A 66 18.09 3.61 27.31
N HIS A 67 19.38 3.95 27.37
CA HIS A 67 19.87 5.00 28.25
C HIS A 67 20.59 6.03 27.39
N ILE A 68 20.16 7.29 27.50
CA ILE A 68 20.79 8.40 26.80
C ILE A 68 21.57 9.23 27.82
N SER A 69 22.85 9.47 27.51
CA SER A 69 23.72 10.19 28.43
C SER A 69 24.69 11.06 27.63
N SER A 70 25.30 12.00 28.33
CA SER A 70 26.33 12.85 27.77
C SER A 70 27.61 12.65 28.55
N ASP A 71 28.72 12.45 27.83
CA ASP A 71 30.02 12.39 28.50
C ASP A 71 30.40 13.74 29.08
N SER A 72 29.83 14.83 28.57
CA SER A 72 30.14 16.18 29.04
C SER A 72 29.27 16.64 30.20
N ASP A 73 28.02 16.19 30.31
CA ASP A 73 27.09 16.66 31.34
C ASP A 73 26.61 15.50 32.20
N LEU A 74 26.92 15.55 33.49
CA LEU A 74 26.50 14.53 34.45
C LEU A 74 25.04 14.64 34.86
N PHE A 75 24.35 15.72 34.53
CA PHE A 75 22.94 15.84 34.87
C PHE A 75 22.04 15.50 33.69
N PHE A 76 22.61 15.18 32.54
CA PHE A 76 21.82 14.87 31.35
C PHE A 76 21.68 13.36 31.30
N LEU A 77 20.52 12.86 31.74
CA LEU A 77 20.23 11.44 31.74
C LEU A 77 18.78 11.25 31.33
N HIS A 78 18.54 10.39 30.35
CA HIS A 78 17.19 10.04 29.94
C HIS A 78 17.13 8.54 29.72
N THR A 79 16.04 7.93 30.16
CA THR A 79 15.92 6.48 30.22
C THR A 79 14.59 6.04 29.63
N LEU A 80 14.62 4.89 28.96
CA LEU A 80 13.42 4.25 28.43
C LEU A 80 13.47 2.76 28.79
N GLU A 81 12.37 2.27 29.34
CA GLU A 81 12.18 0.84 29.55
C GLU A 81 10.88 0.42 28.87
N VAL A 82 10.96 -0.63 28.05
CA VAL A 82 9.82 -1.15 27.31
C VAL A 82 9.70 -2.62 27.65
N SER A 83 8.53 -3.02 28.13
CA SER A 83 8.23 -4.42 28.39
C SER A 83 7.52 -5.02 27.18
N GLU A 84 7.46 -6.35 27.15
CA GLU A 84 6.79 -7.03 26.04
C GLU A 84 5.32 -6.62 25.93
N GLU A 85 4.63 -6.48 27.07
CA GLU A 85 3.28 -5.92 27.05
C GLU A 85 3.25 -4.50 26.50
N ASP A 86 4.17 -3.65 26.95
CA ASP A 86 4.19 -2.27 26.47
C ASP A 86 4.44 -2.21 24.97
N PHE A 87 5.22 -3.17 24.45
CA PHE A 87 5.58 -3.15 23.03
C PHE A 87 4.35 -3.29 22.14
N GLN A 88 3.35 -4.06 22.58
CA GLN A 88 2.15 -4.23 21.77
C GLN A 88 1.43 -2.91 21.54
N SER A 89 1.33 -2.07 22.58
CA SER A 89 0.76 -0.74 22.37
C SER A 89 1.62 0.07 21.42
N LEU A 90 2.93 -0.01 21.58
CA LEU A 90 3.84 0.69 20.67
C LEU A 90 3.75 0.13 19.26
N LYS A 91 3.59 -1.19 19.13
CA LYS A 91 3.53 -1.82 17.82
C LYS A 91 2.31 -1.35 17.03
N ASN A 92 1.15 -1.27 17.69
CA ASN A 92 -0.06 -0.86 16.99
C ASN A 92 -0.03 0.62 16.66
N ASP A 93 0.33 1.46 17.64
CA ASP A 93 0.27 2.90 17.43
C ASP A 93 1.25 3.36 16.36
N GLN A 94 2.35 2.63 16.14
CA GLN A 94 3.36 3.04 15.20
C GLN A 94 3.47 2.14 13.98
N GLY A 95 2.59 1.15 13.84
CA GLY A 95 2.57 0.34 12.63
C GLY A 95 3.77 -0.58 12.49
N ILE A 96 4.38 -0.96 13.61
CA ILE A 96 5.57 -1.80 13.56
C ILE A 96 5.17 -3.23 13.18
N LEU A 97 6.04 -3.90 12.42
CA LEU A 97 5.72 -5.21 11.87
C LEU A 97 6.63 -6.33 12.39
N VAL A 98 7.39 -6.10 13.46
CA VAL A 98 8.32 -7.08 13.96
C VAL A 98 7.97 -7.41 15.41
N ASP A 99 8.53 -8.52 15.89
CA ASP A 99 8.30 -8.94 17.26
C ASP A 99 9.25 -8.20 18.21
N PHE A 100 9.02 -8.40 19.51
CA PHE A 100 9.86 -7.77 20.52
C PHE A 100 11.31 -8.22 20.39
N ALA A 101 11.55 -9.43 19.90
CA ALA A 101 12.91 -9.92 19.75
C ALA A 101 13.68 -9.13 18.69
N SER A 102 13.02 -8.79 17.58
CA SER A 102 13.67 -8.03 16.52
C SER A 102 13.62 -6.53 16.75
N PHE A 103 12.80 -6.08 17.71
CA PHE A 103 12.64 -4.66 17.95
C PHE A 103 13.96 -3.95 18.29
N PRO A 104 14.84 -4.48 19.14
CA PRO A 104 16.09 -3.75 19.40
C PRO A 104 16.96 -3.60 18.17
N GLY A 105 17.10 -4.66 17.36
CA GLY A 105 17.94 -4.59 16.18
C GLY A 105 17.48 -3.54 15.20
N LYS A 106 16.16 -3.38 15.05
CA LYS A 106 15.63 -2.35 14.16
C LYS A 106 15.94 -0.96 14.69
N ILE A 107 15.83 -0.76 16.01
CA ILE A 107 16.20 0.52 16.59
C ILE A 107 17.68 0.81 16.36
N ILE A 108 18.52 -0.21 16.47
CA ILE A 108 19.95 -0.02 16.26
C ILE A 108 20.22 0.37 14.81
N SER A 109 19.58 -0.30 13.86
CA SER A 109 19.78 0.03 12.45
C SER A 109 19.35 1.46 12.16
N LEU A 110 18.26 1.90 12.78
CA LEU A 110 17.82 3.29 12.62
C LEU A 110 18.83 4.26 13.23
N LEU A 111 19.40 3.91 14.38
CA LEU A 111 20.43 4.75 14.98
C LEU A 111 21.68 4.81 14.10
N GLU A 112 22.02 3.67 13.48
CA GLU A 112 23.16 3.65 12.57
C GLU A 112 22.95 4.59 11.38
N LYS A 113 21.73 4.64 10.84
CA LYS A 113 21.45 5.53 9.72
C LYS A 113 21.59 6.98 10.11
N CYS A 114 21.26 7.34 11.36
CA CYS A 114 21.52 8.70 11.82
C CYS A 114 23.01 8.98 11.88
N ILE A 115 23.79 8.00 12.35
CA ILE A 115 25.24 8.15 12.43
C ILE A 115 25.84 8.29 11.03
N LEU A 116 25.38 7.47 10.09
CA LEU A 116 25.90 7.45 8.74
C LEU A 116 25.37 8.57 7.87
N ALA A 117 24.50 9.43 8.40
CA ALA A 117 23.91 10.49 7.58
C ALA A 117 24.97 11.52 7.19
N GLN A 118 24.91 11.95 5.94
CA GLN A 118 25.81 12.94 5.37
C GLN A 118 25.09 14.26 5.15
N PRO A 119 25.84 15.37 5.04
CA PRO A 119 25.17 16.68 4.90
C PRO A 119 24.27 16.80 3.69
N GLY A 120 24.70 16.31 2.52
CA GLY A 120 23.92 16.45 1.32
C GLY A 120 22.99 15.30 1.03
N ASP A 121 22.33 14.77 2.07
CA ASP A 121 21.43 13.64 1.95
C ASP A 121 20.00 14.12 1.72
N SER A 122 19.33 13.54 0.71
CA SER A 122 17.90 13.77 0.50
C SER A 122 17.26 12.48 -0.02
N PRO A 123 16.39 11.82 0.75
CA PRO A 123 15.99 12.18 2.12
C PRO A 123 17.11 11.99 3.14
N ARG A 124 17.01 12.71 4.25
CA ARG A 124 18.01 12.73 5.29
C ARG A 124 17.45 12.13 6.57
N PHE A 125 18.21 11.23 7.20
CA PHE A 125 17.82 10.67 8.48
C PHE A 125 18.30 11.59 9.60
N GLN A 126 17.41 11.86 10.55
CA GLN A 126 17.74 12.74 11.65
C GLN A 126 17.10 12.24 12.93
N ALA A 127 17.84 12.34 14.03
CA ALA A 127 17.37 11.96 15.36
C ALA A 127 17.13 13.20 16.19
N VAL A 128 16.02 13.23 16.93
CA VAL A 128 15.59 14.40 17.67
C VAL A 128 15.18 13.98 19.07
N LEU A 129 15.70 14.69 20.07
CA LEU A 129 15.27 14.58 21.45
C LEU A 129 14.62 15.91 21.86
N THR A 130 13.33 15.87 22.17
CA THR A 130 12.59 17.07 22.56
C THR A 130 12.25 17.00 24.03
N ILE A 131 12.78 17.93 24.81
CA ILE A 131 12.65 17.93 26.26
C ILE A 131 11.71 19.06 26.67
N ARG A 132 10.53 18.71 27.17
CA ARG A 132 9.54 19.69 27.64
C ARG A 132 9.01 19.22 29.00
N GLY A 133 9.66 19.66 30.06
CA GLY A 133 9.23 19.35 31.41
C GLY A 133 9.52 17.93 31.86
N GLY A 134 8.50 17.25 32.38
CA GLY A 134 8.73 15.95 33.02
C GLY A 134 9.01 14.80 32.07
N GLU A 135 8.69 14.95 30.80
CA GLU A 135 8.98 13.94 29.78
C GLU A 135 9.82 14.54 28.66
N SER A 136 10.49 13.65 27.94
CA SER A 136 11.18 13.99 26.70
C SER A 136 10.86 12.91 25.67
N VAL A 137 10.59 13.34 24.44
CA VAL A 137 10.19 12.43 23.37
C VAL A 137 11.34 12.33 22.37
N PHE A 138 11.81 11.11 22.14
CA PHE A 138 12.88 10.83 21.18
C PHE A 138 12.30 10.27 19.90
N LYS A 139 12.73 10.81 18.76
CA LYS A 139 12.23 10.36 17.47
C LYS A 139 13.36 10.30 16.45
N ILE A 140 13.29 9.30 15.57
CA ILE A 140 14.12 9.21 14.38
C ILE A 140 13.23 9.37 13.17
N VAL A 141 13.51 10.37 12.34
CA VAL A 141 12.66 10.71 11.21
C VAL A 141 13.49 10.73 9.92
N GLU A 142 12.81 10.47 8.80
CA GLU A 142 13.37 10.63 7.47
C GLU A 142 12.75 11.87 6.86
N ILE A 143 13.57 12.87 6.56
CA ILE A 143 13.11 14.16 6.06
C ILE A 143 13.18 14.17 4.55
N ASN A 144 12.02 14.20 3.89
CA ASN A 144 11.95 14.30 2.43
C ASN A 144 11.31 15.64 2.05
N ASP A 145 10.98 15.78 0.76
CA ASP A 145 10.40 17.02 0.27
C ASP A 145 9.04 17.32 0.88
N PHE A 146 8.31 16.29 1.31
CA PHE A 146 6.94 16.46 1.79
C PHE A 146 6.87 16.63 3.30
N LYS A 147 7.45 15.72 4.07
CA LYS A 147 7.21 15.65 5.50
C LYS A 147 8.42 15.06 6.21
N GLN A 148 8.37 15.09 7.54
CA GLN A 148 9.28 14.35 8.40
C GLN A 148 8.63 13.00 8.67
N LEU A 149 9.05 11.98 7.96
CA LEU A 149 8.25 10.77 8.17
C LEU A 149 8.83 9.96 9.32
N PRO A 150 8.00 9.52 10.27
CA PRO A 150 8.52 8.94 11.52
C PRO A 150 8.88 7.47 11.36
N HIS A 151 10.12 7.13 11.73
CA HIS A 151 10.55 5.74 11.77
C HIS A 151 10.40 5.13 13.15
N ILE A 152 10.70 5.89 14.21
CA ILE A 152 10.48 5.43 15.57
C ILE A 152 10.32 6.65 16.46
N THR A 153 9.36 6.57 17.39
CA THR A 153 9.11 7.62 18.37
C THR A 153 8.99 6.97 19.73
N LEU A 154 9.84 7.40 20.67
CA LEU A 154 9.90 6.79 21.99
C LEU A 154 9.83 7.86 23.06
N ALA A 155 9.19 7.51 24.18
CA ALA A 155 9.00 8.43 25.29
C ALA A 155 10.04 8.12 26.37
N PHE A 156 10.84 9.12 26.72
CA PHE A 156 11.93 8.97 27.68
C PHE A 156 11.64 9.79 28.94
N ARG A 157 11.97 9.23 30.10
CA ARG A 157 11.87 9.89 31.39
C ARG A 157 13.24 10.33 31.89
N PRO A 158 13.34 11.50 32.51
CA PRO A 158 14.62 11.90 33.13
C PRO A 158 15.00 10.96 34.26
N GLY A 159 16.29 10.67 34.36
CA GLY A 159 16.82 9.81 35.39
C GLY A 159 17.38 8.53 34.82
N ASN A 160 17.68 7.60 35.73
CA ASN A 160 18.23 6.30 35.36
C ASN A 160 17.15 5.24 35.28
N GLY B 16 -58.57 -9.63 -18.50
CA GLY B 16 -58.08 -8.33 -18.87
C GLY B 16 -58.46 -7.33 -17.82
N PHE B 17 -57.45 -6.74 -17.21
CA PHE B 17 -57.71 -5.76 -16.16
C PHE B 17 -58.58 -4.66 -16.74
N ASP B 18 -59.67 -4.33 -16.04
CA ASP B 18 -60.62 -3.33 -16.55
C ASP B 18 -60.12 -1.96 -16.12
N LEU B 19 -59.42 -1.28 -17.04
CA LEU B 19 -58.79 -0.01 -16.71
C LEU B 19 -59.80 1.08 -16.40
N SER B 20 -61.02 0.98 -16.93
CA SER B 20 -62.04 1.98 -16.64
C SER B 20 -62.45 1.96 -15.17
N THR B 21 -62.68 0.76 -14.61
CA THR B 21 -63.07 0.60 -13.22
C THR B 21 -61.89 0.37 -12.29
N ALA B 22 -60.69 0.79 -12.68
CA ALA B 22 -59.48 0.60 -11.90
C ALA B 22 -59.23 1.80 -11.00
N THR B 23 -58.66 1.54 -9.83
CA THR B 23 -58.30 2.58 -8.87
C THR B 23 -56.79 2.64 -8.72
N THR B 24 -56.22 3.85 -8.84
CA THR B 24 -54.79 4.07 -8.66
C THR B 24 -54.48 4.28 -7.19
N LEU B 25 -53.53 3.49 -6.66
CA LEU B 25 -53.11 3.63 -5.27
C LEU B 25 -51.79 4.36 -5.10
N PHE B 26 -50.92 4.34 -6.10
CA PHE B 26 -49.55 4.81 -5.93
C PHE B 26 -49.00 5.15 -7.30
N TRP B 27 -48.53 6.38 -7.49
CA TRP B 27 -47.98 6.81 -8.78
C TRP B 27 -46.89 7.85 -8.52
N ARG B 28 -45.64 7.40 -8.45
CA ARG B 28 -44.51 8.30 -8.27
C ARG B 28 -43.21 7.51 -8.53
N PRO B 29 -42.10 8.22 -8.76
CA PRO B 29 -40.83 7.53 -8.99
C PRO B 29 -40.24 6.96 -7.70
N VAL B 30 -39.50 5.86 -7.87
CA VAL B 30 -38.81 5.18 -6.79
C VAL B 30 -37.38 4.85 -7.25
N PRO B 31 -36.37 5.15 -6.44
CA PRO B 31 -34.98 4.84 -6.85
C PRO B 31 -34.72 3.35 -6.84
N VAL B 32 -34.25 2.83 -7.98
CA VAL B 32 -34.12 1.40 -8.19
C VAL B 32 -32.72 1.05 -8.71
N HIS B 33 -32.18 -0.06 -8.22
CA HIS B 33 -30.95 -0.65 -8.71
C HIS B 33 -31.29 -1.57 -9.88
N VAL B 34 -30.81 -1.21 -11.08
CA VAL B 34 -31.21 -1.89 -12.31
C VAL B 34 -30.05 -2.72 -12.82
N LYS B 35 -30.27 -4.04 -12.92
CA LYS B 35 -29.30 -4.98 -13.44
C LYS B 35 -29.87 -5.58 -14.72
N GLN B 36 -29.13 -5.47 -15.82
CA GLN B 36 -29.49 -6.06 -17.10
C GLN B 36 -28.40 -6.99 -17.58
N GLN B 37 -28.74 -7.76 -18.63
CA GLN B 37 -27.92 -8.89 -19.05
C GLN B 37 -26.48 -8.46 -19.33
N ASP B 38 -26.31 -7.49 -20.22
CA ASP B 38 -24.99 -7.10 -20.68
C ASP B 38 -24.65 -5.64 -20.44
N ARG B 39 -25.51 -4.88 -19.76
CA ARG B 39 -25.26 -3.47 -19.55
C ARG B 39 -24.83 -3.23 -18.12
N GLU B 40 -24.22 -2.07 -17.88
CA GLU B 40 -23.73 -1.75 -16.56
C GLU B 40 -24.90 -1.51 -15.61
N ASP B 41 -24.64 -1.78 -14.33
CA ASP B 41 -25.66 -1.51 -13.32
C ASP B 41 -25.90 -0.01 -13.25
N VAL B 42 -27.15 0.36 -13.01
CA VAL B 42 -27.56 1.75 -13.01
C VAL B 42 -28.46 1.98 -11.80
N LEU B 43 -28.22 3.04 -11.06
CA LEU B 43 -29.12 3.46 -9.99
C LEU B 43 -30.01 4.56 -10.57
N GLU B 44 -31.27 4.23 -10.82
CA GLU B 44 -32.17 5.05 -11.62
C GLU B 44 -33.52 5.20 -10.94
N GLU B 45 -34.18 6.34 -11.16
CA GLU B 45 -35.54 6.54 -10.67
C GLU B 45 -36.53 6.05 -11.71
N LEU B 46 -37.26 5.00 -11.36
CA LEU B 46 -38.25 4.39 -12.23
C LEU B 46 -39.63 4.70 -11.68
N THR B 47 -40.57 5.00 -12.57
CA THR B 47 -41.92 5.36 -12.17
C THR B 47 -42.73 4.10 -11.90
N PHE B 48 -43.29 4.01 -10.69
CA PHE B 48 -44.13 2.89 -10.29
C PHE B 48 -45.58 3.35 -10.27
N ARG B 49 -46.45 2.56 -10.88
CA ARG B 49 -47.89 2.78 -10.81
C ARG B 49 -48.57 1.50 -10.38
N ILE B 50 -49.28 1.55 -9.25
CA ILE B 50 -49.94 0.40 -8.66
C ILE B 50 -51.44 0.60 -8.76
N LEU B 51 -52.13 -0.40 -9.30
CA LEU B 51 -53.56 -0.32 -9.60
C LEU B 51 -54.29 -1.54 -9.07
N THR B 52 -55.44 -1.32 -8.46
CA THR B 52 -56.35 -2.39 -8.09
C THR B 52 -57.65 -2.25 -8.88
N GLY B 53 -58.23 -3.39 -9.22
CA GLY B 53 -59.47 -3.38 -9.98
C GLY B 53 -59.99 -4.78 -10.19
N VAL B 54 -60.97 -4.89 -11.09
CA VAL B 54 -61.60 -6.16 -11.43
C VAL B 54 -61.38 -6.41 -12.92
N ALA B 55 -61.58 -7.66 -13.33
CA ALA B 55 -61.41 -8.00 -14.73
C ALA B 55 -62.66 -7.64 -15.53
N LYS B 56 -62.45 -7.24 -16.78
CA LYS B 56 -63.57 -6.94 -17.67
C LYS B 56 -64.37 -8.19 -18.02
N GLN B 57 -63.68 -9.33 -18.22
CA GLN B 57 -64.40 -10.56 -18.55
C GLN B 57 -65.31 -11.00 -17.40
N ASN B 58 -64.82 -10.88 -16.17
CA ASN B 58 -65.54 -11.40 -15.01
C ASN B 58 -65.48 -10.40 -13.87
N HIS B 59 -66.59 -9.71 -13.64
CA HIS B 59 -66.69 -8.87 -12.46
C HIS B 59 -66.48 -9.75 -11.22
N ASN B 60 -66.09 -9.10 -10.12
CA ASN B 60 -65.79 -9.76 -8.84
C ASN B 60 -64.41 -10.40 -8.80
N LEU B 61 -63.77 -10.62 -9.96
CA LEU B 61 -62.40 -11.14 -9.95
C LEU B 61 -61.47 -9.94 -9.71
N ARG B 62 -60.83 -9.91 -8.54
CA ARG B 62 -60.03 -8.76 -8.15
C ARG B 62 -58.57 -8.98 -8.54
N ILE B 63 -57.95 -7.91 -9.04
CA ILE B 63 -56.63 -7.98 -9.65
C ILE B 63 -55.77 -6.82 -9.13
N LEU B 64 -54.48 -7.09 -8.94
CA LEU B 64 -53.49 -6.06 -8.63
C LEU B 64 -52.52 -5.97 -9.80
N ARG B 65 -52.27 -4.74 -10.27
CA ARG B 65 -51.39 -4.51 -11.41
C ARG B 65 -50.33 -3.49 -11.02
N ILE B 66 -49.07 -3.76 -11.38
CA ILE B 66 -47.97 -2.85 -11.14
C ILE B 66 -47.23 -2.59 -12.44
N HIS B 67 -46.97 -1.32 -12.74
CA HIS B 67 -46.30 -0.88 -13.96
C HIS B 67 -45.02 -0.14 -13.61
N ILE B 68 -43.90 -0.58 -14.17
CA ILE B 68 -42.62 0.09 -14.03
C ILE B 68 -42.29 0.78 -15.35
N SER B 69 -41.97 2.07 -15.27
CA SER B 69 -41.71 2.87 -16.45
C SER B 69 -40.58 3.84 -16.17
N SER B 70 -39.97 4.36 -17.23
CA SER B 70 -38.89 5.33 -17.12
C SER B 70 -39.27 6.62 -17.83
N ASP B 71 -39.05 7.76 -17.15
CA ASP B 71 -39.20 9.05 -17.80
C ASP B 71 -38.14 9.28 -18.86
N SER B 72 -37.00 8.58 -18.75
CA SER B 72 -35.90 8.71 -19.71
C SER B 72 -36.07 7.78 -20.91
N ASP B 73 -36.71 6.63 -20.73
CA ASP B 73 -36.94 5.66 -21.79
C ASP B 73 -38.44 5.47 -21.94
N LEU B 74 -38.96 5.88 -23.10
CA LEU B 74 -40.38 5.77 -23.37
C LEU B 74 -40.80 4.36 -23.74
N PHE B 75 -39.85 3.47 -24.02
CA PHE B 75 -40.12 2.08 -24.34
C PHE B 75 -39.82 1.14 -23.18
N PHE B 76 -39.42 1.66 -22.02
CA PHE B 76 -39.06 0.82 -20.90
C PHE B 76 -40.30 0.59 -20.06
N LEU B 77 -40.90 -0.59 -20.21
CA LEU B 77 -42.13 -0.93 -19.51
C LEU B 77 -42.04 -2.39 -19.06
N HIS B 78 -42.33 -2.61 -17.78
CA HIS B 78 -42.40 -3.93 -17.19
C HIS B 78 -43.66 -3.98 -16.35
N THR B 79 -44.35 -5.11 -16.38
CA THR B 79 -45.69 -5.21 -15.85
C THR B 79 -45.82 -6.43 -14.96
N LEU B 80 -46.63 -6.31 -13.92
CA LEU B 80 -46.98 -7.41 -13.04
C LEU B 80 -48.48 -7.42 -12.88
N GLU B 81 -49.08 -8.59 -13.07
CA GLU B 81 -50.49 -8.79 -12.79
C GLU B 81 -50.66 -9.96 -11.83
N VAL B 82 -51.36 -9.71 -10.72
CA VAL B 82 -51.63 -10.73 -9.72
C VAL B 82 -53.13 -10.73 -9.45
N SER B 83 -53.76 -11.89 -9.61
CA SER B 83 -55.14 -12.08 -9.22
C SER B 83 -55.19 -12.70 -7.83
N GLU B 84 -56.38 -12.65 -7.21
CA GLU B 84 -56.54 -13.26 -5.89
C GLU B 84 -56.18 -14.74 -5.92
N GLU B 85 -56.56 -15.43 -7.00
CA GLU B 85 -56.20 -16.83 -7.17
C GLU B 85 -54.69 -17.02 -7.15
N ASP B 86 -53.96 -16.20 -7.92
CA ASP B 86 -52.51 -16.28 -7.93
C ASP B 86 -51.89 -15.87 -6.60
N PHE B 87 -52.51 -14.91 -5.89
CA PHE B 87 -51.91 -14.37 -4.68
C PHE B 87 -51.74 -15.44 -3.60
N GLN B 88 -52.63 -16.44 -3.58
CA GLN B 88 -52.51 -17.50 -2.59
C GLN B 88 -51.17 -18.21 -2.69
N SER B 89 -50.73 -18.50 -3.92
CA SER B 89 -49.42 -19.11 -4.12
C SER B 89 -48.29 -18.17 -3.69
N LEU B 90 -48.41 -16.88 -4.01
CA LEU B 90 -47.39 -15.92 -3.59
C LEU B 90 -47.31 -15.83 -2.08
N LYS B 91 -48.47 -15.93 -1.40
CA LYS B 91 -48.50 -15.85 0.05
C LYS B 91 -47.77 -17.04 0.68
N ASN B 92 -47.87 -18.22 0.06
CA ASN B 92 -47.19 -19.40 0.58
C ASN B 92 -45.68 -19.29 0.40
N ASP B 93 -45.23 -18.90 -0.79
CA ASP B 93 -43.81 -18.96 -1.13
C ASP B 93 -43.00 -17.91 -0.39
N GLN B 94 -43.61 -16.78 -0.04
CA GLN B 94 -42.87 -15.67 0.56
C GLN B 94 -43.27 -15.38 2.00
N GLY B 95 -44.11 -16.21 2.61
CA GLY B 95 -44.38 -16.05 4.03
C GLY B 95 -45.23 -14.85 4.40
N ILE B 96 -46.08 -14.39 3.48
CA ILE B 96 -46.90 -13.21 3.72
C ILE B 96 -48.02 -13.54 4.70
N LEU B 97 -48.37 -12.58 5.56
CA LEU B 97 -49.37 -12.78 6.60
C LEU B 97 -50.60 -11.89 6.42
N VAL B 98 -50.78 -11.29 5.24
CA VAL B 98 -51.89 -10.38 5.02
C VAL B 98 -52.73 -10.89 3.87
N ASP B 99 -53.95 -10.34 3.77
CA ASP B 99 -54.88 -10.71 2.72
C ASP B 99 -54.58 -9.92 1.44
N PHE B 100 -55.29 -10.28 0.36
CA PHE B 100 -55.10 -9.58 -0.90
C PHE B 100 -55.43 -8.10 -0.79
N ALA B 101 -56.37 -7.75 0.09
CA ALA B 101 -56.77 -6.35 0.22
C ALA B 101 -55.65 -5.50 0.80
N SER B 102 -54.92 -6.02 1.79
CA SER B 102 -53.84 -5.28 2.42
C SER B 102 -52.52 -5.42 1.68
N PHE B 103 -52.43 -6.35 0.73
CA PHE B 103 -51.19 -6.58 0.01
C PHE B 103 -50.65 -5.34 -0.70
N PRO B 104 -51.45 -4.54 -1.41
CA PRO B 104 -50.87 -3.36 -2.07
C PRO B 104 -50.30 -2.35 -1.07
N GLY B 105 -51.01 -2.10 0.02
CA GLY B 105 -50.54 -1.13 1.00
C GLY B 105 -49.18 -1.49 1.57
N LYS B 106 -48.94 -2.78 1.78
CA LYS B 106 -47.65 -3.24 2.28
C LYS B 106 -46.55 -3.00 1.24
N ILE B 107 -46.85 -3.25 -0.03
CA ILE B 107 -45.89 -2.95 -1.10
C ILE B 107 -45.55 -1.47 -1.09
N ILE B 108 -46.56 -0.62 -0.91
CA ILE B 108 -46.34 0.82 -0.91
C ILE B 108 -45.48 1.23 0.29
N SER B 109 -45.75 0.65 1.47
CA SER B 109 -44.93 0.97 2.64
C SER B 109 -43.48 0.60 2.39
N LEU B 110 -43.23 -0.53 1.72
CA LEU B 110 -41.87 -0.90 1.34
C LEU B 110 -41.30 0.08 0.32
N LEU B 111 -42.12 0.49 -0.65
CA LEU B 111 -41.66 1.48 -1.63
C LEU B 111 -41.34 2.81 -0.96
N GLU B 112 -42.14 3.20 0.03
CA GLU B 112 -41.83 4.43 0.76
C GLU B 112 -40.49 4.32 1.47
N LYS B 113 -40.19 3.16 2.06
CA LYS B 113 -38.91 2.99 2.72
C LYS B 113 -37.76 3.05 1.72
N CYS B 114 -37.97 2.58 0.49
CA CYS B 114 -36.95 2.74 -0.53
C CYS B 114 -36.77 4.22 -0.88
N ILE B 115 -37.87 4.97 -0.95
CA ILE B 115 -37.79 6.39 -1.27
C ILE B 115 -37.08 7.14 -0.15
N LEU B 116 -37.46 6.86 1.10
CA LEU B 116 -36.90 7.60 2.23
C LEU B 116 -35.52 7.13 2.64
N ALA B 117 -34.99 6.07 2.02
CA ALA B 117 -33.69 5.56 2.42
C ALA B 117 -32.58 6.53 2.03
N GLN B 118 -31.65 6.74 2.95
CA GLN B 118 -30.46 7.54 2.71
C GLN B 118 -29.23 6.64 2.72
N PRO B 119 -28.12 7.10 2.14
CA PRO B 119 -26.96 6.19 1.96
C PRO B 119 -26.44 5.57 3.24
N GLY B 120 -26.29 6.35 4.31
CA GLY B 120 -25.73 5.81 5.53
C GLY B 120 -26.77 5.26 6.48
N ASP B 121 -27.80 4.63 5.93
CA ASP B 121 -28.87 4.04 6.72
C ASP B 121 -28.50 2.60 7.05
N SER B 122 -28.67 2.22 8.31
CA SER B 122 -28.44 0.83 8.68
C SER B 122 -29.55 0.40 9.63
N PRO B 123 -30.42 -0.52 9.19
CA PRO B 123 -30.44 -1.12 7.85
C PRO B 123 -30.87 -0.16 6.74
N ARG B 124 -30.49 -0.43 5.49
CA ARG B 124 -30.87 0.41 4.37
C ARG B 124 -31.78 -0.39 3.45
N PHE B 125 -32.91 0.21 3.07
CA PHE B 125 -33.82 -0.40 2.11
C PHE B 125 -33.42 -0.02 0.69
N GLN B 126 -33.42 -1.01 -0.19
CA GLN B 126 -33.02 -0.81 -1.58
C GLN B 126 -33.97 -1.59 -2.48
N ALA B 127 -34.31 -1.00 -3.62
CA ALA B 127 -35.16 -1.65 -4.61
C ALA B 127 -34.30 -2.08 -5.79
N VAL B 128 -34.54 -3.30 -6.28
CA VAL B 128 -33.69 -3.91 -7.29
C VAL B 128 -34.58 -4.50 -8.39
N LEU B 129 -34.26 -4.14 -9.64
CA LEU B 129 -34.86 -4.74 -10.83
C LEU B 129 -33.76 -5.46 -11.60
N THR B 130 -33.89 -6.78 -11.73
CA THR B 130 -32.93 -7.59 -12.47
C THR B 130 -33.59 -8.06 -13.76
N ILE B 131 -33.06 -7.61 -14.89
CA ILE B 131 -33.67 -7.81 -16.21
C ILE B 131 -32.86 -8.86 -16.97
N ARG B 132 -33.50 -10.00 -17.28
CA ARG B 132 -32.87 -11.09 -18.02
C ARG B 132 -33.81 -11.53 -19.14
N GLY B 133 -33.78 -10.80 -20.26
CA GLY B 133 -34.58 -11.20 -21.41
C GLY B 133 -36.07 -11.15 -21.13
N GLY B 134 -36.73 -12.29 -21.33
CA GLY B 134 -38.16 -12.41 -21.14
C GLY B 134 -38.60 -12.35 -19.69
N GLU B 135 -37.65 -12.41 -18.75
CA GLU B 135 -37.96 -12.34 -17.33
C GLU B 135 -37.36 -11.07 -16.74
N SER B 136 -38.03 -10.55 -15.71
CA SER B 136 -37.45 -9.51 -14.87
C SER B 136 -37.92 -9.75 -13.45
N VAL B 137 -37.01 -9.69 -12.49
CA VAL B 137 -37.33 -9.94 -11.08
C VAL B 137 -37.16 -8.63 -10.32
N PHE B 138 -38.24 -8.18 -9.67
CA PHE B 138 -38.21 -7.00 -8.84
C PHE B 138 -38.20 -7.43 -7.38
N LYS B 139 -37.27 -6.89 -6.60
CA LYS B 139 -37.18 -7.21 -5.19
C LYS B 139 -36.83 -5.97 -4.40
N ILE B 140 -37.37 -5.88 -3.19
CA ILE B 140 -37.00 -4.87 -2.20
C ILE B 140 -36.26 -5.61 -1.09
N VAL B 141 -35.04 -5.17 -0.81
CA VAL B 141 -34.17 -5.87 0.14
C VAL B 141 -33.77 -4.92 1.25
N GLU B 142 -33.46 -5.49 2.40
CA GLU B 142 -32.93 -4.76 3.55
C GLU B 142 -31.46 -5.12 3.72
N ILE B 143 -30.59 -4.12 3.58
CA ILE B 143 -29.14 -4.31 3.69
C ILE B 143 -28.72 -3.96 5.10
N ASN B 144 -28.34 -4.97 5.88
CA ASN B 144 -27.87 -4.79 7.23
C ASN B 144 -26.40 -5.21 7.36
N ASP B 145 -25.93 -5.25 8.60
CA ASP B 145 -24.54 -5.62 8.87
C ASP B 145 -24.25 -7.06 8.46
N PHE B 146 -25.27 -7.93 8.44
CA PHE B 146 -25.09 -9.35 8.16
C PHE B 146 -25.32 -9.69 6.69
N LYS B 147 -26.49 -9.35 6.15
CA LYS B 147 -26.89 -9.90 4.86
C LYS B 147 -27.82 -8.94 4.14
N GLN B 148 -28.09 -9.27 2.87
CA GLN B 148 -29.12 -8.63 2.05
C GLN B 148 -30.40 -9.45 2.15
N LEU B 149 -31.33 -9.03 3.04
CA LEU B 149 -32.50 -9.89 3.22
C LEU B 149 -33.67 -9.37 2.38
N PRO B 150 -34.34 -10.23 1.62
CA PRO B 150 -35.40 -9.75 0.73
C PRO B 150 -36.73 -9.64 1.48
N HIS B 151 -37.38 -8.48 1.34
CA HIS B 151 -38.72 -8.28 1.90
C HIS B 151 -39.80 -8.73 0.94
N ILE B 152 -39.62 -8.54 -0.35
CA ILE B 152 -40.56 -9.06 -1.33
C ILE B 152 -39.84 -9.25 -2.66
N THR B 153 -40.23 -10.32 -3.36
CA THR B 153 -39.70 -10.66 -4.67
C THR B 153 -40.86 -10.89 -5.60
N LEU B 154 -40.91 -10.14 -6.69
CA LEU B 154 -42.03 -10.16 -7.62
C LEU B 154 -41.51 -10.35 -9.05
N ALA B 155 -42.29 -11.06 -9.85
CA ALA B 155 -41.92 -11.37 -11.23
C ALA B 155 -42.68 -10.43 -12.18
N PHE B 156 -41.93 -9.71 -13.01
CA PHE B 156 -42.49 -8.74 -13.94
C PHE B 156 -42.28 -9.19 -15.38
N ARG B 157 -43.29 -8.97 -16.22
CA ARG B 157 -43.01 -9.30 -17.62
C ARG B 157 -42.81 -8.01 -18.42
N PRO B 158 -41.93 -8.01 -19.41
CA PRO B 158 -41.85 -6.86 -20.32
C PRO B 158 -43.15 -6.67 -21.10
N GLY B 159 -43.49 -5.41 -21.34
CA GLY B 159 -44.69 -5.06 -22.11
C GLY B 159 -45.71 -4.28 -21.30
N ASN B 160 -46.89 -4.13 -21.88
CA ASN B 160 -47.99 -3.37 -21.27
C ASN B 160 -48.96 -4.28 -20.51
N GLY C 16 -15.00 -34.49 10.91
CA GLY C 16 -13.56 -34.46 11.04
C GLY C 16 -13.07 -33.20 11.73
N PHE C 17 -13.74 -32.84 12.82
CA PHE C 17 -13.46 -31.62 13.56
C PHE C 17 -12.60 -31.95 14.78
N ASP C 18 -11.63 -31.08 15.07
CA ASP C 18 -10.76 -31.26 16.24
C ASP C 18 -11.40 -30.53 17.41
N LEU C 19 -12.18 -31.27 18.20
CA LEU C 19 -12.89 -30.64 19.32
C LEU C 19 -11.93 -30.20 20.43
N SER C 20 -10.75 -30.82 20.53
CA SER C 20 -9.77 -30.39 21.53
C SER C 20 -9.29 -28.97 21.25
N THR C 21 -9.00 -28.66 19.98
CA THR C 21 -8.54 -27.34 19.56
C THR C 21 -9.69 -26.44 19.13
N ALA C 22 -10.89 -26.70 19.61
CA ALA C 22 -12.07 -25.92 19.26
C ALA C 22 -12.27 -24.79 20.26
N THR C 23 -12.79 -23.67 19.78
CA THR C 23 -13.11 -22.53 20.61
C THR C 23 -14.62 -22.35 20.66
N THR C 24 -15.16 -22.29 21.87
CA THR C 24 -16.59 -22.07 22.07
C THR C 24 -16.87 -20.58 22.08
N LEU C 25 -17.80 -20.15 21.25
CA LEU C 25 -18.21 -18.76 21.19
C LEU C 25 -19.52 -18.48 21.92
N PHE C 26 -20.36 -19.49 22.06
CA PHE C 26 -21.73 -19.30 22.53
C PHE C 26 -22.23 -20.63 23.07
N TRP C 27 -22.68 -20.63 24.33
CA TRP C 27 -23.21 -21.86 24.93
C TRP C 27 -24.28 -21.48 25.95
N ARG C 28 -25.54 -21.48 25.52
CA ARG C 28 -26.66 -21.15 26.39
C ARG C 28 -28.00 -21.53 25.77
N PRO C 29 -29.09 -21.57 26.54
CA PRO C 29 -30.40 -21.87 25.95
C PRO C 29 -30.98 -20.69 25.19
N VAL C 30 -31.77 -21.03 24.17
CA VAL C 30 -32.44 -20.06 23.30
C VAL C 30 -33.89 -20.49 23.09
N PRO C 31 -34.86 -19.58 23.19
CA PRO C 31 -36.26 -19.99 22.98
C PRO C 31 -36.51 -20.33 21.51
N VAL C 32 -37.01 -21.53 21.26
CA VAL C 32 -37.19 -22.05 19.91
C VAL C 32 -38.61 -22.59 19.77
N HIS C 33 -39.24 -22.29 18.64
CA HIS C 33 -40.54 -22.84 18.28
C HIS C 33 -40.25 -24.14 17.51
N VAL C 34 -40.64 -25.28 18.09
CA VAL C 34 -40.23 -26.59 17.59
C VAL C 34 -41.41 -27.24 16.90
N LYS C 35 -41.25 -27.51 15.61
CA LYS C 35 -42.27 -28.13 14.78
C LYS C 35 -41.75 -29.49 14.33
N GLN C 36 -42.51 -30.55 14.59
CA GLN C 36 -42.14 -31.88 14.14
C GLN C 36 -43.22 -32.48 13.26
N GLN C 37 -42.84 -33.57 12.58
CA GLN C 37 -43.65 -34.08 11.47
C GLN C 37 -45.08 -34.40 11.91
N ASP C 38 -45.22 -35.17 12.98
CA ASP C 38 -46.51 -35.69 13.39
C ASP C 38 -46.97 -35.16 14.73
N ARG C 39 -46.22 -34.26 15.36
CA ARG C 39 -46.59 -33.73 16.67
C ARG C 39 -46.97 -32.26 16.57
N GLU C 40 -47.65 -31.80 17.61
CA GLU C 40 -48.04 -30.40 17.69
C GLU C 40 -46.81 -29.54 17.99
N ASP C 41 -46.90 -28.28 17.60
CA ASP C 41 -45.80 -27.35 17.82
C ASP C 41 -45.55 -27.14 19.31
N VAL C 42 -44.28 -26.96 19.66
CA VAL C 42 -43.84 -26.86 21.07
C VAL C 42 -42.86 -25.71 21.20
N LEU C 43 -43.05 -24.88 22.24
CA LEU C 43 -42.12 -23.82 22.60
C LEU C 43 -41.18 -24.32 23.70
N GLU C 44 -39.92 -24.53 23.34
CA GLU C 44 -38.94 -25.16 24.22
C GLU C 44 -37.65 -24.35 24.18
N GLU C 45 -36.95 -24.27 25.30
CA GLU C 45 -35.63 -23.64 25.34
C GLU C 45 -34.56 -24.68 25.05
N LEU C 46 -33.87 -24.51 23.94
CA LEU C 46 -32.86 -25.46 23.50
C LEU C 46 -31.47 -24.86 23.69
N THR C 47 -30.54 -25.70 24.16
CA THR C 47 -29.18 -25.25 24.42
C THR C 47 -28.39 -25.24 23.12
N PHE C 48 -27.84 -24.08 22.77
CA PHE C 48 -27.03 -23.92 21.58
C PHE C 48 -25.57 -23.82 21.99
N ARG C 49 -24.70 -24.55 21.31
CA ARG C 49 -23.26 -24.43 21.49
C ARG C 49 -22.63 -24.23 20.12
N ILE C 50 -21.91 -23.12 19.97
CA ILE C 50 -21.28 -22.75 18.70
C ILE C 50 -19.78 -22.83 18.88
N LEU C 51 -19.11 -23.55 17.98
CA LEU C 51 -17.68 -23.79 18.09
C LEU C 51 -17.00 -23.53 16.75
N THR C 52 -15.85 -22.87 16.81
CA THR C 52 -14.97 -22.71 15.67
C THR C 52 -13.69 -23.48 15.91
N GLY C 53 -13.10 -23.99 14.84
CA GLY C 53 -11.90 -24.77 14.98
C GLY C 53 -11.31 -25.14 13.65
N VAL C 54 -10.38 -26.09 13.71
CA VAL C 54 -9.66 -26.55 12.52
C VAL C 54 -9.96 -28.02 12.31
N ALA C 55 -9.70 -28.48 11.09
CA ALA C 55 -9.90 -29.88 10.75
C ALA C 55 -8.72 -30.70 11.24
N LYS C 56 -9.00 -31.97 11.54
CA LYS C 56 -7.93 -32.88 11.96
C LYS C 56 -6.93 -33.09 10.83
N GLN C 57 -7.40 -33.16 9.58
CA GLN C 57 -6.49 -33.33 8.45
C GLN C 57 -5.64 -32.09 8.22
N ASN C 58 -6.24 -30.91 8.25
CA ASN C 58 -5.59 -29.66 7.83
C ASN C 58 -5.77 -28.56 8.87
N HIS C 59 -4.68 -28.23 9.57
CA HIS C 59 -4.71 -27.11 10.50
C HIS C 59 -5.13 -25.81 9.83
N ASN C 60 -4.90 -25.67 8.52
CA ASN C 60 -5.27 -24.44 7.84
C ASN C 60 -6.73 -24.41 7.41
N LEU C 61 -7.41 -25.55 7.34
CA LEU C 61 -8.82 -25.60 6.99
C LEU C 61 -9.68 -25.33 8.23
N ARG C 62 -10.40 -24.20 8.23
CA ARG C 62 -11.22 -23.78 9.35
C ARG C 62 -12.66 -24.23 9.18
N ILE C 63 -13.28 -24.64 10.28
CA ILE C 63 -14.62 -25.24 10.28
C ILE C 63 -15.46 -24.60 11.38
N LEU C 64 -16.75 -24.43 11.10
CA LEU C 64 -17.72 -23.93 12.07
C LEU C 64 -18.70 -25.05 12.44
N ARG C 65 -18.91 -25.23 13.75
CA ARG C 65 -19.80 -26.26 14.28
C ARG C 65 -20.83 -25.65 15.23
N ILE C 66 -22.09 -26.06 15.07
CA ILE C 66 -23.17 -25.65 15.95
C ILE C 66 -23.91 -26.90 16.44
N HIS C 67 -24.15 -26.96 17.74
CA HIS C 67 -24.83 -28.09 18.39
C HIS C 67 -26.10 -27.62 19.06
N ILE C 68 -27.22 -28.24 18.71
CA ILE C 68 -28.50 -27.99 19.36
C ILE C 68 -28.82 -29.19 20.24
N SER C 69 -29.14 -28.93 21.51
CA SER C 69 -29.44 -29.99 22.45
C SER C 69 -30.56 -29.52 23.36
N SER C 70 -31.21 -30.47 24.03
CA SER C 70 -32.29 -30.19 24.96
C SER C 70 -31.91 -30.67 26.34
N ASP C 71 -32.11 -29.82 27.34
CA ASP C 71 -31.94 -30.25 28.73
C ASP C 71 -33.00 -31.25 29.15
N SER C 72 -34.12 -31.29 28.45
CA SER C 72 -35.20 -32.22 28.78
C SER C 72 -34.99 -33.58 28.13
N ASP C 73 -34.43 -33.61 26.92
CA ASP C 73 -34.23 -34.87 26.21
C ASP C 73 -32.75 -35.04 25.87
N LEU C 74 -32.13 -36.06 26.44
CA LEU C 74 -30.76 -36.41 26.12
C LEU C 74 -30.66 -37.16 24.80
N PHE C 75 -31.79 -37.51 24.20
CA PHE C 75 -31.86 -38.19 22.92
C PHE C 75 -32.10 -37.20 21.79
N PHE C 76 -32.25 -35.91 22.12
CA PHE C 76 -32.50 -34.84 21.16
C PHE C 76 -31.18 -34.16 20.80
N LEU C 77 -30.64 -34.46 19.62
CA LEU C 77 -29.37 -33.88 19.19
C LEU C 77 -29.42 -33.53 17.71
N HIS C 78 -29.03 -32.29 17.40
CA HIS C 78 -28.93 -31.82 16.02
C HIS C 78 -27.65 -31.02 15.86
N THR C 79 -26.98 -31.21 14.72
CA THR C 79 -25.64 -30.68 14.51
C THR C 79 -25.55 -30.03 13.14
N LEU C 80 -24.72 -28.98 13.05
CA LEU C 80 -24.39 -28.33 11.79
C LEU C 80 -22.89 -28.16 11.71
N GLU C 81 -22.31 -28.57 10.59
CA GLU C 81 -20.89 -28.35 10.32
C GLU C 81 -20.76 -27.62 8.99
N VAL C 82 -20.04 -26.50 9.01
CA VAL C 82 -19.82 -25.70 7.82
C VAL C 82 -18.33 -25.45 7.67
N SER C 83 -17.78 -25.81 6.52
CA SER C 83 -16.41 -25.49 6.15
C SER C 83 -16.40 -24.21 5.32
N GLU C 84 -15.21 -23.64 5.15
CA GLU C 84 -15.09 -22.44 4.33
C GLU C 84 -15.62 -22.68 2.92
N GLU C 85 -15.40 -23.88 2.38
CA GLU C 85 -15.97 -24.26 1.10
C GLU C 85 -17.49 -24.16 1.13
N ASP C 86 -18.11 -24.74 2.16
CA ASP C 86 -19.56 -24.71 2.28
C ASP C 86 -20.07 -23.29 2.49
N PHE C 87 -19.31 -22.45 3.21
CA PHE C 87 -19.76 -21.10 3.52
C PHE C 87 -19.94 -20.28 2.26
N GLN C 88 -19.10 -20.51 1.24
CA GLN C 88 -19.24 -19.78 -0.02
C GLN C 88 -20.59 -20.04 -0.66
N SER C 89 -21.03 -21.31 -0.67
CA SER C 89 -22.35 -21.62 -1.21
C SER C 89 -23.46 -21.01 -0.36
N LEU C 90 -23.34 -21.10 0.96
CA LEU C 90 -24.35 -20.52 1.84
C LEU C 90 -24.38 -19.00 1.71
N LYS C 91 -23.20 -18.37 1.56
CA LYS C 91 -23.12 -16.92 1.45
C LYS C 91 -23.82 -16.42 0.19
N ASN C 92 -23.70 -17.16 -0.91
CA ASN C 92 -24.36 -16.75 -2.14
C ASN C 92 -25.87 -16.94 -2.08
N ASP C 93 -26.32 -18.07 -1.53
CA ASP C 93 -27.74 -18.39 -1.54
C ASP C 93 -28.54 -17.49 -0.60
N GLN C 94 -27.92 -16.99 0.46
CA GLN C 94 -28.63 -16.22 1.46
C GLN C 94 -28.20 -14.76 1.53
N GLY C 95 -27.32 -14.31 0.63
CA GLY C 95 -26.99 -12.90 0.58
C GLY C 95 -26.13 -12.40 1.73
N ILE C 96 -25.32 -13.28 2.31
CA ILE C 96 -24.49 -12.88 3.45
C ILE C 96 -23.35 -11.99 2.97
N LEU C 97 -22.99 -11.00 3.79
CA LEU C 97 -22.01 -10.00 3.41
C LEU C 97 -20.75 -10.02 4.27
N VAL C 98 -20.53 -11.07 5.05
CA VAL C 98 -19.41 -11.08 5.98
C VAL C 98 -18.50 -12.25 5.66
N ASP C 99 -17.28 -12.20 6.21
CA ASP C 99 -16.33 -13.27 6.00
C ASP C 99 -16.62 -14.42 6.95
N PHE C 100 -15.90 -15.52 6.76
CA PHE C 100 -16.12 -16.70 7.58
C PHE C 100 -15.85 -16.42 9.06
N ALA C 101 -14.93 -15.49 9.35
CA ALA C 101 -14.62 -15.17 10.74
C ALA C 101 -15.78 -14.48 11.44
N SER C 102 -16.46 -13.57 10.76
CA SER C 102 -17.56 -12.82 11.38
C SER C 102 -18.89 -13.57 11.32
N PHE C 103 -18.97 -14.65 10.55
CA PHE C 103 -20.23 -15.38 10.41
C PHE C 103 -20.79 -15.88 11.73
N PRO C 104 -20.00 -16.48 12.65
CA PRO C 104 -20.60 -16.92 13.91
C PRO C 104 -21.17 -15.79 14.75
N GLY C 105 -20.44 -14.69 14.87
CA GLY C 105 -20.92 -13.59 15.69
C GLY C 105 -22.26 -13.05 15.23
N LYS C 106 -22.47 -13.00 13.92
CA LYS C 106 -23.75 -12.57 13.39
C LYS C 106 -24.86 -13.55 13.75
N ILE C 107 -24.56 -14.85 13.68
CA ILE C 107 -25.52 -15.87 14.09
C ILE C 107 -25.86 -15.70 15.57
N ILE C 108 -24.84 -15.39 16.38
CA ILE C 108 -25.05 -15.21 17.82
C ILE C 108 -25.95 -14.00 18.08
N SER C 109 -25.68 -12.89 17.41
CA SER C 109 -26.48 -11.68 17.62
C SER C 109 -27.94 -11.92 17.26
N LEU C 110 -28.20 -12.67 16.19
CA LEU C 110 -29.57 -13.02 15.85
C LEU C 110 -30.19 -13.88 16.94
N LEU C 111 -29.40 -14.78 17.51
CA LEU C 111 -29.89 -15.60 18.63
C LEU C 111 -30.20 -14.73 19.83
N GLU C 112 -29.37 -13.72 20.10
CA GLU C 112 -29.68 -12.81 21.22
C GLU C 112 -30.99 -12.08 20.99
N LYS C 113 -31.25 -11.67 19.74
CA LYS C 113 -32.51 -11.00 19.45
C LYS C 113 -33.70 -11.94 19.69
N CYS C 114 -33.52 -13.23 19.43
CA CYS C 114 -34.54 -14.21 19.81
C CYS C 114 -34.64 -14.31 21.33
N ILE C 115 -33.50 -14.28 22.01
CA ILE C 115 -33.50 -14.35 23.48
C ILE C 115 -34.18 -13.12 24.07
N LEU C 116 -33.83 -11.93 23.57
CA LEU C 116 -34.36 -10.71 24.13
C LEU C 116 -35.78 -10.40 23.67
N ALA C 117 -36.34 -11.22 22.79
CA ALA C 117 -37.68 -10.95 22.26
C ALA C 117 -38.75 -11.12 23.33
N GLN C 118 -39.68 -10.19 23.36
CA GLN C 118 -40.83 -10.19 24.25
C GLN C 118 -42.11 -10.40 23.45
N PRO C 119 -43.20 -10.82 24.11
CA PRO C 119 -44.42 -11.15 23.36
C PRO C 119 -44.97 -10.00 22.53
N GLY C 120 -45.04 -8.79 23.08
CA GLY C 120 -45.63 -7.69 22.34
C GLY C 120 -44.62 -6.89 21.54
N ASP C 121 -43.64 -7.58 20.96
CA ASP C 121 -42.61 -6.94 20.16
C ASP C 121 -43.08 -6.90 18.70
N SER C 122 -42.94 -5.74 18.07
CA SER C 122 -43.23 -5.64 16.65
C SER C 122 -42.22 -4.72 15.97
N PRO C 123 -41.38 -5.25 15.06
CA PRO C 123 -41.32 -6.65 14.67
C PRO C 123 -40.73 -7.54 15.76
N ARG C 124 -41.06 -8.83 15.76
CA ARG C 124 -40.61 -9.76 16.78
C ARG C 124 -39.71 -10.79 16.13
N PHE C 125 -38.55 -11.03 16.73
CA PHE C 125 -37.63 -12.06 16.26
C PHE C 125 -38.00 -13.40 16.90
N GLN C 126 -38.01 -14.45 16.08
CA GLN C 126 -38.40 -15.77 16.52
C GLN C 126 -37.49 -16.81 15.89
N ALA C 127 -37.13 -17.82 16.68
CA ALA C 127 -36.31 -18.93 16.21
C ALA C 127 -37.19 -20.16 16.07
N VAL C 128 -37.04 -20.87 14.96
CA VAL C 128 -37.91 -21.97 14.61
C VAL C 128 -37.05 -23.16 14.18
N LEU C 129 -37.30 -24.32 14.77
CA LEU C 129 -36.69 -25.57 14.35
C LEU C 129 -37.79 -26.50 13.83
N THR C 130 -37.72 -26.83 12.54
CA THR C 130 -38.68 -27.72 11.91
C THR C 130 -37.98 -29.03 11.61
N ILE C 131 -38.46 -30.12 12.21
CA ILE C 131 -37.79 -31.41 12.14
C ILE C 131 -38.53 -32.27 11.13
N ARG C 132 -37.85 -32.63 10.04
CA ARG C 132 -38.46 -33.42 8.98
C ARG C 132 -37.54 -34.60 8.66
N GLY C 133 -37.66 -35.68 9.44
CA GLY C 133 -36.90 -36.89 9.14
C GLY C 133 -35.41 -36.77 9.33
N GLY C 134 -34.67 -37.11 8.29
CA GLY C 134 -33.22 -37.11 8.35
C GLY C 134 -32.61 -35.73 8.40
N GLU C 135 -33.39 -34.71 8.09
CA GLU C 135 -32.97 -33.33 8.20
C GLU C 135 -33.89 -32.53 9.12
N SER C 136 -33.34 -31.45 9.66
CA SER C 136 -34.07 -30.43 10.40
C SER C 136 -33.58 -29.07 9.93
N VAL C 137 -34.52 -28.15 9.76
CA VAL C 137 -34.24 -26.82 9.24
C VAL C 137 -34.38 -25.83 10.38
N PHE C 138 -33.30 -25.10 10.65
CA PHE C 138 -33.28 -24.05 11.66
C PHE C 138 -33.32 -22.70 10.97
N LYS C 139 -34.22 -21.83 11.42
CA LYS C 139 -34.37 -20.50 10.84
C LYS C 139 -34.65 -19.48 11.95
N ILE C 140 -34.11 -18.28 11.76
CA ILE C 140 -34.44 -17.12 12.58
C ILE C 140 -35.20 -16.14 11.68
N VAL C 141 -36.42 -15.78 12.09
CA VAL C 141 -37.30 -14.96 11.26
C VAL C 141 -37.72 -13.72 12.04
N GLU C 142 -38.01 -12.66 11.28
CA GLU C 142 -38.59 -11.44 11.79
C GLU C 142 -40.06 -11.36 11.40
N ILE C 143 -40.95 -11.33 12.39
CA ILE C 143 -42.39 -11.29 12.16
C ILE C 143 -42.81 -9.83 12.23
N ASN C 144 -43.21 -9.26 11.10
CA ASN C 144 -43.71 -7.90 11.03
C ASN C 144 -45.18 -7.91 10.60
N ASP C 145 -45.70 -6.72 10.30
CA ASP C 145 -47.09 -6.59 9.88
C ASP C 145 -47.36 -7.29 8.55
N PHE C 146 -46.33 -7.43 7.70
CA PHE C 146 -46.50 -7.98 6.36
C PHE C 146 -46.20 -9.48 6.33
N LYS C 147 -45.00 -9.88 6.76
CA LYS C 147 -44.53 -11.24 6.57
C LYS C 147 -43.53 -11.61 7.67
N GLN C 148 -43.19 -12.90 7.72
CA GLN C 148 -42.06 -13.39 8.52
C GLN C 148 -40.84 -13.50 7.62
N LEU C 149 -39.93 -12.54 7.72
CA LEU C 149 -38.79 -12.51 6.81
C LEU C 149 -37.60 -13.22 7.44
N PRO C 150 -36.94 -14.13 6.72
CA PRO C 150 -35.89 -14.95 7.34
C PRO C 150 -34.54 -14.24 7.33
N HIS C 151 -33.90 -14.20 8.50
CA HIS C 151 -32.55 -13.66 8.65
C HIS C 151 -31.47 -14.71 8.45
N ILE C 152 -31.72 -15.95 8.85
CA ILE C 152 -30.79 -17.02 8.57
C ILE C 152 -31.57 -18.32 8.53
N THR C 153 -31.22 -19.18 7.59
CA THR C 153 -31.82 -20.50 7.46
C THR C 153 -30.68 -21.50 7.34
N LEU C 154 -30.61 -22.46 8.26
CA LEU C 154 -29.51 -23.41 8.30
C LEU C 154 -30.05 -24.82 8.39
N ALA C 155 -29.36 -25.74 7.74
CA ALA C 155 -29.74 -27.15 7.70
C ALA C 155 -28.89 -27.90 8.72
N PHE C 156 -29.56 -28.57 9.65
CA PHE C 156 -28.88 -29.27 10.74
C PHE C 156 -29.05 -30.77 10.57
N ARG C 157 -28.00 -31.50 10.89
CA ARG C 157 -28.25 -32.94 10.81
C ARG C 157 -28.47 -33.51 12.20
N PRO C 158 -29.44 -34.42 12.31
CA PRO C 158 -29.61 -35.16 13.57
C PRO C 158 -28.39 -36.02 13.85
N GLY C 159 -28.02 -36.13 15.11
CA GLY C 159 -26.89 -36.95 15.48
C GLY C 159 -25.78 -36.14 16.09
N ASN C 160 -24.62 -36.79 16.20
CA ASN C 160 -23.46 -36.21 16.85
C ASN C 160 -22.47 -35.61 15.84
N GLY D 16 -18.83 21.52 0.97
CA GLY D 16 -19.78 22.46 0.38
C GLY D 16 -19.14 23.75 -0.10
N PHE D 17 -18.16 23.63 -1.00
CA PHE D 17 -17.46 24.80 -1.51
C PHE D 17 -18.04 25.17 -2.88
N ASP D 18 -17.33 26.00 -3.62
CA ASP D 18 -17.82 26.48 -4.92
C ASP D 18 -17.49 25.49 -6.01
N LEU D 19 -18.45 24.62 -6.32
CA LEU D 19 -18.25 23.60 -7.34
C LEU D 19 -18.15 24.21 -8.74
N SER D 20 -18.73 25.39 -8.95
CA SER D 20 -18.64 26.04 -10.26
C SER D 20 -17.20 26.40 -10.60
N THR D 21 -16.46 26.95 -9.64
CA THR D 21 -15.08 27.35 -9.85
C THR D 21 -14.07 26.28 -9.44
N ALA D 22 -14.47 25.01 -9.43
CA ALA D 22 -13.56 23.96 -8.99
C ALA D 22 -12.78 23.41 -10.17
N THR D 23 -11.50 23.10 -9.93
CA THR D 23 -10.61 22.52 -10.94
C THR D 23 -10.17 21.13 -10.51
N THR D 24 -10.32 20.16 -11.42
CA THR D 24 -9.88 18.80 -11.18
C THR D 24 -8.41 18.65 -11.55
N LEU D 25 -7.61 18.14 -10.62
CA LEU D 25 -6.19 17.90 -10.82
C LEU D 25 -5.85 16.45 -11.15
N PHE D 26 -6.71 15.52 -10.74
CA PHE D 26 -6.35 14.09 -10.80
C PHE D 26 -7.65 13.30 -10.83
N TRP D 27 -7.81 12.47 -11.85
CA TRP D 27 -9.00 11.63 -11.99
C TRP D 27 -8.54 10.34 -12.66
N ARG D 28 -8.26 9.31 -11.87
CA ARG D 28 -7.72 8.07 -12.40
C ARG D 28 -7.90 6.98 -11.35
N PRO D 29 -7.86 5.71 -11.74
CA PRO D 29 -7.89 4.63 -10.76
C PRO D 29 -6.54 4.46 -10.07
N VAL D 30 -6.62 4.06 -8.80
CA VAL D 30 -5.44 3.84 -7.97
C VAL D 30 -5.62 2.52 -7.23
N PRO D 31 -4.62 1.64 -7.20
CA PRO D 31 -4.77 0.36 -6.50
C PRO D 31 -4.79 0.59 -4.99
N VAL D 32 -5.85 0.11 -4.34
CA VAL D 32 -6.07 0.35 -2.92
C VAL D 32 -6.37 -0.98 -2.24
N HIS D 33 -5.79 -1.16 -1.06
CA HIS D 33 -6.08 -2.31 -0.20
C HIS D 33 -7.25 -1.89 0.70
N VAL D 34 -8.41 -2.52 0.52
CA VAL D 34 -9.65 -2.06 1.14
C VAL D 34 -10.02 -3.01 2.27
N LYS D 35 -10.08 -2.47 3.49
CA LYS D 35 -10.43 -3.22 4.69
C LYS D 35 -11.72 -2.69 5.28
N GLN D 36 -12.68 -3.59 5.51
CA GLN D 36 -13.91 -3.28 6.22
C GLN D 36 -14.02 -4.21 7.42
N GLN D 37 -14.87 -3.83 8.39
CA GLN D 37 -14.85 -4.52 9.68
C GLN D 37 -15.12 -6.02 9.56
N ASP D 38 -16.18 -6.40 8.85
CA ASP D 38 -16.64 -7.77 8.91
C ASP D 38 -16.47 -8.56 7.62
N ARG D 39 -15.89 -7.98 6.59
CA ARG D 39 -15.70 -8.67 5.32
C ARG D 39 -14.21 -8.84 5.01
N GLU D 40 -13.92 -9.69 4.04
CA GLU D 40 -12.54 -9.94 3.65
C GLU D 40 -11.91 -8.71 3.01
N ASP D 41 -10.59 -8.63 3.15
CA ASP D 41 -9.80 -7.59 2.51
C ASP D 41 -9.86 -7.74 1.00
N VAL D 42 -9.79 -6.61 0.30
CA VAL D 42 -9.93 -6.60 -1.15
C VAL D 42 -8.81 -5.76 -1.73
N LEU D 43 -8.13 -6.30 -2.75
CA LEU D 43 -7.18 -5.53 -3.54
C LEU D 43 -7.91 -5.05 -4.78
N GLU D 44 -8.22 -3.75 -4.80
CA GLU D 44 -9.12 -3.20 -5.79
C GLU D 44 -8.56 -1.90 -6.31
N GLU D 45 -8.85 -1.62 -7.59
CA GLU D 45 -8.50 -0.35 -8.20
C GLU D 45 -9.68 0.60 -8.03
N LEU D 46 -9.48 1.65 -7.24
CA LEU D 46 -10.52 2.62 -6.93
C LEU D 46 -10.26 3.94 -7.65
N THR D 47 -11.32 4.56 -8.16
CA THR D 47 -11.19 5.80 -8.90
C THR D 47 -11.10 6.97 -7.93
N PHE D 48 -10.02 7.74 -8.04
CA PHE D 48 -9.79 8.92 -7.21
C PHE D 48 -10.00 10.16 -8.06
N ARG D 49 -10.74 11.14 -7.54
CA ARG D 49 -10.86 12.44 -8.19
C ARG D 49 -10.54 13.52 -7.17
N ILE D 50 -9.53 14.33 -7.48
CA ILE D 50 -9.03 15.38 -6.59
C ILE D 50 -9.34 16.73 -7.22
N LEU D 51 -9.94 17.61 -6.43
CA LEU D 51 -10.37 18.93 -6.92
C LEU D 51 -9.92 20.02 -5.96
N THR D 52 -9.43 21.13 -6.52
CA THR D 52 -9.12 22.32 -5.75
C THR D 52 -10.08 23.44 -6.14
N GLY D 53 -10.38 24.29 -5.16
CA GLY D 53 -11.28 25.39 -5.41
C GLY D 53 -11.34 26.30 -4.20
N VAL D 54 -12.32 27.21 -4.24
CA VAL D 54 -12.50 28.20 -3.20
C VAL D 54 -13.89 28.02 -2.59
N ALA D 55 -14.06 28.61 -1.41
CA ALA D 55 -15.32 28.56 -0.70
C ALA D 55 -16.30 29.59 -1.25
N LYS D 56 -17.59 29.28 -1.12
CA LYS D 56 -18.62 30.23 -1.54
C LYS D 56 -18.58 31.51 -0.71
N GLN D 57 -18.30 31.39 0.59
CA GLN D 57 -18.26 32.55 1.47
C GLN D 57 -17.07 33.46 1.12
N ASN D 58 -15.88 32.88 0.99
CA ASN D 58 -14.63 33.63 0.94
C ASN D 58 -13.73 33.10 -0.16
N HIS D 59 -13.51 33.90 -1.21
CA HIS D 59 -12.59 33.53 -2.27
C HIS D 59 -11.19 33.22 -1.73
N ASN D 60 -10.82 33.79 -0.59
CA ASN D 60 -9.49 33.53 -0.03
C ASN D 60 -9.41 32.23 0.75
N LEU D 61 -10.54 31.65 1.16
CA LEU D 61 -10.53 30.37 1.84
C LEU D 61 -10.45 29.27 0.79
N ARG D 62 -9.32 28.55 0.77
CA ARG D 62 -9.05 27.51 -0.22
C ARG D 62 -9.42 26.14 0.33
N ILE D 63 -9.95 25.29 -0.53
CA ILE D 63 -10.51 23.99 -0.13
C ILE D 63 -10.00 22.89 -1.05
N LEU D 64 -9.75 21.73 -0.48
CA LEU D 64 -9.38 20.51 -1.20
C LEU D 64 -10.47 19.47 -1.09
N ARG D 65 -10.85 18.84 -2.21
CA ARG D 65 -11.85 17.78 -2.22
C ARG D 65 -11.24 16.54 -2.89
N ILE D 66 -11.45 15.37 -2.26
CA ILE D 66 -11.04 14.10 -2.83
C ILE D 66 -12.26 13.19 -2.83
N HIS D 67 -12.51 12.55 -3.97
CA HIS D 67 -13.67 11.70 -4.17
C HIS D 67 -13.19 10.29 -4.52
N ILE D 68 -13.60 9.31 -3.72
CA ILE D 68 -13.28 7.91 -3.95
C ILE D 68 -14.53 7.17 -4.39
N SER D 69 -14.42 6.43 -5.48
CA SER D 69 -15.54 5.67 -6.04
C SER D 69 -14.99 4.36 -6.61
N SER D 70 -15.90 3.41 -6.81
CA SER D 70 -15.57 2.12 -7.40
C SER D 70 -16.37 1.92 -8.67
N ASP D 71 -15.70 1.49 -9.74
CA ASP D 71 -16.41 1.09 -10.95
C ASP D 71 -17.20 -0.19 -10.75
N SER D 72 -16.87 -0.97 -9.72
CA SER D 72 -17.55 -2.23 -9.45
C SER D 72 -18.81 -2.08 -8.61
N ASP D 73 -18.84 -1.11 -7.69
CA ASP D 73 -19.95 -0.93 -6.76
C ASP D 73 -20.49 0.48 -6.92
N LEU D 74 -21.78 0.59 -7.27
CA LEU D 74 -22.41 1.90 -7.41
C LEU D 74 -22.75 2.54 -6.06
N PHE D 75 -22.64 1.79 -4.97
CA PHE D 75 -22.93 2.31 -3.63
C PHE D 75 -21.68 2.63 -2.82
N PHE D 76 -20.49 2.45 -3.38
CA PHE D 76 -19.25 2.67 -2.67
C PHE D 76 -18.76 4.09 -2.96
N LEU D 77 -18.95 5.00 -2.00
CA LEU D 77 -18.58 6.39 -2.17
C LEU D 77 -17.99 6.94 -0.88
N HIS D 78 -16.83 7.62 -1.00
CA HIS D 78 -16.18 8.27 0.13
C HIS D 78 -15.66 9.63 -0.29
N THR D 79 -15.79 10.62 0.59
CA THR D 79 -15.48 12.01 0.28
C THR D 79 -14.67 12.65 1.39
N LEU D 80 -13.76 13.55 1.02
CA LEU D 80 -12.95 14.33 1.94
C LEU D 80 -12.91 15.79 1.52
N GLU D 81 -13.10 16.70 2.49
CA GLU D 81 -12.87 18.12 2.29
C GLU D 81 -11.87 18.62 3.32
N VAL D 82 -10.83 19.32 2.85
CA VAL D 82 -9.82 19.89 3.73
C VAL D 82 -9.69 21.37 3.39
N SER D 83 -9.91 22.23 4.38
CA SER D 83 -9.66 23.66 4.24
C SER D 83 -8.30 24.00 4.84
N GLU D 84 -7.83 25.21 4.53
CA GLU D 84 -6.57 25.67 5.13
C GLU D 84 -6.63 25.64 6.64
N GLU D 85 -7.81 25.92 7.21
CA GLU D 85 -7.98 25.79 8.65
C GLU D 85 -7.66 24.36 9.10
N ASP D 86 -8.25 23.38 8.42
CA ASP D 86 -7.99 21.97 8.76
C ASP D 86 -6.55 21.58 8.48
N PHE D 87 -5.96 22.13 7.40
CA PHE D 87 -4.63 21.68 6.98
C PHE D 87 -3.56 21.96 8.04
N GLN D 88 -3.68 23.09 8.74
CA GLN D 88 -2.68 23.42 9.75
C GLN D 88 -2.65 22.36 10.85
N SER D 89 -3.82 21.92 11.30
CA SER D 89 -3.86 20.83 12.28
C SER D 89 -3.31 19.55 11.68
N LEU D 90 -3.65 19.26 10.43
CA LEU D 90 -3.13 18.08 9.76
C LEU D 90 -1.62 18.16 9.60
N LYS D 91 -1.09 19.36 9.34
CA LYS D 91 0.34 19.53 9.15
C LYS D 91 1.13 19.19 10.41
N ASN D 92 0.66 19.65 11.57
N ASN D 92 0.65 19.65 11.58
CA ASN D 92 1.36 19.37 12.82
CA ASN D 92 1.36 19.37 12.82
C ASN D 92 1.28 17.89 13.17
C ASN D 92 1.27 17.90 13.19
N ASP D 93 0.08 17.31 13.07
CA ASP D 93 -0.11 15.93 13.49
C ASP D 93 0.70 14.94 12.64
N GLN D 94 0.99 15.29 11.39
CA GLN D 94 1.65 14.37 10.48
C GLN D 94 3.03 14.82 10.04
N GLY D 95 3.54 15.92 10.59
CA GLY D 95 4.91 16.32 10.31
C GLY D 95 5.15 16.85 8.91
N ILE D 96 4.12 17.40 8.28
CA ILE D 96 4.24 17.87 6.90
C ILE D 96 5.05 19.17 6.87
N LEU D 97 5.83 19.34 5.80
CA LEU D 97 6.75 20.47 5.69
C LEU D 97 6.42 21.39 4.52
N VAL D 98 5.23 21.28 3.93
CA VAL D 98 4.87 22.07 2.76
C VAL D 98 3.63 22.89 3.07
N ASP D 99 3.35 23.87 2.21
CA ASP D 99 2.18 24.72 2.36
C ASP D 99 0.95 24.03 1.77
N PHE D 100 -0.22 24.63 2.02
CA PHE D 100 -1.48 24.08 1.51
C PHE D 100 -1.50 24.04 -0.01
N ALA D 101 -0.81 24.97 -0.68
CA ALA D 101 -0.83 25.00 -2.14
C ALA D 101 -0.18 23.76 -2.73
N SER D 102 0.92 23.31 -2.13
CA SER D 102 1.64 22.15 -2.62
C SER D 102 1.06 20.84 -2.09
N PHE D 103 0.16 20.90 -1.12
CA PHE D 103 -0.40 19.69 -0.53
C PHE D 103 -1.09 18.78 -1.55
N PRO D 104 -1.91 19.26 -2.50
CA PRO D 104 -2.51 18.33 -3.46
C PRO D 104 -1.49 17.63 -4.32
N GLY D 105 -0.48 18.36 -4.81
CA GLY D 105 0.52 17.73 -5.67
C GLY D 105 1.27 16.62 -4.96
N LYS D 106 1.56 16.80 -3.67
CA LYS D 106 2.24 15.75 -2.92
C LYS D 106 1.35 14.51 -2.78
N ILE D 107 0.06 14.70 -2.54
CA ILE D 107 -0.87 13.57 -2.51
C ILE D 107 -0.88 12.85 -3.85
N ILE D 108 -0.86 13.61 -4.94
CA ILE D 108 -0.86 13.00 -6.27
C ILE D 108 0.42 12.19 -6.47
N SER D 109 1.56 12.74 -6.07
CA SER D 109 2.82 12.01 -6.20
C SER D 109 2.79 10.73 -5.37
N LEU D 110 2.19 10.78 -4.19
CA LEU D 110 2.05 9.57 -3.37
C LEU D 110 1.13 8.55 -4.03
N LEU D 111 0.02 9.02 -4.63
CA LEU D 111 -0.87 8.11 -5.33
C LEU D 111 -0.19 7.49 -6.56
N GLU D 112 0.61 8.29 -7.27
CA GLU D 112 1.35 7.75 -8.41
C GLU D 112 2.32 6.66 -7.99
N LYS D 113 2.98 6.84 -6.84
CA LYS D 113 3.92 5.83 -6.36
C LYS D 113 3.19 4.53 -6.03
N CYS D 114 1.95 4.62 -5.56
CA CYS D 114 1.15 3.41 -5.39
C CYS D 114 0.83 2.77 -6.73
N ILE D 115 0.52 3.59 -7.74
CA ILE D 115 0.23 3.07 -9.07
C ILE D 115 1.47 2.40 -9.66
N LEU D 116 2.62 3.04 -9.52
CA LEU D 116 3.88 2.56 -10.10
C LEU D 116 4.52 1.44 -9.31
N ALA D 117 3.93 1.03 -8.18
CA ALA D 117 4.52 -0.02 -7.36
C ALA D 117 4.48 -1.36 -8.09
N GLN D 118 5.56 -2.10 -8.01
CA GLN D 118 5.70 -3.41 -8.61
C GLN D 118 5.71 -4.52 -7.55
N PRO D 119 5.42 -5.76 -7.94
CA PRO D 119 5.23 -6.82 -6.91
C PRO D 119 6.41 -7.04 -5.99
N GLY D 120 7.62 -7.15 -6.51
CA GLY D 120 8.76 -7.45 -5.68
C GLY D 120 9.48 -6.23 -5.15
N ASP D 121 8.74 -5.20 -4.77
CA ASP D 121 9.33 -3.95 -4.31
C ASP D 121 9.57 -3.98 -2.81
N SER D 122 10.77 -3.58 -2.40
CA SER D 122 11.11 -3.42 -0.99
C SER D 122 12.02 -2.22 -0.79
N PRO D 123 11.55 -1.16 -0.11
CA PRO D 123 10.20 -0.99 0.44
C PRO D 123 9.13 -0.81 -0.64
N ARG D 124 7.88 -1.16 -0.30
CA ARG D 124 6.77 -1.14 -1.22
C ARG D 124 5.73 -0.12 -0.79
N PHE D 125 5.24 0.67 -1.73
CA PHE D 125 4.15 1.60 -1.46
C PHE D 125 2.82 0.87 -1.57
N GLN D 126 1.95 1.10 -0.60
CA GLN D 126 0.65 0.45 -0.52
C GLN D 126 -0.38 1.48 -0.09
N ALA D 127 -1.55 1.43 -0.70
CA ALA D 127 -2.64 2.31 -0.34
C ALA D 127 -3.70 1.49 0.38
N VAL D 128 -4.22 2.03 1.48
CA VAL D 128 -5.14 1.32 2.35
C VAL D 128 -6.30 2.23 2.70
N LEU D 129 -7.51 1.71 2.50
CA LEU D 129 -8.74 2.36 2.94
C LEU D 129 -9.34 1.47 4.03
N THR D 130 -9.41 1.98 5.25
CA THR D 130 -9.93 1.23 6.38
C THR D 130 -11.28 1.80 6.78
N ILE D 131 -12.33 0.99 6.62
CA ILE D 131 -13.70 1.40 6.87
C ILE D 131 -14.15 0.77 8.17
N ARG D 132 -14.41 1.61 9.18
CA ARG D 132 -14.77 1.13 10.51
C ARG D 132 -16.06 1.84 10.89
N GLY D 133 -17.18 1.27 10.46
CA GLY D 133 -18.48 1.86 10.76
C GLY D 133 -18.66 3.16 10.01
N GLY D 134 -18.97 4.22 10.75
CA GLY D 134 -19.24 5.51 10.17
C GLY D 134 -18.02 6.25 9.65
N GLU D 135 -16.82 5.76 9.93
CA GLU D 135 -15.60 6.43 9.49
C GLU D 135 -14.83 5.54 8.52
N SER D 136 -14.03 6.19 7.67
CA SER D 136 -13.06 5.50 6.83
C SER D 136 -11.76 6.29 6.82
N VAL D 137 -10.64 5.59 6.99
CA VAL D 137 -9.32 6.20 7.04
C VAL D 137 -8.54 5.75 5.82
N PHE D 138 -8.06 6.71 5.02
CA PHE D 138 -7.23 6.43 3.86
C PHE D 138 -5.79 6.77 4.20
N LYS D 139 -4.87 5.84 3.90
CA LYS D 139 -3.46 6.06 4.14
C LYS D 139 -2.62 5.51 3.00
N ILE D 140 -1.53 6.20 2.71
CA ILE D 140 -0.49 5.72 1.81
C ILE D 140 0.75 5.47 2.67
N VAL D 141 1.23 4.23 2.67
CA VAL D 141 2.34 3.83 3.53
C VAL D 141 3.45 3.22 2.69
N GLU D 142 4.68 3.32 3.21
CA GLU D 142 5.85 2.65 2.65
C GLU D 142 6.17 1.49 3.58
N ILE D 143 6.10 0.27 3.08
CA ILE D 143 6.29 -0.93 3.89
C ILE D 143 7.74 -1.38 3.78
N ASN D 144 8.48 -1.27 4.88
CA ASN D 144 9.86 -1.69 4.95
C ASN D 144 9.99 -2.87 5.92
N ASP D 145 11.24 -3.26 6.21
CA ASP D 145 11.50 -4.37 7.09
C ASP D 145 11.02 -4.11 8.53
N PHE D 146 10.93 -2.84 8.93
CA PHE D 146 10.57 -2.52 10.31
C PHE D 146 9.07 -2.28 10.47
N LYS D 147 8.50 -1.36 9.68
CA LYS D 147 7.15 -0.88 9.91
C LYS D 147 6.55 -0.46 8.58
N GLN D 148 5.26 -0.18 8.61
CA GLN D 148 4.60 0.50 7.50
C GLN D 148 4.60 1.98 7.84
N LEU D 149 5.51 2.73 7.21
CA LEU D 149 5.67 4.11 7.65
C LEU D 149 4.73 5.02 6.86
N PRO D 150 4.00 5.90 7.56
CA PRO D 150 2.90 6.63 6.93
C PRO D 150 3.38 7.86 6.17
N HIS D 151 2.99 7.96 4.90
CA HIS D 151 3.26 9.17 4.13
C HIS D 151 2.10 10.17 4.20
N ILE D 152 0.85 9.68 4.19
CA ILE D 152 -0.31 10.54 4.37
C ILE D 152 -1.43 9.70 4.94
N THR D 153 -2.16 10.27 5.90
CA THR D 153 -3.30 9.60 6.52
C THR D 153 -4.46 10.58 6.52
N LEU D 154 -5.57 10.18 5.88
CA LEU D 154 -6.71 11.08 5.71
C LEU D 154 -7.99 10.39 6.15
N ALA D 155 -8.89 11.18 6.74
CA ALA D 155 -10.16 10.68 7.25
C ALA D 155 -11.25 11.00 6.24
N PHE D 156 -11.96 9.98 5.78
CA PHE D 156 -12.99 10.11 4.77
C PHE D 156 -14.35 9.77 5.37
N ARG D 157 -15.37 10.50 4.93
CA ARG D 157 -16.74 10.23 5.33
C ARG D 157 -17.47 9.48 4.23
N PRO D 158 -18.27 8.47 4.57
CA PRO D 158 -19.09 7.80 3.56
C PRO D 158 -20.14 8.74 2.98
N GLY D 159 -20.32 8.67 1.67
CA GLY D 159 -21.30 9.44 0.96
C GLY D 159 -20.63 10.51 0.10
N ASN D 160 -21.47 11.37 -0.47
CA ASN D 160 -20.97 12.48 -1.28
C ASN D 160 -21.03 13.80 -0.51
N GLY E 16 18.33 -17.21 -43.21
CA GLY E 16 17.87 -16.22 -42.23
C GLY E 16 17.34 -16.80 -40.93
N PHE E 17 16.05 -16.63 -40.74
CA PHE E 17 15.37 -16.92 -39.49
C PHE E 17 14.01 -17.55 -39.77
N ASP E 18 13.60 -18.49 -38.93
CA ASP E 18 12.26 -19.04 -39.11
C ASP E 18 11.36 -18.12 -38.31
N LEU E 19 10.91 -17.03 -38.94
CA LEU E 19 10.06 -16.07 -38.24
C LEU E 19 8.67 -16.64 -38.00
N SER E 20 8.26 -17.62 -38.80
CA SER E 20 6.98 -18.27 -38.60
C SER E 20 6.94 -18.98 -37.24
N THR E 21 8.03 -19.65 -36.86
CA THR E 21 8.11 -20.35 -35.59
C THR E 21 8.71 -19.47 -34.48
N ALA E 22 8.68 -18.16 -34.64
CA ALA E 22 9.24 -17.21 -33.69
C ALA E 22 8.18 -16.69 -32.73
N THR E 23 8.60 -16.39 -31.50
CA THR E 23 7.74 -15.78 -30.50
C THR E 23 8.22 -14.36 -30.23
N THR E 24 7.31 -13.39 -30.34
CA THR E 24 7.64 -12.00 -30.09
C THR E 24 7.56 -11.70 -28.59
N LEU E 25 8.61 -11.10 -28.05
CA LEU E 25 8.67 -10.78 -26.62
C LEU E 25 8.36 -9.33 -26.31
N PHE E 26 8.60 -8.41 -27.24
CA PHE E 26 8.56 -6.98 -26.93
C PHE E 26 8.37 -6.21 -28.23
N TRP E 27 7.32 -5.40 -28.32
CA TRP E 27 7.06 -4.61 -29.52
C TRP E 27 6.39 -3.29 -29.11
N ARG E 28 7.21 -2.24 -28.95
CA ARG E 28 6.69 -0.94 -28.56
C ARG E 28 7.74 0.16 -28.75
N PRO E 29 7.36 1.43 -28.73
CA PRO E 29 8.35 2.51 -28.86
C PRO E 29 9.19 2.72 -27.61
N VAL E 30 10.42 3.16 -27.83
CA VAL E 30 11.38 3.46 -26.78
C VAL E 30 12.05 4.80 -27.09
N PRO E 31 12.18 5.71 -26.12
CA PRO E 31 12.84 6.99 -26.41
C PRO E 31 14.33 6.78 -26.62
N VAL E 32 14.83 7.22 -27.78
CA VAL E 32 16.21 6.98 -28.19
C VAL E 32 16.83 8.29 -28.67
N HIS E 33 18.09 8.52 -28.30
CA HIS E 33 18.87 9.64 -28.78
C HIS E 33 19.61 9.20 -30.05
N VAL E 34 19.31 9.83 -31.18
CA VAL E 34 19.82 9.38 -32.48
C VAL E 34 20.89 10.35 -32.95
N LYS E 35 22.12 9.84 -33.10
CA LYS E 35 23.28 10.61 -33.53
C LYS E 35 23.78 10.10 -34.88
N GLN E 36 23.93 11.00 -35.85
CA GLN E 36 24.46 10.67 -37.16
C GLN E 36 25.65 11.59 -37.49
N GLN E 37 26.46 11.18 -38.48
CA GLN E 37 27.72 11.89 -38.74
C GLN E 37 27.48 13.33 -39.13
N ASP E 38 26.57 13.57 -40.06
CA ASP E 38 26.42 14.88 -40.66
C ASP E 38 25.14 15.58 -40.25
N ARG E 39 24.36 14.98 -39.36
CA ARG E 39 23.12 15.54 -38.87
C ARG E 39 23.24 15.89 -37.39
N GLU E 40 22.39 16.81 -36.96
CA GLU E 40 22.32 17.13 -35.54
C GLU E 40 21.60 16.00 -34.80
N ASP E 41 21.88 15.91 -33.50
CA ASP E 41 21.25 14.88 -32.68
C ASP E 41 19.75 15.08 -32.60
N VAL E 42 19.02 13.96 -32.52
CA VAL E 42 17.56 13.95 -32.54
C VAL E 42 17.07 13.03 -31.44
N LEU E 43 16.09 13.50 -30.66
CA LEU E 43 15.43 12.67 -29.66
C LEU E 43 14.13 12.14 -30.26
N GLU E 44 14.11 10.84 -30.54
CA GLU E 44 13.02 10.20 -31.27
C GLU E 44 12.58 8.95 -30.54
N GLU E 45 11.28 8.66 -30.63
CA GLU E 45 10.72 7.43 -30.08
C GLU E 45 10.75 6.39 -31.19
N LEU E 46 11.57 5.35 -31.02
CA LEU E 46 11.78 4.34 -32.04
C LEU E 46 11.11 3.04 -31.64
N THR E 47 10.50 2.38 -32.62
CA THR E 47 9.79 1.13 -32.36
C THR E 47 10.78 -0.03 -32.30
N PHE E 48 10.79 -0.74 -31.18
CA PHE E 48 11.65 -1.89 -30.96
C PHE E 48 10.82 -3.16 -31.01
N ARG E 49 11.31 -4.17 -31.72
CA ARG E 49 10.69 -5.49 -31.75
C ARG E 49 11.73 -6.54 -31.39
N ILE E 50 11.50 -7.25 -30.29
CA ILE E 50 12.40 -8.30 -29.82
C ILE E 50 11.66 -9.62 -29.87
N LEU E 51 12.23 -10.60 -30.57
CA LEU E 51 11.63 -11.92 -30.69
C LEU E 51 12.73 -12.98 -30.61
N THR E 52 12.41 -14.10 -29.95
CA THR E 52 13.31 -15.24 -29.88
C THR E 52 12.77 -16.39 -30.72
N GLY E 53 13.69 -17.15 -31.31
CA GLY E 53 13.31 -18.27 -32.13
C GLY E 53 14.55 -19.00 -32.60
N VAL E 54 14.35 -19.88 -33.58
CA VAL E 54 15.43 -20.69 -34.13
C VAL E 54 15.59 -20.39 -35.62
N ALA E 55 16.76 -20.72 -36.15
CA ALA E 55 17.06 -20.47 -37.55
C ALA E 55 16.49 -21.57 -38.45
N LYS E 56 16.16 -21.18 -39.69
CA LYS E 56 15.70 -22.13 -40.69
C LYS E 56 16.78 -23.13 -41.10
N GLN E 57 18.05 -22.72 -41.11
CA GLN E 57 19.11 -23.65 -41.52
C GLN E 57 19.24 -24.85 -40.60
N ASN E 58 18.76 -24.73 -39.36
CA ASN E 58 18.92 -25.80 -38.36
C ASN E 58 18.24 -25.33 -37.09
N HIS E 59 17.04 -25.87 -36.85
CA HIS E 59 16.16 -25.52 -35.75
C HIS E 59 16.76 -25.70 -34.35
N ASN E 60 17.90 -26.37 -34.21
CA ASN E 60 18.42 -26.55 -32.86
C ASN E 60 19.26 -25.37 -32.39
N LEU E 61 19.75 -24.54 -33.30
CA LEU E 61 20.47 -23.32 -32.96
C LEU E 61 19.46 -22.20 -32.72
N ARG E 62 19.42 -21.68 -31.49
CA ARG E 62 18.45 -20.63 -31.16
C ARG E 62 19.07 -19.25 -31.37
N ILE E 63 18.24 -18.31 -31.84
CA ILE E 63 18.68 -16.99 -32.28
C ILE E 63 17.80 -15.93 -31.63
N LEU E 64 18.38 -14.78 -31.32
CA LEU E 64 17.66 -13.61 -30.82
C LEU E 64 17.68 -12.53 -31.89
N ARG E 65 16.52 -11.93 -32.13
CA ARG E 65 16.33 -10.91 -33.16
C ARG E 65 15.75 -9.64 -32.56
N ILE E 66 16.35 -8.49 -32.90
CA ILE E 66 15.91 -7.19 -32.45
C ILE E 66 15.84 -6.25 -33.66
N HIS E 67 14.72 -5.56 -33.83
CA HIS E 67 14.47 -4.67 -34.97
C HIS E 67 14.13 -3.26 -34.50
N ILE E 68 14.82 -2.27 -35.05
CA ILE E 68 14.54 -0.86 -34.80
C ILE E 68 13.83 -0.28 -36.02
N SER E 69 12.71 0.41 -35.80
CA SER E 69 11.93 1.00 -36.88
C SER E 69 11.35 2.34 -36.43
N SER E 70 10.93 3.15 -37.41
CA SER E 70 10.32 4.44 -37.16
C SER E 70 8.92 4.46 -37.75
N ASP E 71 7.95 4.94 -36.98
CA ASP E 71 6.60 5.15 -37.51
C ASP E 71 6.55 6.32 -38.50
N SER E 72 7.47 7.27 -38.37
CA SER E 72 7.48 8.44 -39.25
C SER E 72 8.29 8.20 -40.51
N ASP E 73 9.32 7.35 -40.44
CA ASP E 73 10.19 7.05 -41.57
C ASP E 73 10.06 5.55 -41.84
N LEU E 74 9.49 5.21 -42.99
CA LEU E 74 9.30 3.82 -43.35
C LEU E 74 10.56 3.16 -43.89
N PHE E 75 11.59 3.93 -44.20
CA PHE E 75 12.88 3.41 -44.66
C PHE E 75 13.95 3.45 -43.58
N PHE E 76 13.58 3.81 -42.35
CA PHE E 76 14.50 3.81 -41.21
C PHE E 76 14.38 2.43 -40.58
N LEU E 77 15.34 1.57 -40.86
CA LEU E 77 15.29 0.18 -40.41
C LEU E 77 16.66 -0.26 -39.95
N HIS E 78 16.73 -0.87 -38.77
CA HIS E 78 17.95 -1.41 -38.22
C HIS E 78 17.68 -2.78 -37.61
N THR E 79 18.61 -3.70 -37.78
CA THR E 79 18.41 -5.10 -37.40
C THR E 79 19.62 -5.63 -36.63
N LEU E 80 19.36 -6.47 -35.64
CA LEU E 80 20.41 -7.20 -34.94
C LEU E 80 19.99 -8.65 -34.82
N GLU E 81 20.92 -9.56 -35.16
CA GLU E 81 20.73 -10.99 -34.98
C GLU E 81 21.87 -11.53 -34.12
N VAL E 82 21.51 -12.23 -33.04
CA VAL E 82 22.49 -12.80 -32.13
C VAL E 82 22.20 -14.29 -31.94
N SER E 83 23.19 -15.12 -32.20
CA SER E 83 23.10 -16.53 -31.91
C SER E 83 23.73 -16.83 -30.55
N GLU E 84 23.43 -18.02 -30.03
CA GLU E 84 24.02 -18.43 -28.76
C GLU E 84 25.55 -18.44 -28.87
N GLU E 85 26.07 -18.83 -30.03
CA GLU E 85 27.50 -18.73 -30.29
C GLU E 85 27.98 -17.28 -30.15
N ASP E 86 27.27 -16.35 -30.78
CA ASP E 86 27.67 -14.94 -30.72
C ASP E 86 27.56 -14.39 -29.31
N PHE E 87 26.54 -14.85 -28.56
CA PHE E 87 26.32 -14.31 -27.23
C PHE E 87 27.48 -14.59 -26.29
N GLN E 88 28.15 -15.74 -26.46
CA GLN E 88 29.25 -16.07 -25.57
C GLN E 88 30.36 -15.02 -25.64
N SER E 89 30.69 -14.58 -26.85
CA SER E 89 31.64 -13.49 -26.99
C SER E 89 31.07 -12.20 -26.42
N LEU E 90 29.78 -11.94 -26.68
CA LEU E 90 29.13 -10.75 -26.15
C LEU E 90 29.11 -10.77 -24.64
N LYS E 91 28.91 -11.96 -24.04
CA LYS E 91 28.86 -12.07 -22.59
C LYS E 91 30.19 -11.68 -21.96
N ASN E 92 31.28 -12.27 -22.46
CA ASN E 92 32.59 -12.01 -21.88
C ASN E 92 33.06 -10.59 -22.16
N ASP E 93 32.73 -10.05 -23.33
CA ASP E 93 33.18 -8.70 -23.68
C ASP E 93 32.56 -7.65 -22.78
N GLN E 94 31.34 -7.89 -22.28
CA GLN E 94 30.61 -6.89 -21.51
C GLN E 94 30.35 -7.29 -20.06
N GLY E 95 30.88 -8.41 -19.60
CA GLY E 95 30.74 -8.77 -18.19
C GLY E 95 29.36 -9.23 -17.78
N ILE E 96 28.59 -9.79 -18.72
CA ILE E 96 27.23 -10.24 -18.41
C ILE E 96 27.30 -11.52 -17.59
N LEU E 97 26.35 -11.68 -16.65
CA LEU E 97 26.36 -12.79 -15.71
C LEU E 97 25.16 -13.72 -15.88
N VAL E 98 24.43 -13.64 -16.99
CA VAL E 98 23.24 -14.42 -17.20
C VAL E 98 23.42 -15.30 -18.44
N ASP E 99 22.53 -16.28 -18.57
CA ASP E 99 22.56 -17.18 -19.72
C ASP E 99 21.85 -16.54 -20.91
N PHE E 100 21.95 -17.22 -22.06
CA PHE E 100 21.32 -16.73 -23.28
C PHE E 100 19.81 -16.61 -23.13
N ALA E 101 19.20 -17.48 -22.32
CA ALA E 101 17.74 -17.45 -22.15
C ALA E 101 17.28 -16.18 -21.43
N SER E 102 18.03 -15.74 -20.43
CA SER E 102 17.66 -14.56 -19.66
C SER E 102 18.11 -13.27 -20.33
N PHE E 103 18.94 -13.36 -21.36
CA PHE E 103 19.46 -12.17 -22.04
C PHE E 103 18.35 -11.29 -22.60
N PRO E 104 17.32 -11.80 -23.29
CA PRO E 104 16.28 -10.89 -23.80
C PRO E 104 15.52 -10.16 -22.71
N GLY E 105 15.15 -10.85 -21.63
CA GLY E 105 14.40 -10.20 -20.57
C GLY E 105 15.17 -9.05 -19.95
N LYS E 106 16.49 -9.21 -19.82
CA LYS E 106 17.32 -8.13 -19.28
C LYS E 106 17.35 -6.94 -20.24
N ILE E 107 17.44 -7.21 -21.55
CA ILE E 107 17.36 -6.14 -22.53
C ILE E 107 16.02 -5.43 -22.42
N ILE E 108 14.94 -6.19 -22.24
CA ILE E 108 13.62 -5.61 -22.10
C ILE E 108 13.54 -4.75 -20.84
N SER E 109 14.08 -5.26 -19.73
CA SER E 109 14.06 -4.49 -18.49
C SER E 109 14.86 -3.20 -18.64
N LEU E 110 16.00 -3.26 -19.34
CA LEU E 110 16.77 -2.05 -19.60
C LEU E 110 16.02 -1.08 -20.49
N LEU E 111 15.32 -1.58 -21.51
CA LEU E 111 14.51 -0.70 -22.34
C LEU E 111 13.38 -0.06 -21.56
N GLU E 112 12.77 -0.83 -20.64
CA GLU E 112 11.72 -0.27 -19.79
C GLU E 112 12.25 0.85 -18.91
N LYS E 113 13.48 0.70 -18.40
CA LYS E 113 14.06 1.75 -17.57
C LYS E 113 14.28 3.04 -18.34
N CYS E 114 14.60 2.93 -19.63
CA CYS E 114 14.67 4.12 -20.47
C CYS E 114 13.30 4.76 -20.65
N ILE E 115 12.27 3.93 -20.81
CA ILE E 115 10.91 4.44 -20.98
C ILE E 115 10.47 5.17 -19.72
N LEU E 116 10.74 4.58 -18.57
CA LEU E 116 10.32 5.13 -17.28
C LEU E 116 11.20 6.28 -16.82
N ALA E 117 12.22 6.63 -17.60
CA ALA E 117 13.12 7.70 -17.21
C ALA E 117 12.40 9.04 -17.25
N GLN E 118 12.64 9.86 -16.22
CA GLN E 118 12.05 11.17 -16.08
C GLN E 118 13.11 12.25 -16.31
N PRO E 119 12.69 13.48 -16.61
CA PRO E 119 13.68 14.50 -17.00
C PRO E 119 14.75 14.76 -15.96
N GLY E 120 14.35 14.90 -14.69
CA GLY E 120 15.29 15.19 -13.63
C GLY E 120 15.79 13.97 -12.89
N ASP E 121 16.06 12.88 -13.60
CA ASP E 121 16.52 11.65 -12.96
C ASP E 121 18.03 11.70 -12.83
N SER E 122 18.53 11.42 -11.63
CA SER E 122 19.96 11.31 -11.40
C SER E 122 20.23 10.17 -10.43
N PRO E 123 20.88 9.09 -10.86
CA PRO E 123 21.35 8.87 -12.25
C PRO E 123 20.21 8.66 -13.24
N ARG E 124 20.48 8.93 -14.52
CA ARG E 124 19.48 8.87 -15.58
C ARG E 124 19.84 7.76 -16.56
N PHE E 125 18.86 6.94 -16.91
CA PHE E 125 19.02 5.93 -17.95
C PHE E 125 18.71 6.57 -19.30
N GLN E 126 19.56 6.29 -20.28
CA GLN E 126 19.45 6.90 -21.59
C GLN E 126 19.74 5.87 -22.66
N ALA E 127 18.97 5.93 -23.75
CA ALA E 127 19.18 5.06 -24.90
C ALA E 127 19.73 5.89 -26.06
N VAL E 128 20.76 5.36 -26.72
CA VAL E 128 21.47 6.09 -27.77
C VAL E 128 21.68 5.15 -28.96
N LEU E 129 21.30 5.62 -30.16
CA LEU E 129 21.62 4.92 -31.40
C LEU E 129 22.53 5.82 -32.22
N THR E 130 23.76 5.36 -32.45
CA THR E 130 24.76 6.10 -33.20
C THR E 130 24.98 5.43 -34.56
N ILE E 131 24.70 6.17 -35.61
CA ILE E 131 24.73 5.63 -36.97
C ILE E 131 26.01 6.12 -37.62
N ARG E 132 26.94 5.19 -37.86
CA ARG E 132 28.26 5.48 -38.41
C ARG E 132 28.53 4.52 -39.57
N GLY E 133 28.03 4.87 -40.75
CA GLY E 133 28.28 4.06 -41.94
C GLY E 133 27.60 2.69 -41.96
N GLY E 134 28.38 1.63 -42.18
CA GLY E 134 27.83 0.29 -42.35
C GLY E 134 27.30 -0.34 -41.07
N GLU E 135 27.65 0.20 -39.92
CA GLU E 135 27.10 -0.25 -38.65
C GLU E 135 26.37 0.90 -37.96
N SER E 136 25.49 0.52 -37.04
CA SER E 136 24.88 1.42 -36.10
C SER E 136 24.99 0.77 -34.74
N VAL E 137 25.42 1.54 -33.74
CA VAL E 137 25.71 1.01 -32.41
C VAL E 137 24.64 1.51 -31.47
N PHE E 138 23.95 0.57 -30.83
CA PHE E 138 22.92 0.88 -29.85
C PHE E 138 23.47 0.64 -28.46
N LYS E 139 23.31 1.63 -27.59
CA LYS E 139 23.79 1.51 -26.22
C LYS E 139 22.77 2.10 -25.27
N ILE E 140 22.61 1.45 -24.11
CA ILE E 140 21.82 1.97 -23.01
C ILE E 140 22.79 2.27 -21.88
N VAL E 141 22.79 3.52 -21.42
CA VAL E 141 23.77 3.97 -20.45
C VAL E 141 23.05 4.56 -19.23
N GLU E 142 23.73 4.48 -18.09
CA GLU E 142 23.32 5.15 -16.87
C GLU E 142 24.29 6.31 -16.67
N ILE E 143 23.77 7.54 -16.70
CA ILE E 143 24.61 8.73 -16.58
C ILE E 143 24.62 9.16 -15.12
N ASN E 144 25.78 9.05 -14.48
CA ASN E 144 25.97 9.46 -13.10
C ASN E 144 26.92 10.65 -13.06
N ASP E 145 27.31 11.06 -11.84
CA ASP E 145 28.18 12.23 -11.70
C ASP E 145 29.56 11.99 -12.29
N PHE E 146 30.00 10.73 -12.37
CA PHE E 146 31.34 10.41 -12.81
C PHE E 146 31.41 10.13 -14.31
N LYS E 147 30.57 9.22 -14.81
CA LYS E 147 30.78 8.70 -16.15
C LYS E 147 29.46 8.33 -16.79
N GLN E 148 29.54 7.99 -18.06
CA GLN E 148 28.44 7.40 -18.83
C GLN E 148 28.58 5.89 -18.64
N LEU E 149 27.74 5.33 -17.78
CA LEU E 149 27.92 3.95 -17.34
C LEU E 149 27.21 3.00 -18.29
N PRO E 150 27.91 2.03 -18.88
CA PRO E 150 27.29 1.20 -19.92
C PRO E 150 26.55 -0.02 -19.37
N HIS E 151 25.27 -0.17 -19.71
CA HIS E 151 24.54 -1.38 -19.37
C HIS E 151 24.49 -2.40 -20.50
N ILE E 152 24.36 -1.96 -21.74
CA ILE E 152 24.41 -2.86 -22.89
C ILE E 152 24.82 -2.07 -24.12
N THR E 153 25.64 -2.69 -24.97
CA THR E 153 26.05 -2.12 -26.25
C THR E 153 25.86 -3.17 -27.34
N LEU E 154 25.09 -2.84 -28.37
CA LEU E 154 24.77 -3.77 -29.44
C LEU E 154 25.02 -3.15 -30.80
N ALA E 155 25.50 -3.97 -31.74
CA ALA E 155 25.82 -3.54 -33.09
C ALA E 155 24.68 -3.96 -34.02
N PHE E 156 24.11 -3.01 -34.73
CA PHE E 156 22.96 -3.24 -35.59
C PHE E 156 23.33 -3.07 -37.06
N ARG E 157 22.72 -3.89 -37.91
CA ARG E 157 22.94 -3.75 -39.35
C ARG E 157 21.78 -2.99 -39.99
N PRO E 158 22.08 -2.10 -40.94
CA PRO E 158 21.00 -1.42 -41.66
C PRO E 158 20.18 -2.40 -42.47
N GLY E 159 18.87 -2.18 -42.48
CA GLY E 159 17.98 -3.03 -43.26
C GLY E 159 17.07 -3.88 -42.38
N ASN E 160 16.42 -4.84 -43.04
CA ASN E 160 15.53 -5.77 -42.36
C ASN E 160 16.26 -7.08 -42.10
N GLY F 16 58.55 11.57 -14.67
CA GLY F 16 59.18 11.81 -13.38
C GLY F 16 58.32 12.64 -12.46
N PHE F 17 57.97 12.09 -11.31
CA PHE F 17 57.08 12.74 -10.37
C PHE F 17 57.88 13.41 -9.25
N ASP F 18 57.44 14.58 -8.83
CA ASP F 18 58.08 15.36 -7.77
C ASP F 18 57.47 14.98 -6.43
N LEU F 19 58.11 14.03 -5.73
CA LEU F 19 57.57 13.56 -4.46
C LEU F 19 57.62 14.63 -3.38
N SER F 20 58.56 15.59 -3.49
CA SER F 20 58.65 16.67 -2.52
C SER F 20 57.42 17.57 -2.55
N THR F 21 56.95 17.94 -3.75
CA THR F 21 55.80 18.81 -3.91
C THR F 21 54.49 18.05 -4.09
N ALA F 22 54.42 16.80 -3.63
CA ALA F 22 53.24 15.98 -3.79
C ALA F 22 52.30 16.08 -2.60
N THR F 23 51.01 15.99 -2.88
CA THR F 23 49.96 15.99 -1.86
C THR F 23 49.25 14.65 -1.83
N THR F 24 49.15 14.04 -0.66
CA THR F 24 48.44 12.78 -0.48
C THR F 24 46.95 13.06 -0.25
N LEU F 25 46.10 12.42 -1.05
CA LEU F 25 44.66 12.59 -0.91
C LEU F 25 43.97 11.44 -0.19
N PHE F 26 44.55 10.24 -0.23
CA PHE F 26 43.86 9.04 0.24
C PHE F 26 44.91 8.00 0.58
N TRP F 27 44.91 7.52 1.83
CA TRP F 27 45.89 6.51 2.26
C TRP F 27 45.21 5.63 3.31
N ARG F 28 44.63 4.51 2.86
CA ARG F 28 43.96 3.58 3.76
C ARG F 28 43.71 2.25 3.04
N PRO F 29 43.38 1.18 3.75
CA PRO F 29 43.12 -0.10 3.08
C PRO F 29 41.79 -0.11 2.34
N VAL F 30 41.75 -0.89 1.27
CA VAL F 30 40.54 -1.09 0.46
C VAL F 30 40.42 -2.58 0.19
N PRO F 31 39.27 -3.20 0.43
CA PRO F 31 39.14 -4.64 0.15
C PRO F 31 39.13 -4.90 -1.35
N VAL F 32 40.03 -5.76 -1.79
CA VAL F 32 40.23 -6.03 -3.21
C VAL F 32 40.26 -7.53 -3.43
N HIS F 33 39.60 -7.98 -4.49
CA HIS F 33 39.65 -9.38 -4.91
C HIS F 33 40.84 -9.52 -5.86
N VAL F 34 41.82 -10.32 -5.45
CA VAL F 34 43.10 -10.41 -6.14
C VAL F 34 43.15 -11.73 -6.91
N LYS F 35 43.29 -11.64 -8.23
CA LYS F 35 43.32 -12.81 -9.10
C LYS F 35 44.71 -12.94 -9.72
N GLN F 36 45.32 -14.11 -9.56
CA GLN F 36 46.58 -14.42 -10.22
C GLN F 36 46.42 -15.73 -10.99
N GLN F 37 47.28 -15.91 -11.99
CA GLN F 37 47.17 -17.06 -12.89
C GLN F 37 47.37 -18.37 -12.14
N ASP F 38 48.40 -18.43 -11.30
CA ASP F 38 48.85 -19.69 -10.73
C ASP F 38 48.45 -19.86 -9.27
N ARG F 39 47.78 -18.87 -8.70
CA ARG F 39 47.39 -18.91 -7.31
C ARG F 39 45.87 -18.87 -7.18
N GLU F 40 45.38 -19.28 -6.02
CA GLU F 40 43.95 -19.20 -5.75
C GLU F 40 43.55 -17.73 -5.54
N ASP F 41 42.30 -17.43 -5.86
CA ASP F 41 41.81 -16.07 -5.63
C ASP F 41 41.76 -15.79 -4.14
N VAL F 42 42.07 -14.55 -3.76
CA VAL F 42 42.21 -14.15 -2.38
C VAL F 42 41.48 -12.82 -2.17
N LEU F 43 40.69 -12.72 -1.11
CA LEU F 43 40.07 -11.47 -0.70
C LEU F 43 40.98 -10.85 0.35
N GLU F 44 41.66 -9.79 -0.03
CA GLU F 44 42.71 -9.17 0.77
C GLU F 44 42.47 -7.67 0.83
N GLU F 45 42.82 -7.06 1.96
CA GLU F 45 42.75 -5.62 2.10
C GLU F 45 44.11 -5.05 1.68
N LEU F 46 44.12 -4.30 0.59
CA LEU F 46 45.33 -3.72 0.04
C LEU F 46 45.32 -2.23 0.32
N THR F 47 46.46 -1.70 0.73
CA THR F 47 46.54 -0.29 1.08
C THR F 47 46.71 0.54 -0.18
N PHE F 48 45.81 1.49 -0.38
CA PHE F 48 45.85 2.40 -1.52
C PHE F 48 46.34 3.75 -1.05
N ARG F 49 47.29 4.33 -1.80
CA ARG F 49 47.77 5.68 -1.55
C ARG F 49 47.67 6.47 -2.85
N ILE F 50 46.91 7.55 -2.82
CA ILE F 50 46.68 8.39 -3.99
C ILE F 50 47.33 9.75 -3.75
N LEU F 51 48.16 10.18 -4.70
CA LEU F 51 48.90 11.43 -4.59
C LEU F 51 48.76 12.23 -5.87
N THR F 52 48.59 13.53 -5.73
CA THR F 52 48.61 14.45 -6.86
C THR F 52 49.81 15.38 -6.75
N GLY F 53 50.34 15.75 -7.91
CA GLY F 53 51.48 16.65 -7.96
C GLY F 53 51.80 16.98 -9.39
N VAL F 54 52.97 17.58 -9.59
CA VAL F 54 53.43 17.93 -10.92
C VAL F 54 54.74 17.20 -11.20
N ALA F 55 55.03 17.04 -12.48
CA ALA F 55 56.20 16.31 -12.94
C ALA F 55 57.45 17.18 -12.95
N LYS F 56 58.62 16.51 -12.80
CA LYS F 56 59.87 17.23 -12.97
C LYS F 56 60.04 17.68 -14.41
N GLN F 57 59.80 16.79 -15.37
CA GLN F 57 59.71 17.21 -16.76
C GLN F 57 58.37 17.90 -17.00
N ASN F 58 58.38 18.90 -17.88
CA ASN F 58 57.22 19.75 -18.13
C ASN F 58 56.53 20.14 -16.83
N HIS F 59 57.17 21.09 -16.13
CA HIS F 59 56.61 21.61 -14.89
C HIS F 59 55.22 22.19 -15.12
N ASN F 60 54.43 22.22 -14.04
CA ASN F 60 53.05 22.71 -13.98
C ASN F 60 52.09 21.69 -14.59
N LEU F 61 52.61 20.69 -15.30
CA LEU F 61 51.78 19.61 -15.84
C LEU F 61 51.46 18.65 -14.70
N ARG F 62 50.17 18.47 -14.44
CA ARG F 62 49.69 17.74 -13.27
C ARG F 62 49.60 16.25 -13.55
N ILE F 63 49.97 15.46 -12.54
CA ILE F 63 50.08 14.01 -12.64
C ILE F 63 49.37 13.38 -11.45
N LEU F 64 48.73 12.24 -11.70
CA LEU F 64 48.09 11.44 -10.66
C LEU F 64 48.88 10.16 -10.47
N ARG F 65 49.20 9.83 -9.22
CA ARG F 65 49.94 8.62 -8.87
C ARG F 65 49.14 7.84 -7.83
N ILE F 66 49.01 6.53 -8.05
CA ILE F 66 48.33 5.63 -7.12
C ILE F 66 49.26 4.46 -6.83
N HIS F 67 49.40 4.12 -5.54
CA HIS F 67 50.27 3.05 -5.07
C HIS F 67 49.45 2.00 -4.34
N ILE F 68 49.57 0.75 -4.78
CA ILE F 68 48.94 -0.38 -4.08
C ILE F 68 50.03 -1.16 -3.36
N SER F 69 49.82 -1.41 -2.08
CA SER F 69 50.76 -2.13 -1.25
C SER F 69 49.98 -3.02 -0.30
N SER F 70 50.66 -4.02 0.25
CA SER F 70 50.05 -4.93 1.21
C SER F 70 50.81 -4.86 2.52
N ASP F 71 50.07 -4.75 3.63
CA ASP F 71 50.70 -4.87 4.94
C ASP F 71 51.19 -6.28 5.20
N SER F 72 50.66 -7.26 4.47
CA SER F 72 51.09 -8.64 4.66
C SER F 72 52.34 -8.96 3.86
N ASP F 73 52.52 -8.31 2.71
CA ASP F 73 53.68 -8.50 1.85
C ASP F 73 54.34 -7.14 1.64
N LEU F 74 55.56 -6.99 2.16
CA LEU F 74 56.28 -5.73 1.96
C LEU F 74 56.93 -5.64 0.59
N PHE F 75 56.93 -6.73 -0.16
CA PHE F 75 57.46 -6.76 -1.52
C PHE F 75 56.35 -6.70 -2.57
N PHE F 76 55.10 -6.59 -2.13
CA PHE F 76 53.94 -6.49 -3.03
C PHE F 76 53.66 -5.02 -3.26
N LEU F 77 54.07 -4.51 -4.42
CA LEU F 77 53.93 -3.10 -4.74
C LEU F 77 53.52 -2.94 -6.20
N HIS F 78 52.49 -2.11 -6.43
CA HIS F 78 52.00 -1.81 -7.77
C HIS F 78 51.74 -0.32 -7.88
N THR F 79 52.08 0.26 -9.03
CA THR F 79 52.07 1.71 -9.23
C THR F 79 51.38 2.07 -10.53
N LEU F 80 50.69 3.21 -10.52
CA LEU F 80 50.05 3.80 -11.69
C LEU F 80 50.36 5.28 -11.74
N GLU F 81 50.77 5.77 -12.92
CA GLU F 81 50.88 7.19 -13.19
C GLU F 81 50.01 7.56 -14.37
N VAL F 82 49.19 8.58 -14.19
CA VAL F 82 48.34 9.13 -15.24
C VAL F 82 48.65 10.62 -15.28
N SER F 83 49.05 11.10 -16.45
CA SER F 83 49.23 12.52 -16.66
C SER F 83 47.96 13.10 -17.27
N GLU F 84 47.86 14.43 -17.24
CA GLU F 84 46.72 15.10 -17.84
C GLU F 84 46.62 14.74 -19.31
N GLU F 85 47.78 14.58 -19.97
CA GLU F 85 47.83 14.09 -21.34
C GLU F 85 47.15 12.73 -21.46
N ASP F 86 47.52 11.80 -20.57
CA ASP F 86 46.94 10.45 -20.60
C ASP F 86 45.45 10.47 -20.29
N PHE F 87 45.01 11.36 -19.41
CA PHE F 87 43.62 11.34 -18.96
C PHE F 87 42.65 11.55 -20.10
N GLN F 88 43.04 12.36 -21.10
CA GLN F 88 42.17 12.60 -22.25
C GLN F 88 41.86 11.29 -22.96
N SER F 89 42.87 10.45 -23.17
CA SER F 89 42.63 9.14 -23.76
C SER F 89 41.80 8.26 -22.83
N LEU F 90 42.10 8.28 -21.53
CA LEU F 90 41.33 7.51 -20.57
C LEU F 90 39.89 8.00 -20.49
N LYS F 91 39.69 9.32 -20.61
CA LYS F 91 38.35 9.88 -20.50
C LYS F 91 37.45 9.38 -21.63
N ASN F 92 37.99 9.30 -22.85
CA ASN F 92 37.19 8.83 -23.99
C ASN F 92 36.96 7.34 -23.91
N ASP F 93 37.99 6.57 -23.53
CA ASP F 93 37.90 5.11 -23.59
C ASP F 93 36.91 4.55 -22.59
N GLN F 94 36.70 5.22 -21.46
CA GLN F 94 35.84 4.71 -20.40
C GLN F 94 34.60 5.57 -20.17
N GLY F 95 34.36 6.58 -21.00
CA GLY F 95 33.13 7.35 -20.90
C GLY F 95 33.06 8.28 -19.71
N ILE F 96 34.21 8.74 -19.21
CA ILE F 96 34.22 9.63 -18.06
C ILE F 96 33.76 11.02 -18.49
N LEU F 97 33.04 11.71 -17.60
CA LEU F 97 32.45 13.00 -17.92
C LEU F 97 32.99 14.14 -17.08
N VAL F 98 34.11 13.94 -16.37
CA VAL F 98 34.66 14.97 -15.50
C VAL F 98 36.07 15.29 -15.95
N ASP F 99 36.58 16.42 -15.46
CA ASP F 99 37.93 16.84 -15.81
C ASP F 99 38.97 16.13 -14.95
N PHE F 100 40.24 16.34 -15.30
CA PHE F 100 41.35 15.73 -14.58
C PHE F 100 41.40 16.14 -13.12
N ALA F 101 40.96 17.36 -12.80
CA ALA F 101 41.00 17.82 -11.41
C ALA F 101 40.04 17.01 -10.54
N SER F 102 38.86 16.68 -11.06
CA SER F 102 37.86 15.93 -10.32
C SER F 102 38.08 14.42 -10.40
N PHE F 103 38.95 13.96 -11.30
CA PHE F 103 39.17 12.52 -11.45
C PHE F 103 39.63 11.83 -10.17
N PRO F 104 40.56 12.37 -9.38
CA PRO F 104 40.96 11.64 -8.15
C PRO F 104 39.83 11.47 -7.16
N GLY F 105 39.03 12.53 -6.92
CA GLY F 105 37.95 12.42 -5.96
C GLY F 105 36.93 11.36 -6.33
N LYS F 106 36.66 11.23 -7.63
CA LYS F 106 35.73 10.20 -8.09
C LYS F 106 36.31 8.80 -7.86
N ILE F 107 37.61 8.64 -8.09
CA ILE F 107 38.26 7.37 -7.77
C ILE F 107 38.13 7.07 -6.28
N ILE F 108 38.30 8.09 -5.44
CA ILE F 108 38.19 7.90 -3.99
C ILE F 108 36.78 7.48 -3.63
N SER F 109 35.77 8.14 -4.22
CA SER F 109 34.38 7.78 -3.93
C SER F 109 34.10 6.33 -4.32
N LEU F 110 34.66 5.89 -5.45
CA LEU F 110 34.50 4.49 -5.83
C LEU F 110 35.19 3.56 -4.84
N LEU F 111 36.38 3.94 -4.38
CA LEU F 111 37.05 3.14 -3.35
C LEU F 111 36.26 3.14 -2.05
N GLU F 112 35.70 4.30 -1.68
CA GLU F 112 34.88 4.38 -0.48
C GLU F 112 33.66 3.48 -0.58
N LYS F 113 33.03 3.43 -1.76
CA LYS F 113 31.87 2.57 -1.95
C LYS F 113 32.24 1.10 -1.82
N CYS F 114 33.45 0.73 -2.25
CA CYS F 114 33.95 -0.62 -2.00
C CYS F 114 34.16 -0.86 -0.51
N ILE F 115 34.70 0.14 0.20
CA ILE F 115 34.94 -0.01 1.63
C ILE F 115 33.62 -0.16 2.38
N LEU F 116 32.65 0.69 2.07
CA LEU F 116 31.37 0.69 2.76
C LEU F 116 30.44 -0.42 2.30
N ALA F 117 30.88 -1.25 1.36
CA ALA F 117 30.02 -2.30 0.83
C ALA F 117 29.75 -3.34 1.91
N GLN F 118 28.51 -3.79 1.98
CA GLN F 118 28.04 -4.75 2.94
C GLN F 118 27.79 -6.11 2.27
N PRO F 119 27.76 -7.20 3.03
CA PRO F 119 27.69 -8.53 2.39
C PRO F 119 26.46 -8.75 1.54
N GLY F 120 25.28 -8.42 2.04
CA GLY F 120 24.05 -8.67 1.31
C GLY F 120 23.58 -7.51 0.46
N ASP F 121 24.52 -6.82 -0.18
CA ASP F 121 24.20 -5.64 -0.98
C ASP F 121 23.87 -6.04 -2.41
N SER F 122 22.76 -5.50 -2.92
CA SER F 122 22.39 -5.68 -4.31
C SER F 122 21.80 -4.38 -4.86
N PRO F 123 22.47 -3.73 -5.83
CA PRO F 123 23.76 -4.12 -6.40
C PRO F 123 24.94 -3.94 -5.44
N ARG F 124 26.01 -4.69 -5.66
CA ARG F 124 27.18 -4.72 -4.79
C ARG F 124 28.40 -4.17 -5.51
N PHE F 125 29.13 -3.28 -4.85
CA PHE F 125 30.39 -2.76 -5.36
C PHE F 125 31.53 -3.66 -4.93
N GLN F 126 32.40 -4.02 -5.86
CA GLN F 126 33.54 -4.87 -5.56
C GLN F 126 34.75 -4.39 -6.35
N ALA F 127 35.92 -4.46 -5.73
CA ALA F 127 37.19 -4.08 -6.35
C ALA F 127 38.00 -5.33 -6.67
N VAL F 128 38.61 -5.35 -7.86
CA VAL F 128 39.32 -6.52 -8.35
C VAL F 128 40.67 -6.09 -8.91
N LEU F 129 41.73 -6.76 -8.47
CA LEU F 129 43.07 -6.58 -9.04
C LEU F 129 43.50 -7.88 -9.71
N THR F 130 43.72 -7.81 -11.02
CA THR F 130 44.13 -8.96 -11.81
C THR F 130 45.59 -8.76 -12.20
N ILE F 131 46.43 -9.70 -11.77
CA ILE F 131 47.87 -9.60 -11.98
C ILE F 131 48.21 -10.50 -13.16
N ARG F 132 48.68 -9.89 -14.24
CA ARG F 132 48.96 -10.59 -15.50
C ARG F 132 50.39 -10.25 -15.91
N GLY F 133 51.35 -10.97 -15.35
CA GLY F 133 52.73 -10.76 -15.75
C GLY F 133 53.21 -9.38 -15.36
N GLY F 134 53.71 -8.65 -16.36
CA GLY F 134 54.28 -7.33 -16.16
C GLY F 134 53.26 -6.25 -15.87
N GLU F 135 51.97 -6.52 -16.04
CA GLU F 135 50.91 -5.58 -15.76
C GLU F 135 49.97 -6.13 -14.70
N SER F 136 49.24 -5.21 -14.07
CA SER F 136 48.11 -5.57 -13.21
C SER F 136 46.95 -4.67 -13.58
N VAL F 137 45.76 -5.26 -13.73
CA VAL F 137 44.58 -4.53 -14.16
C VAL F 137 43.65 -4.41 -12.97
N PHE F 138 43.38 -3.18 -12.57
CA PHE F 138 42.49 -2.89 -11.45
C PHE F 138 41.16 -2.38 -11.97
N LYS F 139 40.06 -2.95 -11.49
CA LYS F 139 38.74 -2.50 -11.89
C LYS F 139 37.81 -2.51 -10.67
N ILE F 140 36.92 -1.52 -10.62
CA ILE F 140 35.83 -1.47 -9.65
C ILE F 140 34.53 -1.64 -10.41
N VAL F 141 33.76 -2.66 -10.04
CA VAL F 141 32.54 -2.99 -10.77
C VAL F 141 31.36 -3.00 -9.80
N GLU F 142 30.18 -2.72 -10.33
CA GLU F 142 28.92 -2.86 -9.60
C GLU F 142 28.20 -4.07 -10.16
N ILE F 143 27.96 -5.07 -9.30
CA ILE F 143 27.37 -6.34 -9.70
C ILE F 143 25.87 -6.28 -9.47
N ASN F 144 25.09 -6.31 -10.55
CA ASN F 144 23.64 -6.32 -10.47
C ASN F 144 23.08 -7.65 -10.98
N ASP F 145 21.76 -7.70 -11.15
CA ASP F 145 21.11 -8.91 -11.62
C ASP F 145 21.56 -9.30 -13.03
N PHE F 146 22.01 -8.32 -13.82
CA PHE F 146 22.37 -8.52 -15.21
C PHE F 146 23.86 -8.76 -15.42
N LYS F 147 24.71 -7.87 -14.92
CA LYS F 147 26.12 -7.85 -15.33
C LYS F 147 26.98 -7.26 -14.23
N GLN F 148 28.29 -7.32 -14.45
CA GLN F 148 29.27 -6.56 -13.68
C GLN F 148 29.47 -5.24 -14.42
N LEU F 149 28.84 -4.19 -13.94
CA LEU F 149 28.97 -3.00 -14.79
C LEU F 149 30.18 -2.19 -14.36
N PRO F 150 31.04 -1.78 -15.31
CA PRO F 150 32.36 -1.25 -14.95
C PRO F 150 32.32 0.24 -14.61
N HIS F 151 32.85 0.58 -13.43
CA HIS F 151 32.98 1.98 -13.06
C HIS F 151 34.36 2.55 -13.40
N ILE F 152 35.43 1.79 -13.21
CA ILE F 152 36.77 2.26 -13.57
C ILE F 152 37.67 1.06 -13.81
N THR F 153 38.56 1.19 -14.79
CA THR F 153 39.59 0.19 -15.07
C THR F 153 40.92 0.90 -15.18
N LEU F 154 41.88 0.50 -14.35
CA LEU F 154 43.19 1.15 -14.31
C LEU F 154 44.28 0.09 -14.41
N ALA F 155 45.33 0.42 -15.15
CA ALA F 155 46.45 -0.50 -15.39
C ALA F 155 47.61 -0.12 -14.49
N PHE F 156 48.07 -1.07 -13.68
CA PHE F 156 49.13 -0.83 -12.72
C PHE F 156 50.37 -1.61 -13.13
N ARG F 157 51.54 -0.99 -12.95
CA ARG F 157 52.79 -1.68 -13.18
C ARG F 157 53.43 -2.06 -11.85
N PRO F 158 54.04 -3.24 -11.76
CA PRO F 158 54.77 -3.59 -10.54
C PRO F 158 55.96 -2.66 -10.30
N GLY F 159 56.15 -2.31 -9.03
CA GLY F 159 57.22 -1.46 -8.57
C GLY F 159 56.70 -0.12 -8.09
N ASN F 160 57.62 0.77 -7.74
CA ASN F 160 57.26 2.13 -7.32
C ASN F 160 57.56 3.15 -8.41
N SER G 2 24.94 14.50 8.94
CA SER G 2 24.70 15.23 10.19
C SER G 2 25.44 14.55 11.33
N VAL G 3 26.66 14.09 11.04
CA VAL G 3 27.54 13.51 12.05
C VAL G 3 28.86 14.26 11.98
N SER G 4 29.62 14.17 13.05
CA SER G 4 30.87 14.92 13.09
C SER G 4 31.86 14.34 12.09
N SER G 5 32.96 15.05 11.90
CA SER G 5 34.00 14.62 10.98
C SER G 5 35.38 14.83 11.58
N VAL G 6 35.45 15.32 12.81
CA VAL G 6 36.70 15.58 13.51
C VAL G 6 36.89 14.45 14.51
N PRO G 7 38.11 14.02 14.78
CA PRO G 7 38.31 13.05 15.86
C PRO G 7 37.82 13.62 17.18
N THR G 8 37.42 12.73 18.08
CA THR G 8 36.67 13.17 19.26
C THR G 8 37.55 13.38 20.48
N LYS G 9 38.34 12.38 20.86
CA LYS G 9 39.11 12.44 22.09
C LYS G 9 40.56 12.16 21.78
N LEU G 10 41.43 13.12 22.07
CA LEU G 10 42.84 13.08 21.70
C LEU G 10 43.70 13.22 22.95
N GLU G 11 44.61 12.27 23.16
CA GLU G 11 45.35 12.20 24.41
C GLU G 11 46.71 11.58 24.15
N VAL G 12 47.64 11.89 25.05
CA VAL G 12 48.97 11.29 25.03
C VAL G 12 48.89 10.01 25.87
N VAL G 13 49.06 8.87 25.21
CA VAL G 13 48.88 7.59 25.89
C VAL G 13 50.14 7.18 26.65
N ALA G 14 51.31 7.38 26.03
CA ALA G 14 52.58 7.05 26.65
C ALA G 14 53.60 8.09 26.22
N ALA G 15 54.64 8.26 27.04
CA ALA G 15 55.57 9.33 26.74
C ALA G 15 56.93 9.02 27.33
N THR G 16 57.95 9.55 26.68
CA THR G 16 59.33 9.59 27.13
C THR G 16 59.76 11.05 27.01
N PRO G 17 60.90 11.41 27.59
CA PRO G 17 61.37 12.81 27.44
C PRO G 17 61.44 13.33 26.01
N THR G 18 61.66 12.46 25.03
CA THR G 18 61.81 12.88 23.65
C THR G 18 60.66 12.45 22.75
N SER G 19 59.82 11.51 23.19
CA SER G 19 58.83 10.91 22.30
C SER G 19 57.45 10.90 22.94
N LEU G 20 56.44 10.95 22.08
CA LEU G 20 55.04 10.93 22.46
C LEU G 20 54.30 9.89 21.63
N LEU G 21 53.34 9.21 22.25
CA LEU G 21 52.41 8.35 21.53
C LEU G 21 51.01 8.90 21.75
N ILE G 22 50.35 9.29 20.67
CA ILE G 22 49.01 9.87 20.73
C ILE G 22 47.99 8.88 20.19
N SER G 23 46.83 8.82 20.85
CA SER G 23 45.68 8.07 20.36
C SER G 23 44.47 8.99 20.30
N TRP G 24 43.64 8.77 19.29
CA TRP G 24 42.39 9.51 19.17
C TRP G 24 41.26 8.54 18.81
N ASP G 25 40.05 8.96 19.13
CA ASP G 25 38.84 8.25 18.70
C ASP G 25 38.38 8.81 17.37
N ALA G 26 38.20 7.94 16.39
CA ALA G 26 37.98 8.37 15.03
C ALA G 26 36.59 8.95 14.85
N PRO G 27 36.41 9.85 13.87
CA PRO G 27 35.07 10.27 13.48
C PRO G 27 34.34 9.16 12.75
N ALA G 28 33.00 9.23 12.78
CA ALA G 28 32.18 8.21 12.13
C ALA G 28 32.35 8.20 10.62
N VAL G 29 32.89 9.26 10.02
CA VAL G 29 33.07 9.27 8.57
C VAL G 29 34.28 8.43 8.20
N THR G 30 34.17 7.72 7.07
CA THR G 30 35.33 7.02 6.53
C THR G 30 36.45 8.00 6.24
N VAL G 31 37.56 7.85 6.95
CA VAL G 31 38.64 8.83 6.92
C VAL G 31 39.61 8.45 5.81
N TYR G 32 39.84 9.38 4.89
CA TYR G 32 40.77 9.15 3.79
C TYR G 32 42.21 9.23 4.29
N LEU G 33 42.50 10.22 5.13
CA LEU G 33 43.85 10.44 5.63
C LEU G 33 43.77 11.17 6.97
N TYR G 34 44.80 10.98 7.78
CA TYR G 34 45.01 11.80 8.97
C TYR G 34 46.30 12.58 8.77
N VAL G 35 46.26 13.88 9.09
CA VAL G 35 47.44 14.74 9.05
C VAL G 35 47.73 15.19 10.47
N ILE G 36 48.95 14.94 10.93
CA ILE G 36 49.36 15.29 12.29
C ILE G 36 50.38 16.42 12.19
N THR G 37 50.12 17.51 12.91
CA THR G 37 51.03 18.63 13.01
C THR G 37 51.42 18.85 14.47
N TYR G 38 52.73 18.93 14.73
CA TYR G 38 53.23 19.23 16.07
C TYR G 38 54.29 20.31 16.00
N GLY G 39 54.27 21.21 16.97
CA GLY G 39 55.26 22.25 17.13
C GLY G 39 55.20 22.79 18.54
N GLU G 40 56.23 23.55 18.91
CA GLU G 40 56.19 24.19 20.21
C GLU G 40 55.17 25.31 20.18
N THR G 41 54.37 25.42 21.24
CA THR G 41 53.33 26.44 21.28
C THR G 41 53.96 27.82 21.10
N GLY G 42 53.11 28.80 20.79
CA GLY G 42 53.65 30.07 20.33
C GLY G 42 54.17 29.81 18.93
N GLY G 43 55.35 30.31 18.60
CA GLY G 43 55.89 30.11 17.27
C GLY G 43 57.39 29.94 17.30
N ASN G 44 57.91 29.66 18.50
CA ASN G 44 59.34 29.45 18.67
C ASN G 44 59.86 28.44 17.66
N SER G 45 59.27 27.23 17.66
CA SER G 45 59.58 26.11 16.79
C SER G 45 58.76 26.14 15.51
N PRO G 46 59.37 25.79 14.38
CA PRO G 46 58.61 25.63 13.13
C PRO G 46 57.68 24.43 13.22
N VAL G 47 56.54 24.52 12.52
CA VAL G 47 55.56 23.44 12.60
C VAL G 47 56.05 22.22 11.82
N GLN G 48 55.97 21.05 12.46
CA GLN G 48 56.27 19.76 11.85
C GLN G 48 54.97 19.06 11.47
N GLU G 49 54.96 18.39 10.32
CA GLU G 49 53.74 17.72 9.86
C GLU G 49 54.07 16.37 9.23
N PHE G 50 53.34 15.33 9.64
CA PHE G 50 53.36 14.05 8.94
C PHE G 50 51.94 13.50 8.85
N GLU G 51 51.75 12.54 7.95
CA GLU G 51 50.45 11.92 7.71
C GLU G 51 50.47 10.45 8.13
N VAL G 52 49.34 9.99 8.67
CA VAL G 52 49.16 8.57 8.98
C VAL G 52 47.92 8.05 8.26
N PRO G 53 47.82 6.75 7.98
CA PRO G 53 46.68 6.23 7.21
C PRO G 53 45.36 6.44 7.92
N GLY G 54 44.30 6.54 7.12
CA GLY G 54 42.97 6.79 7.65
C GLY G 54 42.40 5.68 8.50
N SER G 55 42.91 4.45 8.36
CA SER G 55 42.45 3.35 9.21
C SER G 55 43.09 3.38 10.59
N LYS G 56 44.17 4.12 10.77
CA LYS G 56 44.93 4.11 12.02
C LYS G 56 44.39 5.19 12.96
N SER G 57 44.33 4.87 14.24
CA SER G 57 43.87 5.80 15.27
C SER G 57 44.96 6.18 16.27
N THR G 58 46.21 5.82 16.01
CA THR G 58 47.33 6.14 16.90
C THR G 58 48.51 6.63 16.07
N ALA G 59 49.40 7.38 16.73
CA ALA G 59 50.57 7.91 16.05
C ALA G 59 51.70 8.12 17.06
N THR G 60 52.92 8.17 16.53
CA THR G 60 54.11 8.38 17.34
C THR G 60 54.86 9.61 16.87
N ILE G 61 55.16 10.51 17.80
CA ILE G 61 55.94 11.72 17.53
C ILE G 61 57.29 11.60 18.21
N SER G 62 58.36 11.84 17.46
CA SER G 62 59.72 11.67 17.96
C SER G 62 60.52 12.96 17.76
N GLY G 63 61.66 13.03 18.43
CA GLY G 63 62.57 14.14 18.29
C GLY G 63 62.23 15.38 19.07
N LEU G 64 61.36 15.29 20.07
CA LEU G 64 60.91 16.46 20.79
C LEU G 64 61.92 16.88 21.86
N LYS G 65 61.86 18.14 22.24
CA LYS G 65 62.76 18.66 23.26
C LYS G 65 62.15 18.45 24.64
N PRO G 66 62.96 18.06 25.63
CA PRO G 66 62.43 17.74 26.95
C PRO G 66 62.03 19.00 27.72
N GLY G 67 60.87 18.94 28.36
CA GLY G 67 60.43 20.04 29.19
C GLY G 67 59.85 21.21 28.44
N VAL G 68 59.42 21.01 27.20
CA VAL G 68 58.93 22.08 26.34
C VAL G 68 57.43 21.91 26.15
N ASP G 69 56.73 23.05 26.05
CA ASP G 69 55.29 23.03 25.81
C ASP G 69 55.04 22.91 24.31
N TYR G 70 54.35 21.83 23.92
CA TYR G 70 54.04 21.53 22.53
C TYR G 70 52.54 21.55 22.26
N THR G 71 52.18 21.88 21.03
CA THR G 71 50.82 21.81 20.55
C THR G 71 50.72 20.73 19.47
N ILE G 72 49.83 19.77 19.67
CA ILE G 72 49.67 18.64 18.76
C ILE G 72 48.27 18.69 18.17
N THR G 73 48.16 18.57 16.84
CA THR G 73 46.89 18.66 16.14
C THR G 73 46.71 17.48 15.18
N VAL G 74 45.52 16.90 15.18
CA VAL G 74 45.14 15.83 14.26
C VAL G 74 44.09 16.38 13.31
N TYR G 75 44.37 16.32 12.01
CA TYR G 75 43.47 16.80 10.96
C TYR G 75 42.92 15.58 10.23
N ALA G 76 41.60 15.51 10.08
CA ALA G 76 40.94 14.35 9.49
C ALA G 76 40.39 14.71 8.12
N SER G 77 40.82 13.97 7.10
CA SER G 77 40.34 14.17 5.74
C SER G 77 39.28 13.11 5.44
N SER G 78 38.13 13.55 4.96
CA SER G 78 37.02 12.66 4.65
C SER G 78 36.29 13.18 3.42
N LYS G 79 35.12 12.60 3.14
CA LYS G 79 34.35 13.03 1.97
C LYS G 79 34.03 14.52 2.02
N HIS G 80 33.66 15.03 3.19
CA HIS G 80 33.21 16.41 3.32
C HIS G 80 34.19 17.28 4.09
N SER G 81 35.39 16.78 4.38
CA SER G 81 36.40 17.53 5.11
C SER G 81 37.68 17.59 4.29
N SER G 82 38.20 18.80 4.09
CA SER G 82 39.46 18.98 3.37
C SER G 82 40.63 18.55 4.25
N ARG G 83 41.84 18.73 3.71
CA ARG G 83 43.05 18.28 4.42
C ARG G 83 43.13 18.89 5.81
N TYR G 84 43.02 20.22 5.89
CA TYR G 84 43.18 20.93 7.15
C TYR G 84 41.86 21.44 7.70
N ALA G 85 40.77 20.71 7.49
CA ALA G 85 39.56 21.02 8.21
C ALA G 85 39.48 20.07 9.40
N SER G 86 38.28 19.95 9.98
CA SER G 86 38.00 19.18 11.19
C SER G 86 39.25 18.88 12.02
N PRO G 87 39.79 19.86 12.74
CA PRO G 87 40.99 19.60 13.56
C PRO G 87 40.68 19.46 15.03
N ILE G 88 41.37 18.54 15.70
CA ILE G 88 41.34 18.43 17.16
C ILE G 88 42.76 18.66 17.68
N SER G 89 42.89 19.51 18.69
CA SER G 89 44.19 19.90 19.21
C SER G 89 44.30 19.62 20.71
N ILE G 90 45.53 19.38 21.16
CA ILE G 90 45.87 19.22 22.56
C ILE G 90 47.17 19.97 22.82
N ASN G 91 47.44 20.23 24.10
CA ASN G 91 48.69 20.83 24.53
C ASN G 91 49.36 19.88 25.50
N TYR G 92 50.68 19.69 25.35
CA TYR G 92 51.39 18.76 26.20
C TYR G 92 52.76 19.30 26.57
N ARG G 93 53.19 19.03 27.79
CA ARG G 93 54.53 19.36 28.29
C ARG G 93 55.36 18.10 28.35
N THR G 94 56.47 18.09 27.62
CA THR G 94 57.35 16.92 27.57
C THR G 94 58.22 16.85 28.81
N SER H 2 -1.83 -1.93 -4.42
CA SER H 2 -0.58 -2.68 -4.61
C SER H 2 -0.17 -2.66 -6.08
N VAL H 3 0.06 -3.85 -6.62
CA VAL H 3 0.40 -4.00 -8.03
C VAL H 3 -0.81 -3.73 -8.90
N SER H 4 -0.64 -2.88 -9.91
CA SER H 4 -1.75 -2.50 -10.76
C SER H 4 -2.19 -3.73 -11.56
N SER H 5 -3.50 -3.95 -11.61
CA SER H 5 -4.08 -5.14 -12.23
C SER H 5 -3.90 -5.24 -13.74
N VAL H 6 -4.81 -5.96 -14.38
CA VAL H 6 -4.84 -6.31 -15.81
C VAL H 6 -5.81 -5.35 -16.49
N PRO H 7 -5.66 -5.02 -17.83
CA PRO H 7 -6.62 -4.14 -18.52
C PRO H 7 -8.04 -4.05 -17.97
N THR H 8 -8.69 -2.91 -18.21
CA THR H 8 -9.91 -2.60 -17.49
C THR H 8 -11.16 -3.03 -18.27
N LYS H 9 -11.31 -2.54 -19.50
CA LYS H 9 -12.49 -2.83 -20.30
C LYS H 9 -12.06 -3.32 -21.67
N LEU H 10 -13.05 -3.79 -22.42
CA LEU H 10 -12.85 -4.37 -23.73
C LEU H 10 -14.20 -4.35 -24.42
N GLU H 11 -14.28 -3.70 -25.57
CA GLU H 11 -15.57 -3.46 -26.19
C GLU H 11 -15.40 -3.33 -27.69
N VAL H 12 -16.46 -3.65 -28.42
CA VAL H 12 -16.47 -3.51 -29.87
C VAL H 12 -17.00 -2.10 -30.18
N VAL H 13 -16.12 -1.25 -30.71
CA VAL H 13 -16.47 0.15 -30.94
C VAL H 13 -17.14 0.34 -32.31
N ALA H 14 -16.65 -0.36 -33.33
CA ALA H 14 -17.18 -0.23 -34.69
C ALA H 14 -17.19 -1.61 -35.32
N ALA H 15 -18.06 -1.78 -36.34
CA ALA H 15 -18.28 -3.11 -36.88
C ALA H 15 -18.71 -3.05 -38.33
N THR H 16 -18.43 -4.15 -39.02
CA THR H 16 -18.86 -4.50 -40.36
C THR H 16 -19.51 -5.86 -40.22
N PRO H 17 -20.32 -6.30 -41.18
CA PRO H 17 -20.78 -7.69 -41.15
C PRO H 17 -19.63 -8.69 -41.06
N THR H 18 -18.46 -8.34 -41.58
CA THR H 18 -17.31 -9.23 -41.61
C THR H 18 -16.14 -8.82 -40.71
N SER H 19 -16.08 -7.57 -40.23
CA SER H 19 -14.91 -7.11 -39.50
C SER H 19 -15.33 -6.34 -38.25
N LEU H 20 -14.44 -6.33 -37.26
CA LEU H 20 -14.65 -5.65 -35.99
C LEU H 20 -13.46 -4.76 -35.63
N LEU H 21 -13.77 -3.67 -34.94
CA LEU H 21 -12.77 -2.81 -34.31
C LEU H 21 -12.96 -2.88 -32.81
N ILE H 22 -11.95 -3.35 -32.10
CA ILE H 22 -12.01 -3.50 -30.65
C ILE H 22 -11.14 -2.44 -29.99
N SER H 23 -11.62 -1.92 -28.86
CA SER H 23 -10.84 -1.01 -28.04
C SER H 23 -10.77 -1.54 -26.61
N TRP H 24 -9.62 -1.35 -25.97
CA TRP H 24 -9.46 -1.67 -24.57
C TRP H 24 -8.72 -0.52 -23.90
N ASP H 25 -8.95 -0.37 -22.60
CA ASP H 25 -8.20 0.57 -21.79
C ASP H 25 -7.00 -0.12 -21.17
N ALA H 26 -5.82 0.47 -21.35
CA ALA H 26 -4.58 -0.21 -21.03
C ALA H 26 -4.40 -0.33 -19.51
N PRO H 27 -3.65 -1.35 -19.07
CA PRO H 27 -3.23 -1.39 -17.65
C PRO H 27 -2.16 -0.35 -17.38
N ALA H 28 -2.06 0.03 -16.10
CA ALA H 28 -1.08 1.04 -15.71
C ALA H 28 0.37 0.60 -15.91
N VAL H 29 0.61 -0.70 -16.07
CA VAL H 29 1.97 -1.19 -16.26
C VAL H 29 2.43 -0.97 -17.69
N THR H 30 3.73 -0.69 -17.86
CA THR H 30 4.33 -0.62 -19.19
C THR H 30 4.11 -1.94 -19.93
N VAL H 31 3.36 -1.88 -21.02
CA VAL H 31 2.95 -3.07 -21.75
C VAL H 31 3.95 -3.34 -22.86
N TYR H 32 4.51 -4.56 -22.88
CA TYR H 32 5.46 -4.92 -23.92
C TYR H 32 4.76 -5.20 -25.24
N LEU H 33 3.70 -6.00 -25.21
CA LEU H 33 2.91 -6.30 -26.41
C LEU H 33 1.52 -6.73 -25.97
N TYR H 34 0.58 -6.63 -26.91
CA TYR H 34 -0.75 -7.19 -26.75
C TYR H 34 -0.91 -8.36 -27.72
N VAL H 35 -1.47 -9.45 -27.23
CA VAL H 35 -1.79 -10.62 -28.05
C VAL H 35 -3.30 -10.78 -28.06
N ILE H 36 -3.90 -10.77 -29.25
CA ILE H 36 -5.34 -10.88 -29.41
C ILE H 36 -5.66 -12.22 -30.04
N THR H 37 -6.54 -12.97 -29.39
CA THR H 37 -7.03 -14.25 -29.91
C THR H 37 -8.52 -14.13 -30.14
N TYR H 38 -8.97 -14.46 -31.34
CA TYR H 38 -10.39 -14.46 -31.65
C TYR H 38 -10.76 -15.80 -32.26
N GLY H 39 -11.91 -16.33 -31.84
CA GLY H 39 -12.41 -17.59 -32.37
C GLY H 39 -13.90 -17.71 -32.12
N GLU H 40 -14.49 -18.66 -32.82
CA GLU H 40 -15.92 -18.91 -32.68
C GLU H 40 -16.23 -19.56 -31.33
N THR H 41 -17.32 -19.12 -30.70
CA THR H 41 -17.71 -19.73 -29.43
C THR H 41 -17.91 -21.24 -29.57
N GLY H 42 -18.15 -21.71 -30.80
CA GLY H 42 -18.09 -23.12 -31.12
C GLY H 42 -16.61 -23.47 -31.27
N GLY H 43 -16.05 -24.15 -30.28
CA GLY H 43 -14.65 -24.45 -30.11
C GLY H 43 -13.93 -25.42 -31.03
N ASN H 44 -14.60 -26.16 -31.92
CA ASN H 44 -13.85 -27.07 -32.79
C ASN H 44 -12.73 -26.37 -33.55
N SER H 45 -12.90 -25.09 -33.88
CA SER H 45 -11.80 -24.49 -34.62
C SER H 45 -10.78 -23.88 -33.67
N PRO H 46 -9.48 -24.02 -33.96
CA PRO H 46 -8.49 -23.34 -33.12
C PRO H 46 -8.60 -21.83 -33.30
N VAL H 47 -8.33 -21.11 -32.21
CA VAL H 47 -8.44 -19.65 -32.23
C VAL H 47 -7.30 -19.06 -33.06
N GLN H 48 -7.62 -17.98 -33.76
CA GLN H 48 -6.61 -17.24 -34.51
C GLN H 48 -6.02 -16.15 -33.63
N GLU H 49 -4.72 -15.91 -33.79
CA GLU H 49 -3.97 -15.04 -32.90
C GLU H 49 -3.09 -14.10 -33.70
N PHE H 50 -3.13 -12.81 -33.35
CA PHE H 50 -2.18 -11.83 -33.86
C PHE H 50 -1.73 -10.93 -32.72
N GLU H 51 -0.63 -10.22 -32.97
CA GLU H 51 0.00 -9.34 -31.98
C GLU H 51 -0.15 -7.88 -32.42
N VAL H 52 -0.39 -7.00 -31.45
CA VAL H 52 -0.37 -5.55 -31.71
C VAL H 52 0.60 -4.90 -30.74
N PRO H 53 1.19 -3.75 -31.09
CA PRO H 53 2.20 -3.14 -30.21
C PRO H 53 1.62 -2.74 -28.86
N GLY H 54 2.50 -2.74 -27.84
CA GLY H 54 2.11 -2.41 -26.48
C GLY H 54 1.65 -0.98 -26.30
N SER H 55 2.00 -0.09 -27.21
CA SER H 55 1.55 1.30 -27.14
C SER H 55 0.12 1.48 -27.63
N LYS H 56 -0.44 0.50 -28.33
CA LYS H 56 -1.75 0.63 -28.94
C LYS H 56 -2.86 0.13 -28.01
N SER H 57 -4.00 0.83 -28.05
CA SER H 57 -5.17 0.48 -27.27
C SER H 57 -6.36 0.06 -28.13
N THR H 58 -6.16 -0.08 -29.44
CA THR H 58 -7.21 -0.50 -30.35
C THR H 58 -6.63 -1.50 -31.34
N ALA H 59 -7.51 -2.34 -31.90
CA ALA H 59 -7.10 -3.34 -32.87
C ALA H 59 -8.28 -3.63 -33.79
N THR H 60 -7.97 -4.19 -34.95
CA THR H 60 -8.96 -4.50 -35.97
C THR H 60 -8.92 -5.99 -36.27
N ILE H 61 -10.09 -6.62 -36.19
CA ILE H 61 -10.25 -8.03 -36.52
C ILE H 61 -11.04 -8.12 -37.82
N SER H 62 -10.49 -8.81 -38.81
CA SER H 62 -11.11 -8.91 -40.11
C SER H 62 -11.22 -10.37 -40.52
N GLY H 63 -12.02 -10.62 -41.57
CA GLY H 63 -12.20 -11.96 -42.07
C GLY H 63 -13.22 -12.79 -41.32
N LEU H 64 -14.09 -12.16 -40.54
CA LEU H 64 -15.07 -12.89 -39.74
C LEU H 64 -16.29 -13.27 -40.58
N LYS H 65 -17.00 -14.31 -40.12
CA LYS H 65 -18.22 -14.72 -40.81
C LYS H 65 -19.44 -14.00 -40.24
N PRO H 66 -20.38 -13.60 -41.10
CA PRO H 66 -21.50 -12.76 -40.66
C PRO H 66 -22.56 -13.51 -39.88
N GLY H 67 -22.71 -13.23 -38.59
CA GLY H 67 -23.76 -13.80 -37.79
C GLY H 67 -23.32 -14.87 -36.82
N VAL H 68 -22.03 -14.93 -36.51
CA VAL H 68 -21.44 -15.98 -35.68
C VAL H 68 -21.04 -15.37 -34.34
N ASP H 69 -21.17 -16.17 -33.28
CA ASP H 69 -20.74 -15.75 -31.96
C ASP H 69 -19.24 -15.99 -31.84
N TYR H 70 -18.48 -14.93 -31.61
CA TYR H 70 -17.04 -15.00 -31.46
C TYR H 70 -16.65 -14.61 -30.06
N THR H 71 -15.57 -15.22 -29.57
CA THR H 71 -14.99 -14.89 -28.28
C THR H 71 -13.63 -14.24 -28.54
N ILE H 72 -13.46 -13.02 -28.05
CA ILE H 72 -12.27 -12.22 -28.32
C ILE H 72 -11.55 -12.01 -27.01
N THR H 73 -10.25 -12.28 -27.00
CA THR H 73 -9.44 -12.16 -25.80
C THR H 73 -8.21 -11.31 -26.11
N VAL H 74 -7.92 -10.37 -25.22
CA VAL H 74 -6.74 -9.52 -25.32
C VAL H 74 -5.81 -9.88 -24.18
N TYR H 75 -4.58 -10.28 -24.53
CA TYR H 75 -3.57 -10.67 -23.57
C TYR H 75 -2.49 -9.59 -23.51
N ALA H 76 -2.18 -9.11 -22.31
CA ALA H 76 -1.25 -8.01 -22.12
C ALA H 76 0.02 -8.54 -21.46
N SER H 77 1.16 -8.31 -22.11
CA SER H 77 2.47 -8.70 -21.60
C SER H 77 3.18 -7.50 -20.99
N SER H 78 3.70 -7.70 -19.78
CA SER H 78 4.43 -6.65 -19.07
C SER H 78 5.58 -7.31 -18.32
N LYS H 79 6.21 -6.55 -17.44
CA LYS H 79 7.32 -7.08 -16.65
C LYS H 79 6.92 -8.34 -15.90
N HIS H 80 5.71 -8.33 -15.32
CA HIS H 80 5.24 -9.38 -14.44
C HIS H 80 4.10 -10.19 -15.05
N SER H 81 3.85 -10.05 -16.34
CA SER H 81 2.78 -10.78 -17.02
C SER H 81 3.36 -11.60 -18.15
N SER H 82 3.07 -12.91 -18.14
CA SER H 82 3.51 -13.78 -19.21
C SER H 82 2.66 -13.52 -20.46
N ARG H 83 2.98 -14.26 -21.53
CA ARG H 83 2.28 -14.05 -22.80
C ARG H 83 0.78 -14.24 -22.64
N TYR H 84 0.37 -15.39 -22.11
CA TYR H 84 -1.05 -15.71 -21.99
C TYR H 84 -1.51 -15.65 -20.53
N ALA H 85 -0.87 -14.80 -19.74
CA ALA H 85 -1.34 -14.40 -18.42
C ALA H 85 -1.95 -13.02 -18.52
N SER H 86 -2.78 -12.68 -17.55
CA SER H 86 -3.52 -11.42 -17.53
C SER H 86 -4.36 -11.27 -18.80
N PRO H 87 -5.48 -12.00 -18.91
CA PRO H 87 -6.35 -11.90 -20.09
C PRO H 87 -7.64 -11.12 -19.85
N ILE H 88 -8.20 -10.53 -20.90
CA ILE H 88 -9.56 -9.99 -20.84
C ILE H 88 -10.34 -10.47 -22.06
N SER H 89 -11.54 -11.03 -21.84
CA SER H 89 -12.35 -11.60 -22.93
C SER H 89 -13.75 -11.01 -22.93
N ILE H 90 -14.36 -10.99 -24.13
CA ILE H 90 -15.74 -10.57 -24.34
C ILE H 90 -16.39 -11.51 -25.36
N ASN H 91 -17.73 -11.43 -25.47
CA ASN H 91 -18.49 -12.16 -26.49
C ASN H 91 -19.21 -11.16 -27.38
N TYR H 92 -19.13 -11.37 -28.69
CA TYR H 92 -19.80 -10.51 -29.66
C TYR H 92 -20.30 -11.36 -30.81
N ARG H 93 -21.48 -11.02 -31.37
CA ARG H 93 -21.99 -11.71 -32.55
C ARG H 93 -21.87 -10.78 -33.75
N THR H 94 -21.02 -11.17 -34.70
CA THR H 94 -20.75 -10.37 -35.89
C THR H 94 -21.78 -10.58 -36.98
N VAL I 3 -25.05 -1.89 31.56
CA VAL I 3 -24.23 -1.88 30.36
C VAL I 3 -22.92 -2.64 30.63
N SER I 4 -22.58 -2.78 31.91
CA SER I 4 -21.34 -3.44 32.31
C SER I 4 -21.46 -4.94 32.08
N SER I 5 -20.41 -5.53 31.50
CA SER I 5 -20.41 -6.95 31.16
C SER I 5 -19.65 -7.80 32.18
N VAL I 6 -19.25 -7.25 33.32
CA VAL I 6 -18.43 -8.01 34.24
C VAL I 6 -19.31 -8.65 35.32
N PRO I 7 -18.99 -9.87 35.76
CA PRO I 7 -19.70 -10.43 36.91
C PRO I 7 -19.40 -9.62 38.17
N THR I 8 -20.36 -9.63 39.10
CA THR I 8 -20.29 -8.70 40.22
C THR I 8 -19.74 -9.33 41.50
N LYS I 9 -20.29 -10.44 41.94
CA LYS I 9 -19.95 -11.00 43.25
C LYS I 9 -19.43 -12.42 43.06
N LEU I 10 -18.18 -12.65 43.41
CA LEU I 10 -17.51 -13.93 43.18
C LEU I 10 -17.02 -14.45 44.52
N GLU I 11 -17.46 -15.64 44.88
CA GLU I 11 -17.26 -16.16 46.22
C GLU I 11 -17.26 -17.67 46.16
N VAL I 12 -16.62 -18.27 47.17
CA VAL I 12 -16.63 -19.71 47.33
C VAL I 12 -17.81 -20.07 48.24
N VAL I 13 -18.78 -20.78 47.69
CA VAL I 13 -19.98 -21.11 48.45
C VAL I 13 -19.75 -22.35 49.31
N ALA I 14 -19.07 -23.35 48.76
CA ALA I 14 -18.79 -24.60 49.47
C ALA I 14 -17.42 -25.10 49.07
N ALA I 15 -16.81 -25.91 49.93
CA ALA I 15 -15.44 -26.34 49.69
C ALA I 15 -15.16 -27.68 50.34
N THR I 16 -14.27 -28.43 49.71
CA THR I 16 -13.67 -29.65 50.23
C THR I 16 -12.16 -29.50 50.05
N PRO I 17 -11.37 -30.36 50.68
CA PRO I 17 -9.91 -30.30 50.43
C PRO I 17 -9.54 -30.33 48.96
N THR I 18 -10.38 -30.93 48.10
CA THR I 18 -10.07 -31.08 46.69
C THR I 18 -10.91 -30.21 45.76
N SER I 19 -12.06 -29.72 46.22
CA SER I 19 -12.98 -29.06 45.30
C SER I 19 -13.53 -27.77 45.89
N LEU I 20 -13.91 -26.86 44.99
CA LEU I 20 -14.51 -25.58 45.33
C LEU I 20 -15.77 -25.40 44.51
N LEU I 21 -16.78 -24.76 45.09
CA LEU I 21 -17.95 -24.33 44.35
C LEU I 21 -17.96 -22.82 44.41
N ILE I 22 -17.89 -22.19 43.24
CA ILE I 22 -17.86 -20.74 43.13
C ILE I 22 -19.21 -20.27 42.59
N SER I 23 -19.68 -19.14 43.12
CA SER I 23 -20.89 -18.50 42.64
C SER I 23 -20.59 -17.06 42.23
N TRP I 24 -21.24 -16.61 41.17
CA TRP I 24 -21.16 -15.21 40.78
C TRP I 24 -22.55 -14.71 40.44
N ASP I 25 -22.72 -13.40 40.57
CA ASP I 25 -23.93 -12.73 40.11
C ASP I 25 -23.72 -12.28 38.68
N ALA I 26 -24.66 -12.63 37.81
CA ALA I 26 -24.45 -12.50 36.38
C ALA I 26 -24.47 -11.02 35.98
N PRO I 27 -23.81 -10.69 34.87
CA PRO I 27 -23.94 -9.35 34.30
C PRO I 27 -25.32 -9.14 33.69
N ALA I 28 -25.71 -7.86 33.62
CA ALA I 28 -27.01 -7.50 33.08
C ALA I 28 -27.13 -7.82 31.59
N VAL I 29 -26.01 -7.98 30.90
CA VAL I 29 -26.04 -8.29 29.47
C VAL I 29 -26.29 -9.79 29.29
N THR I 30 -27.00 -10.13 28.21
CA THR I 30 -27.15 -11.54 27.84
C THR I 30 -25.78 -12.17 27.65
N VAL I 31 -25.46 -13.14 28.49
CA VAL I 31 -24.12 -13.72 28.55
C VAL I 31 -24.07 -14.91 27.61
N TYR I 32 -23.12 -14.87 26.66
CA TYR I 32 -22.95 -15.95 25.70
C TYR I 32 -22.26 -17.16 26.33
N LEU I 33 -21.18 -16.91 27.07
CA LEU I 33 -20.38 -17.96 27.66
C LEU I 33 -19.66 -17.41 28.89
N TYR I 34 -19.34 -18.30 29.82
CA TYR I 34 -18.44 -18.00 30.92
C TYR I 34 -17.20 -18.87 30.79
N VAL I 35 -16.03 -18.27 30.97
CA VAL I 35 -14.76 -18.99 31.00
C VAL I 35 -14.13 -18.83 32.38
N ILE I 36 -13.82 -19.96 33.02
CA ILE I 36 -13.23 -19.98 34.36
C ILE I 36 -11.80 -20.46 34.26
N THR I 37 -10.88 -19.66 34.82
CA THR I 37 -9.46 -20.01 34.89
C THR I 37 -9.04 -20.10 36.35
N TYR I 38 -8.42 -21.22 36.71
CA TYR I 38 -7.90 -21.43 38.06
C TYR I 38 -6.45 -21.90 37.97
N GLY I 39 -5.62 -21.38 38.87
CA GLY I 39 -4.22 -21.79 38.96
C GLY I 39 -3.67 -21.42 40.31
N GLU I 40 -2.52 -22.01 40.64
CA GLU I 40 -1.89 -21.70 41.91
C GLU I 40 -1.26 -20.31 41.87
N THR I 41 -1.54 -19.52 42.91
CA THR I 41 -1.01 -18.17 42.99
C THR I 41 0.52 -18.16 42.99
N GLY I 42 1.08 -17.30 42.13
CA GLY I 42 2.52 -17.17 41.98
C GLY I 42 3.27 -18.48 41.84
N GLY I 43 2.92 -19.27 40.83
CA GLY I 43 3.54 -20.57 40.64
C GLY I 43 3.70 -20.88 39.17
N ASN I 44 4.81 -21.54 38.85
CA ASN I 44 5.10 -21.96 37.47
C ASN I 44 3.97 -22.76 36.83
N SER I 45 2.94 -23.16 37.58
CA SER I 45 1.95 -24.06 36.99
C SER I 45 1.08 -23.28 36.01
N PRO I 46 0.81 -23.82 34.83
CA PRO I 46 -0.07 -23.12 33.89
C PRO I 46 -1.50 -23.10 34.40
N VAL I 47 -2.21 -22.04 34.04
CA VAL I 47 -3.59 -21.92 34.48
C VAL I 47 -4.44 -22.94 33.75
N GLN I 48 -5.36 -23.56 34.48
CA GLN I 48 -6.32 -24.49 33.89
C GLN I 48 -7.60 -23.73 33.60
N GLU I 49 -8.24 -24.08 32.51
CA GLU I 49 -9.39 -23.32 31.99
C GLU I 49 -10.50 -24.27 31.59
N PHE I 50 -11.73 -23.97 32.04
CA PHE I 50 -12.91 -24.66 31.54
C PHE I 50 -14.01 -23.65 31.28
N GLU I 51 -15.01 -24.07 30.51
CA GLU I 51 -16.13 -23.23 30.11
C GLU I 51 -17.40 -23.69 30.79
N VAL I 52 -18.24 -22.73 31.19
CA VAL I 52 -19.57 -23.04 31.70
C VAL I 52 -20.60 -22.23 30.92
N PRO I 53 -21.85 -22.70 30.80
CA PRO I 53 -22.83 -21.99 29.98
C PRO I 53 -23.15 -20.59 30.51
N GLY I 54 -23.54 -19.71 29.59
CA GLY I 54 -23.88 -18.34 29.93
C GLY I 54 -25.10 -18.20 30.82
N SER I 55 -25.97 -19.22 30.83
CA SER I 55 -27.13 -19.21 31.71
C SER I 55 -26.81 -19.58 33.15
N LYS I 56 -25.66 -20.19 33.39
CA LYS I 56 -25.31 -20.71 34.72
C LYS I 56 -24.56 -19.66 35.51
N SER I 57 -24.82 -19.61 36.83
CA SER I 57 -24.15 -18.65 37.70
C SER I 57 -23.24 -19.32 38.74
N THR I 58 -23.05 -20.64 38.67
CA THR I 58 -22.18 -21.35 39.59
C THR I 58 -21.37 -22.39 38.84
N ALA I 59 -20.25 -22.78 39.44
CA ALA I 59 -19.38 -23.79 38.86
C ALA I 59 -18.61 -24.48 39.97
N THR I 60 -18.11 -25.68 39.67
CA THR I 60 -17.34 -26.47 40.64
C THR I 60 -15.96 -26.72 40.06
N ILE I 61 -14.94 -26.46 40.87
CA ILE I 61 -13.54 -26.68 40.51
C ILE I 61 -13.02 -27.85 41.32
N SER I 62 -12.44 -28.84 40.64
CA SER I 62 -11.96 -30.05 41.28
C SER I 62 -10.49 -30.28 40.92
N GLY I 63 -9.87 -31.23 41.62
CA GLY I 63 -8.48 -31.57 41.37
C GLY I 63 -7.46 -30.69 42.06
N LEU I 64 -7.88 -29.93 43.07
CA LEU I 64 -6.99 -29.01 43.77
C LEU I 64 -6.20 -29.71 44.86
N LYS I 65 -5.05 -29.14 45.20
CA LYS I 65 -4.34 -29.73 46.33
C LYS I 65 -4.70 -29.01 47.62
N PRO I 66 -4.91 -29.74 48.72
CA PRO I 66 -5.35 -29.11 49.97
C PRO I 66 -4.23 -28.34 50.64
N GLY I 67 -4.42 -27.04 50.76
CA GLY I 67 -3.47 -26.17 51.41
C GLY I 67 -2.72 -25.27 50.47
N VAL I 68 -3.21 -25.07 49.25
CA VAL I 68 -2.55 -24.24 48.26
C VAL I 68 -3.41 -23.00 48.06
N ASP I 69 -2.78 -21.85 47.88
CA ASP I 69 -3.49 -20.63 47.59
C ASP I 69 -3.72 -20.58 46.09
N TYR I 70 -4.99 -20.48 45.69
CA TYR I 70 -5.38 -20.48 44.29
C TYR I 70 -5.98 -19.15 43.90
N THR I 71 -5.80 -18.78 42.64
CA THR I 71 -6.40 -17.59 42.05
C THR I 71 -7.45 -18.02 41.03
N ILE I 72 -8.69 -17.59 41.24
CA ILE I 72 -9.82 -18.01 40.42
C ILE I 72 -10.36 -16.78 39.70
N THR I 73 -10.54 -16.89 38.39
CA THR I 73 -11.03 -15.79 37.57
C THR I 73 -12.20 -16.26 36.71
N VAL I 74 -13.25 -15.45 36.66
CA VAL I 74 -14.42 -15.74 35.83
C VAL I 74 -14.47 -14.73 34.69
N TYR I 75 -14.49 -15.23 33.46
CA TYR I 75 -14.54 -14.41 32.26
C TYR I 75 -15.90 -14.56 31.60
N ALA I 76 -16.56 -13.44 31.35
CA ALA I 76 -17.93 -13.42 30.83
C ALA I 76 -17.93 -12.90 29.40
N SER I 77 -18.50 -13.69 28.49
CA SER I 77 -18.62 -13.32 27.09
C SER I 77 -20.00 -12.74 26.82
N SER I 78 -20.04 -11.58 26.16
CA SER I 78 -21.30 -10.92 25.86
C SER I 78 -21.18 -10.27 24.48
N LYS I 79 -22.19 -9.47 24.13
CA LYS I 79 -22.20 -8.81 22.83
C LYS I 79 -20.97 -7.91 22.65
N HIS I 80 -20.59 -7.19 23.69
CA HIS I 80 -19.49 -6.24 23.63
C HIS I 80 -18.27 -6.69 24.41
N SER I 81 -18.25 -7.95 24.87
CA SER I 81 -17.14 -8.50 25.63
C SER I 81 -16.61 -9.74 24.93
N SER I 82 -15.31 -9.74 24.63
CA SER I 82 -14.65 -10.89 24.05
C SER I 82 -14.44 -11.97 25.10
N ARG I 83 -13.77 -13.05 24.70
CA ARG I 83 -13.61 -14.20 25.60
C ARG I 83 -12.96 -13.81 26.91
N TYR I 84 -11.80 -13.15 26.87
CA TYR I 84 -11.05 -12.82 28.07
C TYR I 84 -11.12 -11.34 28.42
N ALA I 85 -12.24 -10.71 28.13
CA ALA I 85 -12.54 -9.39 28.67
C ALA I 85 -13.54 -9.55 29.81
N SER I 86 -13.70 -8.48 30.57
CA SER I 86 -14.58 -8.48 31.74
C SER I 86 -14.20 -9.57 32.73
N PRO I 87 -13.12 -9.39 33.51
CA PRO I 87 -12.75 -10.43 34.49
C PRO I 87 -13.10 -10.09 35.92
N ILE I 88 -13.56 -11.08 36.68
CA ILE I 88 -13.69 -10.98 38.12
C ILE I 88 -12.85 -12.09 38.74
N SER I 89 -11.96 -11.72 39.66
CA SER I 89 -11.04 -12.68 40.25
C SER I 89 -11.09 -12.62 41.78
N ILE I 90 -10.81 -13.76 42.41
CA ILE I 90 -10.71 -13.88 43.86
C ILE I 90 -9.53 -14.79 44.18
N ASN I 91 -9.12 -14.79 45.45
CA ASN I 91 -8.11 -15.71 45.96
C ASN I 91 -8.73 -16.58 47.03
N TYR I 92 -8.44 -17.87 46.98
CA TYR I 92 -8.95 -18.80 47.98
C TYR I 92 -7.87 -19.83 48.29
N ARG I 93 -7.72 -20.18 49.57
CA ARG I 93 -6.80 -21.24 49.98
C ARG I 93 -7.61 -22.44 50.44
N THR I 94 -7.48 -23.55 49.71
CA THR I 94 -8.26 -24.75 50.00
C THR I 94 -7.63 -25.59 51.10
N SER J 2 -48.78 11.94 13.25
CA SER J 2 -49.12 13.21 13.91
C SER J 2 -48.54 14.39 13.15
N VAL J 3 -48.31 14.19 11.85
CA VAL J 3 -47.86 15.22 10.93
C VAL J 3 -48.93 15.39 9.86
N SER J 4 -49.31 16.63 9.61
CA SER J 4 -50.47 16.89 8.76
C SER J 4 -50.21 16.43 7.33
N SER J 5 -51.17 15.67 6.79
CA SER J 5 -51.10 15.07 5.47
C SER J 5 -51.71 15.95 4.38
N VAL J 6 -52.12 17.18 4.69
CA VAL J 6 -52.80 18.00 3.69
C VAL J 6 -51.80 18.98 3.07
N PRO J 7 -51.89 19.26 1.78
CA PRO J 7 -51.06 20.31 1.18
C PRO J 7 -51.38 21.67 1.79
N THR J 8 -50.40 22.57 1.76
CA THR J 8 -50.50 23.82 2.50
C THR J 8 -50.93 25.00 1.65
N LYS J 9 -50.25 25.30 0.55
CA LYS J 9 -50.56 26.52 -0.20
C LYS J 9 -50.93 26.14 -1.61
N LEU J 10 -52.15 26.47 -2.01
CA LEU J 10 -52.72 26.13 -3.30
C LEU J 10 -53.10 27.44 -3.94
N GLU J 11 -52.54 27.72 -5.12
CA GLU J 11 -52.64 29.03 -5.70
C GLU J 11 -52.53 28.92 -7.20
N VAL J 12 -53.07 29.91 -7.89
CA VAL J 12 -52.94 30.04 -9.34
C VAL J 12 -51.66 30.84 -9.58
N VAL J 13 -50.65 30.18 -10.14
CA VAL J 13 -49.36 30.84 -10.34
C VAL J 13 -49.34 31.60 -11.66
N ALA J 14 -49.88 31.00 -12.71
CA ALA J 14 -49.91 31.61 -14.02
C ALA J 14 -51.20 31.20 -14.72
N ALA J 15 -51.58 31.98 -15.72
CA ALA J 15 -52.83 31.72 -16.41
C ALA J 15 -52.69 32.20 -17.84
N THR J 16 -53.38 31.50 -18.75
CA THR J 16 -53.50 31.84 -20.15
C THR J 16 -54.97 31.84 -20.52
N PRO J 17 -55.36 32.49 -21.62
CA PRO J 17 -56.73 32.32 -22.09
C PRO J 17 -57.16 30.88 -22.25
N THR J 18 -56.22 29.94 -22.46
CA THR J 18 -56.59 28.55 -22.69
C THR J 18 -56.26 27.60 -21.54
N SER J 19 -55.29 27.94 -20.70
CA SER J 19 -54.86 27.04 -19.64
C SER J 19 -54.54 27.83 -18.37
N LEU J 20 -54.63 27.14 -17.23
CA LEU J 20 -54.32 27.70 -15.93
C LEU J 20 -53.33 26.76 -15.24
N LEU J 21 -52.39 27.33 -14.49
CA LEU J 21 -51.38 26.55 -13.76
C LEU J 21 -51.53 26.75 -12.26
N ILE J 22 -51.73 25.65 -11.53
CA ILE J 22 -51.87 25.66 -10.08
C ILE J 22 -50.60 25.07 -9.46
N SER J 23 -50.17 25.63 -8.33
CA SER J 23 -49.07 25.10 -7.55
C SER J 23 -49.50 24.87 -6.11
N TRP J 24 -48.99 23.81 -5.50
CA TRP J 24 -49.21 23.56 -4.08
C TRP J 24 -47.90 23.18 -3.41
N ASP J 25 -47.84 23.42 -2.10
CA ASP J 25 -46.73 22.99 -1.27
C ASP J 25 -47.05 21.61 -0.68
N ALA J 26 -46.13 20.67 -0.83
CA ALA J 26 -46.41 19.29 -0.49
C ALA J 26 -46.44 19.10 1.03
N PRO J 27 -47.18 18.12 1.51
CA PRO J 27 -47.08 17.73 2.93
C PRO J 27 -45.77 17.00 3.21
N ALA J 28 -45.37 17.02 4.48
CA ALA J 28 -44.11 16.38 4.87
C ALA J 28 -44.13 14.87 4.66
N VAL J 29 -45.32 14.28 4.52
CA VAL J 29 -45.39 12.83 4.30
C VAL J 29 -45.10 12.51 2.83
N THR J 30 -44.44 11.39 2.60
CA THR J 30 -44.25 10.88 1.24
C THR J 30 -45.61 10.64 0.59
N VAL J 31 -45.88 11.37 -0.49
CA VAL J 31 -47.20 11.36 -1.12
C VAL J 31 -47.22 10.28 -2.19
N TYR J 32 -48.19 9.37 -2.08
CA TYR J 32 -48.35 8.27 -3.03
C TYR J 32 -48.96 8.76 -4.34
N LEU J 33 -50.00 9.59 -4.25
CA LEU J 33 -50.70 10.11 -5.41
C LEU J 33 -51.36 11.43 -5.03
N TYR J 34 -51.55 12.28 -6.03
CA TYR J 34 -52.38 13.47 -5.91
C TYR J 34 -53.58 13.32 -6.83
N VAL J 35 -54.76 13.65 -6.31
CA VAL J 35 -56.00 13.68 -7.09
C VAL J 35 -56.50 15.12 -7.11
N ILE J 36 -56.68 15.66 -8.32
CA ILE J 36 -57.13 17.03 -8.49
C ILE J 36 -58.54 17.03 -9.07
N THR J 37 -59.46 17.71 -8.41
CA THR J 37 -60.83 17.88 -8.87
C THR J 37 -61.15 19.36 -9.06
N TYR J 38 -61.64 19.71 -10.25
CA TYR J 38 -62.07 21.07 -10.54
C TYR J 38 -63.44 21.04 -11.20
N GLY J 39 -64.30 22.00 -10.87
CA GLY J 39 -65.61 22.08 -11.50
C GLY J 39 -66.23 23.45 -11.41
N GLU J 40 -67.25 23.65 -12.25
CA GLU J 40 -68.00 24.90 -12.28
C GLU J 40 -68.92 25.01 -11.07
N THR J 41 -68.94 26.19 -10.45
CA THR J 41 -69.68 26.38 -9.20
C THR J 41 -71.19 26.12 -9.33
N GLY J 42 -71.84 26.56 -10.40
CA GLY J 42 -73.30 26.47 -10.49
C GLY J 42 -73.89 25.53 -11.53
N GLY J 43 -75.13 25.12 -11.26
CA GLY J 43 -75.97 24.23 -12.05
C GLY J 43 -75.55 22.83 -12.44
N ASN J 44 -75.39 21.93 -11.46
CA ASN J 44 -75.06 20.53 -11.74
C ASN J 44 -73.86 20.39 -12.67
N SER J 45 -72.83 21.15 -12.40
CA SER J 45 -71.73 20.99 -13.33
C SER J 45 -70.89 19.77 -12.92
N PRO J 46 -70.42 18.97 -13.87
CA PRO J 46 -69.65 17.78 -13.48
C PRO J 46 -68.33 18.17 -12.84
N VAL J 47 -67.97 17.44 -11.80
CA VAL J 47 -66.64 17.63 -11.21
C VAL J 47 -65.67 16.91 -12.12
N GLN J 48 -64.61 17.58 -12.52
CA GLN J 48 -63.59 16.94 -13.34
C GLN J 48 -62.45 16.50 -12.43
N GLU J 49 -61.92 15.31 -12.69
CA GLU J 49 -60.88 14.74 -11.85
C GLU J 49 -59.77 14.11 -12.69
N PHE J 50 -58.53 14.46 -12.37
CA PHE J 50 -57.37 13.80 -12.93
C PHE J 50 -56.35 13.56 -11.82
N GLU J 51 -55.41 12.66 -12.09
CA GLU J 51 -54.38 12.30 -11.13
C GLU J 51 -53.04 12.84 -11.59
N VAL J 52 -52.23 13.30 -10.64
CA VAL J 52 -50.85 13.66 -10.94
C VAL J 52 -49.96 12.88 -9.99
N PRO J 53 -48.72 12.58 -10.37
CA PRO J 53 -47.84 11.78 -9.51
C PRO J 53 -47.54 12.47 -8.20
N GLY J 54 -47.25 11.66 -7.17
CA GLY J 54 -46.96 12.20 -5.86
C GLY J 54 -45.70 13.04 -5.81
N SER J 55 -44.82 12.90 -6.80
CA SER J 55 -43.62 13.71 -6.87
C SER J 55 -43.88 15.11 -7.43
N LYS J 56 -45.01 15.33 -8.10
CA LYS J 56 -45.26 16.61 -8.75
C LYS J 56 -46.01 17.55 -7.81
N SER J 57 -45.64 18.83 -7.86
CA SER J 57 -46.23 19.87 -7.03
C SER J 57 -46.99 20.91 -7.85
N THR J 58 -47.19 20.66 -9.13
CA THR J 58 -47.89 21.59 -10.02
C THR J 58 -48.84 20.80 -10.91
N ALA J 59 -49.84 21.51 -11.44
CA ALA J 59 -50.80 20.89 -12.34
C ALA J 59 -51.32 21.94 -13.31
N THR J 60 -51.85 21.47 -14.43
CA THR J 60 -52.39 22.33 -15.46
C THR J 60 -53.86 21.97 -15.67
N ILE J 61 -54.74 22.96 -15.52
CA ILE J 61 -56.16 22.80 -15.78
C ILE J 61 -56.52 23.60 -17.03
N SER J 62 -57.17 22.95 -17.98
CA SER J 62 -57.51 23.61 -19.23
C SER J 62 -59.00 23.51 -19.47
N GLY J 63 -59.47 24.33 -20.41
CA GLY J 63 -60.88 24.32 -20.75
C GLY J 63 -61.77 25.14 -19.85
N LEU J 64 -61.22 26.07 -19.07
CA LEU J 64 -62.05 26.87 -18.19
C LEU J 64 -62.63 28.06 -18.95
N LYS J 65 -63.79 28.52 -18.49
CA LYS J 65 -64.47 29.68 -19.08
C LYS J 65 -64.10 30.96 -18.34
N PRO J 66 -63.95 32.06 -19.07
CA PRO J 66 -63.55 33.33 -18.43
C PRO J 66 -64.70 33.92 -17.63
N GLY J 67 -64.36 34.50 -16.49
CA GLY J 67 -65.32 35.16 -15.63
C GLY J 67 -66.24 34.23 -14.86
N VAL J 68 -65.88 32.95 -14.74
CA VAL J 68 -66.71 31.97 -14.05
C VAL J 68 -65.98 31.50 -12.80
N ASP J 69 -66.75 31.23 -11.75
CA ASP J 69 -66.19 30.71 -10.50
C ASP J 69 -66.00 29.20 -10.58
N TYR J 70 -64.78 28.74 -10.34
CA TYR J 70 -64.44 27.33 -10.33
C TYR J 70 -63.96 26.93 -8.95
N THR J 71 -64.18 25.68 -8.58
CA THR J 71 -63.67 25.13 -7.33
C THR J 71 -62.57 24.12 -7.66
N ILE J 72 -61.35 24.39 -7.21
CA ILE J 72 -60.19 23.58 -7.52
C ILE J 72 -59.69 22.96 -6.23
N THR J 73 -59.55 21.63 -6.22
CA THR J 73 -59.16 20.89 -5.04
C THR J 73 -58.04 19.91 -5.34
N VAL J 74 -57.05 19.85 -4.45
CA VAL J 74 -55.97 18.88 -4.54
C VAL J 74 -56.10 17.91 -3.38
N TYR J 75 -56.20 16.62 -3.69
CA TYR J 75 -56.28 15.55 -2.71
C TYR J 75 -54.96 14.81 -2.66
N ALA J 76 -54.41 14.66 -1.46
CA ALA J 76 -53.09 14.07 -1.27
C ALA J 76 -53.26 12.72 -0.60
N SER J 77 -52.73 11.67 -1.24
CA SER J 77 -52.77 10.33 -0.71
C SER J 77 -51.43 10.06 -0.04
N SER J 78 -51.50 9.56 1.20
CA SER J 78 -50.29 9.30 1.98
C SER J 78 -50.51 8.00 2.76
N LYS J 79 -49.55 7.70 3.64
CA LYS J 79 -49.65 6.47 4.42
C LYS J 79 -50.91 6.46 5.28
N HIS J 80 -51.24 7.60 5.89
CA HIS J 80 -52.36 7.68 6.82
C HIS J 80 -53.56 8.46 6.27
N SER J 81 -53.55 8.79 4.97
CA SER J 81 -54.66 9.51 4.35
C SER J 81 -55.17 8.70 3.16
N SER J 82 -56.48 8.47 3.12
CA SER J 82 -57.09 7.77 2.00
C SER J 82 -57.11 8.65 0.76
N ARG J 83 -57.71 8.12 -0.31
CA ARG J 83 -57.73 8.83 -1.59
C ARG J 83 -58.32 10.22 -1.45
N TYR J 84 -59.51 10.32 -0.87
CA TYR J 84 -60.21 11.59 -0.78
C TYR J 84 -60.20 12.17 0.63
N ALA J 85 -59.14 11.91 1.39
CA ALA J 85 -58.97 12.68 2.60
C ALA J 85 -57.96 13.79 2.28
N SER J 86 -57.33 14.35 3.31
CA SER J 86 -56.42 15.50 3.23
C SER J 86 -56.63 16.34 1.98
N PRO J 87 -57.70 17.13 1.90
CA PRO J 87 -57.90 17.96 0.71
C PRO J 87 -57.56 19.42 0.94
N ILE J 88 -56.97 20.06 -0.06
CA ILE J 88 -56.82 21.51 -0.08
C ILE J 88 -57.60 22.02 -1.28
N SER J 89 -58.52 22.95 -1.03
CA SER J 89 -59.40 23.47 -2.08
C SER J 89 -59.36 24.99 -2.06
N ILE J 90 -59.61 25.57 -3.23
CA ILE J 90 -59.76 27.01 -3.37
C ILE J 90 -60.94 27.26 -4.30
N ASN J 91 -61.45 28.49 -4.27
CA ASN J 91 -62.46 28.93 -5.20
C ASN J 91 -61.84 30.07 -5.97
N TYR J 92 -62.00 30.04 -7.29
CA TYR J 92 -61.31 30.97 -8.16
C TYR J 92 -62.24 31.47 -9.25
N ARG J 93 -62.09 32.76 -9.55
CA ARG J 93 -62.78 33.43 -10.64
C ARG J 93 -61.79 33.67 -11.76
N THR J 94 -62.08 33.14 -12.93
CA THR J 94 -61.15 33.23 -14.04
C THR J 94 -61.18 34.62 -14.66
N SER K 2 32.95 -7.95 0.43
CA SER K 2 32.69 -6.97 1.49
C SER K 2 33.98 -6.58 2.19
N VAL K 3 33.85 -5.93 3.34
CA VAL K 3 34.99 -5.54 4.15
C VAL K 3 34.92 -6.30 5.47
N SER K 4 36.08 -6.55 6.06
CA SER K 4 36.13 -7.36 7.27
C SER K 4 35.51 -6.61 8.43
N SER K 5 34.87 -7.36 9.33
CA SER K 5 34.25 -6.79 10.52
C SER K 5 35.12 -6.99 11.76
N VAL K 6 36.34 -7.49 11.60
CA VAL K 6 37.20 -7.78 12.74
C VAL K 6 38.17 -6.62 12.92
N PRO K 7 38.56 -6.29 14.14
CA PRO K 7 39.64 -5.31 14.32
C PRO K 7 40.93 -5.83 13.70
N THR K 8 41.79 -4.90 13.29
CA THR K 8 42.90 -5.25 12.41
C THR K 8 44.22 -5.46 13.16
N LYS K 9 44.69 -4.46 13.89
CA LYS K 9 46.02 -4.51 14.47
C LYS K 9 45.89 -4.27 15.95
N LEU K 10 46.29 -5.26 16.75
CA LEU K 10 46.08 -5.24 18.19
C LEU K 10 47.44 -5.37 18.86
N GLU K 11 47.78 -4.40 19.70
CA GLU K 11 49.10 -4.31 20.27
C GLU K 11 49.00 -3.61 21.60
N VAL K 12 49.96 -3.89 22.47
CA VAL K 12 50.05 -3.21 23.76
C VAL K 12 50.90 -1.97 23.54
N VAL K 13 50.26 -0.81 23.67
CA VAL K 13 50.91 0.46 23.37
C VAL K 13 51.72 0.96 24.55
N ALA K 14 51.18 0.83 25.76
CA ALA K 14 51.85 1.27 26.96
C ALA K 14 51.54 0.27 28.06
N ALA K 15 52.41 0.24 29.07
CA ALA K 15 52.27 -0.80 30.08
C ALA K 15 52.84 -0.32 31.41
N THR K 16 52.29 -0.88 32.47
CA THR K 16 52.72 -0.78 33.85
C THR K 16 52.87 -2.22 34.32
N PRO K 17 53.60 -2.47 35.41
CA PRO K 17 53.64 -3.85 35.94
C PRO K 17 52.27 -4.46 36.20
N THR K 18 51.25 -3.64 36.49
CA THR K 18 49.93 -4.14 36.82
C THR K 18 48.87 -3.86 35.76
N SER K 19 49.12 -2.95 34.81
CA SER K 19 48.08 -2.53 33.87
C SER K 19 48.62 -2.49 32.44
N LEU K 20 47.71 -2.66 31.49
CA LEU K 20 48.02 -2.64 30.07
C LEU K 20 47.06 -1.70 29.34
N LEU K 21 47.58 -1.04 28.31
CA LEU K 21 46.75 -0.26 27.39
C LEU K 21 46.86 -0.89 26.02
N ILE K 22 45.73 -1.35 25.47
CA ILE K 22 45.68 -2.02 24.19
C ILE K 22 45.09 -1.06 23.16
N SER K 23 45.63 -1.12 21.94
CA SER K 23 45.11 -0.36 20.82
C SER K 23 44.79 -1.30 19.67
N TRP K 24 43.70 -1.00 18.97
CA TRP K 24 43.35 -1.73 17.76
C TRP K 24 42.94 -0.75 16.69
N ASP K 25 43.06 -1.19 15.43
CA ASP K 25 42.53 -0.44 14.31
C ASP K 25 41.10 -0.91 14.05
N ALA K 26 40.17 0.03 14.01
CA ALA K 26 38.78 -0.34 13.99
C ALA K 26 38.40 -0.94 12.64
N PRO K 27 37.40 -1.81 12.60
CA PRO K 27 36.85 -2.24 11.31
C PRO K 27 36.04 -1.13 10.65
N ALA K 28 35.92 -1.23 9.33
CA ALA K 28 35.20 -0.20 8.57
C ALA K 28 33.72 -0.17 8.90
N VAL K 29 33.18 -1.23 9.51
CA VAL K 29 31.77 -1.25 9.84
C VAL K 29 31.51 -0.40 11.08
N THR K 30 30.36 0.27 11.12
CA THR K 30 29.94 0.97 12.33
C THR K 30 29.80 -0.01 13.48
N VAL K 31 30.65 0.16 14.49
CA VAL K 31 30.74 -0.82 15.59
C VAL K 31 29.80 -0.40 16.71
N TYR K 32 28.95 -1.34 17.13
CA TYR K 32 27.99 -1.07 18.20
C TYR K 32 28.68 -1.08 19.57
N LEU K 33 29.50 -2.09 19.84
CA LEU K 33 30.26 -2.15 21.09
C LEU K 33 31.45 -3.06 20.86
N TYR K 34 32.46 -2.90 21.71
CA TYR K 34 33.58 -3.84 21.78
C TYR K 34 33.53 -4.60 23.10
N VAL K 35 33.74 -5.91 23.03
CA VAL K 35 33.85 -6.75 24.21
C VAL K 35 35.28 -7.28 24.27
N ILE K 36 35.96 -7.02 25.38
CA ILE K 36 37.36 -7.41 25.57
C ILE K 36 37.42 -8.50 26.63
N THR K 37 38.09 -9.61 26.31
CA THR K 37 38.30 -10.70 27.24
C THR K 37 39.80 -10.85 27.49
N TYR K 38 40.19 -10.87 28.77
CA TYR K 38 41.57 -11.07 29.15
C TYR K 38 41.66 -12.16 30.22
N GLY K 39 42.68 -12.99 30.12
CA GLY K 39 42.94 -14.02 31.10
C GLY K 39 44.38 -14.46 31.00
N GLU K 40 44.82 -15.18 32.03
CA GLU K 40 46.19 -15.67 32.03
C GLU K 40 46.33 -16.82 31.04
N THR K 41 47.36 -16.76 30.21
CA THR K 41 47.62 -17.84 29.26
C THR K 41 47.85 -19.15 30.00
N GLY K 42 47.05 -20.15 29.64
CA GLY K 42 47.00 -21.45 30.30
C GLY K 42 46.80 -21.45 31.80
N GLY K 43 46.04 -20.49 32.35
CA GLY K 43 45.81 -20.45 33.78
C GLY K 43 44.53 -21.19 34.18
N ASN K 44 44.38 -21.40 35.49
CA ASN K 44 43.20 -22.06 36.03
C ASN K 44 42.03 -21.11 36.22
N SER K 45 42.27 -19.86 36.11
CA SER K 45 41.28 -18.84 36.41
C SER K 45 40.34 -18.60 35.24
N PRO K 46 39.07 -18.34 35.53
CA PRO K 46 38.11 -18.00 34.48
C PRO K 46 38.46 -16.68 33.82
N VAL K 47 38.09 -16.55 32.55
CA VAL K 47 38.42 -15.36 31.77
C VAL K 47 37.62 -14.17 32.26
N GLN K 48 38.28 -13.01 32.29
CA GLN K 48 37.66 -11.72 32.63
C GLN K 48 37.24 -10.98 31.36
N GLU K 49 36.08 -10.32 31.43
CA GLU K 49 35.48 -9.66 30.28
C GLU K 49 34.91 -8.29 30.67
N PHE K 50 35.20 -7.28 29.86
CA PHE K 50 34.53 -5.98 29.98
C PHE K 50 34.15 -5.45 28.61
N GLU K 51 33.25 -4.46 28.60
CA GLU K 51 32.75 -3.83 27.38
C GLU K 51 33.23 -2.39 27.29
N VAL K 52 33.57 -1.96 26.07
CA VAL K 52 33.90 -0.55 25.81
C VAL K 52 33.06 -0.03 24.63
N PRO K 53 32.80 1.27 24.55
CA PRO K 53 31.97 1.80 23.47
C PRO K 53 32.57 1.58 22.10
N GLY K 54 31.68 1.49 21.09
CA GLY K 54 32.10 1.25 19.72
C GLY K 54 32.91 2.37 19.10
N SER K 55 32.83 3.57 19.66
CA SER K 55 33.63 4.69 19.15
C SER K 55 35.08 4.61 19.58
N LYS K 56 35.38 3.79 20.59
CA LYS K 56 36.72 3.73 21.18
C LYS K 56 37.58 2.70 20.46
N SER K 57 38.86 3.05 20.28
CA SER K 57 39.83 2.16 19.64
C SER K 57 40.93 1.72 20.60
N THR K 58 40.79 2.05 21.89
CA THR K 58 41.76 1.67 22.91
C THR K 58 41.01 1.23 24.15
N ALA K 59 41.69 0.46 24.99
CA ALA K 59 41.12 0.00 26.24
C ALA K 59 42.25 -0.20 27.24
N THR K 60 41.89 -0.17 28.51
CA THR K 60 42.86 -0.34 29.60
C THR K 60 42.46 -1.53 30.45
N ILE K 61 43.40 -2.44 30.66
CA ILE K 61 43.21 -3.60 31.52
C ILE K 61 44.07 -3.39 32.76
N SER K 62 43.45 -3.49 33.94
CA SER K 62 44.13 -3.20 35.19
C SER K 62 43.99 -4.40 36.12
N GLY K 63 44.78 -4.39 37.19
CA GLY K 63 44.73 -5.46 38.16
C GLY K 63 45.52 -6.69 37.78
N LEU K 64 46.42 -6.58 36.81
CA LEU K 64 47.17 -7.71 36.31
C LEU K 64 48.39 -8.00 37.19
N LYS K 65 48.85 -9.26 37.14
CA LYS K 65 50.04 -9.70 37.85
C LYS K 65 51.28 -9.58 36.96
N PRO K 66 52.41 -9.16 37.53
CA PRO K 66 53.60 -8.86 36.72
C PRO K 66 54.30 -10.11 36.21
N GLY K 67 54.98 -9.95 35.08
CA GLY K 67 55.77 -11.03 34.50
C GLY K 67 54.98 -12.23 34.05
N VAL K 68 53.67 -12.07 33.83
CA VAL K 68 52.78 -13.16 33.47
C VAL K 68 52.34 -12.97 32.02
N ASP K 69 52.19 -14.08 31.30
CA ASP K 69 51.70 -14.05 29.93
C ASP K 69 50.17 -14.03 29.92
N TYR K 70 49.60 -13.01 29.27
CA TYR K 70 48.15 -12.86 29.17
C TYR K 70 47.71 -12.98 27.72
N THR K 71 46.49 -13.48 27.54
CA THR K 71 45.84 -13.56 26.23
C THR K 71 44.67 -12.59 26.21
N ILE K 72 44.71 -11.63 25.28
CA ILE K 72 43.74 -10.54 25.20
C ILE K 72 42.99 -10.65 23.89
N THR K 73 41.66 -10.59 23.95
CA THR K 73 40.81 -10.71 22.77
C THR K 73 39.83 -9.55 22.71
N VAL K 74 39.70 -8.94 21.54
CA VAL K 74 38.75 -7.85 21.30
C VAL K 74 37.68 -8.36 20.35
N TYR K 75 36.42 -8.29 20.79
CA TYR K 75 35.27 -8.70 20.01
C TYR K 75 34.48 -7.47 19.58
N ALA K 76 34.22 -7.35 18.28
CA ALA K 76 33.56 -6.18 17.72
C ALA K 76 32.18 -6.56 17.21
N SER K 77 31.15 -5.88 17.71
CA SER K 77 29.76 -6.10 17.29
C SER K 77 29.34 -5.02 16.29
N SER K 78 28.74 -5.47 15.19
CA SER K 78 28.29 -4.57 14.13
C SER K 78 26.99 -5.14 13.55
N LYS K 79 26.55 -4.56 12.42
CA LYS K 79 25.34 -5.04 11.77
C LYS K 79 25.44 -6.53 11.45
N HIS K 80 26.59 -6.98 10.96
CA HIS K 80 26.75 -8.34 10.50
C HIS K 80 27.65 -9.17 11.41
N SER K 81 27.99 -8.65 12.59
CA SER K 81 28.80 -9.37 13.56
C SER K 81 28.03 -9.43 14.88
N SER K 82 27.80 -10.64 15.37
CA SER K 82 27.14 -10.83 16.65
C SER K 82 28.15 -10.54 17.77
N ARG K 83 27.72 -10.73 19.03
CA ARG K 83 28.55 -10.33 20.17
C ARG K 83 29.94 -10.95 20.13
N TYR K 84 30.02 -12.28 20.07
CA TYR K 84 31.32 -12.95 20.14
C TYR K 84 31.76 -13.53 18.80
N ALA K 85 31.33 -12.90 17.71
CA ALA K 85 31.90 -13.18 16.40
C ALA K 85 32.90 -12.07 16.07
N SER K 86 33.75 -12.36 15.09
CA SER K 86 34.82 -11.44 14.70
C SER K 86 35.75 -11.16 15.87
N PRO K 87 36.61 -12.11 16.26
CA PRO K 87 37.54 -11.86 17.36
C PRO K 87 38.97 -11.63 16.88
N ILE K 88 39.69 -10.72 17.53
CA ILE K 88 41.13 -10.57 17.35
C ILE K 88 41.81 -10.80 18.68
N SER K 89 42.83 -11.66 18.70
CA SER K 89 43.54 -12.00 19.93
C SER K 89 45.03 -11.76 19.76
N ILE K 90 45.68 -11.40 20.86
CA ILE K 90 47.13 -11.26 20.93
C ILE K 90 47.59 -11.85 22.26
N ASN K 91 48.89 -12.08 22.37
CA ASN K 91 49.50 -12.52 23.60
C ASN K 91 50.53 -11.48 24.02
N TYR K 92 50.56 -11.17 25.32
CA TYR K 92 51.47 -10.16 25.85
C TYR K 92 52.02 -10.64 27.19
N ARG K 93 53.30 -10.34 27.43
CA ARG K 93 53.95 -10.64 28.70
C ARG K 93 54.14 -9.33 29.45
N THR K 94 53.47 -9.20 30.59
CA THR K 94 53.54 -7.98 31.37
C THR K 94 54.76 -8.01 32.29
N GLY L 1 17.12 9.48 -20.85
CA GLY L 1 16.15 9.72 -21.90
C GLY L 1 14.90 10.44 -21.41
N SER L 2 13.95 10.68 -22.31
CA SER L 2 12.71 11.35 -21.97
C SER L 2 11.64 10.94 -22.96
N VAL L 3 10.44 10.63 -22.47
CA VAL L 3 9.40 10.10 -23.33
C VAL L 3 8.47 11.25 -23.73
N SER L 4 7.51 10.98 -24.62
CA SER L 4 6.76 12.05 -25.30
C SER L 4 5.86 12.85 -24.37
N SER L 5 5.09 12.17 -23.51
CA SER L 5 4.09 12.75 -22.59
C SER L 5 2.87 13.30 -23.32
N VAL L 6 2.84 13.24 -24.65
CA VAL L 6 1.71 13.75 -25.44
C VAL L 6 1.02 12.56 -26.12
N PRO L 7 -0.31 12.56 -26.28
CA PRO L 7 -0.96 11.49 -27.05
C PRO L 7 -0.47 11.48 -28.48
N THR L 8 -0.46 10.29 -29.09
CA THR L 8 0.22 10.09 -30.35
C THR L 8 -0.71 10.07 -31.56
N LYS L 9 -1.74 9.22 -31.54
CA LYS L 9 -2.58 9.03 -32.72
C LYS L 9 -4.02 9.29 -32.30
N LEU L 10 -4.61 10.34 -32.88
CA LEU L 10 -5.92 10.84 -32.49
C LEU L 10 -6.81 10.79 -33.72
N GLU L 11 -7.93 10.10 -33.62
CA GLU L 11 -8.76 9.82 -34.77
C GLU L 11 -10.19 9.60 -34.30
N VAL L 12 -11.13 9.83 -35.21
CA VAL L 12 -12.53 9.52 -34.95
C VAL L 12 -12.75 8.09 -35.41
N VAL L 13 -13.03 7.20 -34.46
CA VAL L 13 -13.17 5.78 -34.77
C VAL L 13 -14.58 5.47 -35.27
N ALA L 14 -15.60 6.06 -34.65
CA ALA L 14 -16.98 5.86 -35.06
C ALA L 14 -17.71 7.19 -34.89
N ALA L 15 -18.78 7.37 -35.67
CA ALA L 15 -19.45 8.66 -35.66
C ALA L 15 -20.90 8.52 -36.10
N THR L 16 -21.73 9.45 -35.63
CA THR L 16 -23.09 9.65 -36.05
C THR L 16 -23.23 11.12 -36.43
N PRO L 17 -24.31 11.50 -37.09
CA PRO L 17 -24.52 12.93 -37.34
C PRO L 17 -24.43 13.78 -36.10
N THR L 18 -24.74 13.22 -34.93
CA THR L 18 -24.77 14.00 -33.71
C THR L 18 -23.65 13.69 -32.71
N SER L 19 -23.02 12.52 -32.80
CA SER L 19 -22.00 12.14 -31.83
C SER L 19 -20.85 11.43 -32.53
N LEU L 20 -19.66 11.57 -31.96
CA LEU L 20 -18.46 10.94 -32.49
C LEU L 20 -17.67 10.30 -31.34
N LEU L 21 -16.92 9.25 -31.69
CA LEU L 21 -15.99 8.58 -30.78
C LEU L 21 -14.56 8.84 -31.21
N ILE L 22 -13.77 9.43 -30.32
CA ILE L 22 -12.37 9.72 -30.58
C ILE L 22 -11.53 8.72 -29.79
N SER L 23 -10.46 8.23 -30.42
CA SER L 23 -9.49 7.36 -29.76
C SER L 23 -8.09 7.93 -29.93
N TRP L 24 -7.28 7.76 -28.90
CA TRP L 24 -5.87 8.12 -28.97
C TRP L 24 -5.02 7.02 -28.38
N ASP L 25 -3.75 7.00 -28.77
CA ASP L 25 -2.78 6.13 -28.12
C ASP L 25 -2.18 6.92 -26.96
N ALA L 26 -2.23 6.35 -25.77
CA ALA L 26 -1.90 7.09 -24.57
C ALA L 26 -0.40 7.35 -24.50
N PRO L 27 0.02 8.39 -23.78
CA PRO L 27 1.45 8.59 -23.56
C PRO L 27 2.01 7.54 -22.61
N ALA L 28 3.30 7.26 -22.77
CA ALA L 28 4.03 6.31 -21.93
C ALA L 28 4.18 6.79 -20.47
N VAL L 29 3.51 7.87 -20.08
CA VAL L 29 3.55 8.42 -18.73
C VAL L 29 2.21 8.17 -18.06
N THR L 30 2.25 7.97 -16.75
CA THR L 30 1.03 7.90 -15.96
C THR L 30 0.23 9.20 -16.10
N VAL L 31 -0.96 9.10 -16.70
CA VAL L 31 -1.77 10.27 -17.03
C VAL L 31 -2.73 10.54 -15.88
N TYR L 32 -2.71 11.77 -15.35
CA TYR L 32 -3.60 12.12 -14.25
C TYR L 32 -5.03 12.31 -14.74
N LEU L 33 -5.21 13.08 -15.81
CA LEU L 33 -6.52 13.27 -16.40
C LEU L 33 -6.33 13.71 -17.85
N TYR L 34 -7.38 13.52 -18.64
CA TYR L 34 -7.45 14.04 -19.99
C TYR L 34 -8.48 15.16 -20.04
N VAL L 35 -8.13 16.26 -20.71
CA VAL L 35 -9.05 17.36 -20.95
C VAL L 35 -9.28 17.45 -22.45
N ILE L 36 -10.54 17.34 -22.86
CA ILE L 36 -10.92 17.37 -24.26
C ILE L 36 -11.69 18.66 -24.51
N THR L 37 -11.26 19.41 -25.52
CA THR L 37 -11.95 20.62 -25.94
C THR L 37 -12.43 20.43 -27.37
N TYR L 38 -13.72 20.67 -27.59
CA TYR L 38 -14.31 20.62 -28.92
C TYR L 38 -15.09 21.89 -29.16
N GLY L 39 -14.99 22.40 -30.39
CA GLY L 39 -15.67 23.59 -30.84
C GLY L 39 -15.74 23.59 -32.34
N GLU L 40 -16.53 24.52 -32.87
CA GLU L 40 -16.63 24.68 -34.31
C GLU L 40 -15.31 25.23 -34.84
N THR L 41 -14.86 24.70 -35.99
CA THR L 41 -13.57 25.07 -36.56
C THR L 41 -13.48 26.58 -36.72
N GLY L 42 -14.20 27.14 -37.68
CA GLY L 42 -14.25 28.58 -37.76
C GLY L 42 -15.34 28.96 -36.77
N GLY L 43 -14.97 29.35 -35.56
CA GLY L 43 -15.96 29.59 -34.53
C GLY L 43 -15.68 30.79 -33.64
N ASN L 44 -16.75 31.53 -33.35
CA ASN L 44 -16.74 32.71 -32.51
C ASN L 44 -17.10 32.41 -31.06
N SER L 45 -17.65 31.23 -30.77
CA SER L 45 -18.13 30.68 -29.52
C SER L 45 -16.99 30.01 -28.76
N PRO L 46 -16.98 30.14 -27.44
CA PRO L 46 -15.94 29.46 -26.65
C PRO L 46 -16.07 27.95 -26.77
N VAL L 47 -14.93 27.28 -26.66
CA VAL L 47 -14.88 25.83 -26.82
C VAL L 47 -15.55 25.15 -25.63
N GLN L 48 -16.20 24.02 -25.90
CA GLN L 48 -16.72 23.16 -24.85
C GLN L 48 -15.60 22.25 -24.39
N GLU L 49 -15.54 22.01 -23.08
CA GLU L 49 -14.44 21.27 -22.48
C GLU L 49 -14.98 20.26 -21.48
N PHE L 50 -14.53 19.02 -21.59
CA PHE L 50 -14.82 18.02 -20.57
C PHE L 50 -13.55 17.22 -20.28
N GLU L 51 -13.58 16.52 -19.16
CA GLU L 51 -12.48 15.70 -18.70
C GLU L 51 -12.88 14.23 -18.74
N VAL L 52 -11.93 13.36 -19.07
CA VAL L 52 -12.13 11.92 -18.94
C VAL L 52 -11.00 11.36 -18.08
N PRO L 53 -11.21 10.24 -17.38
CA PRO L 53 -10.16 9.73 -16.48
C PRO L 53 -8.90 9.32 -17.24
N GLY L 54 -7.78 9.38 -16.53
CA GLY L 54 -6.49 9.08 -17.15
C GLY L 54 -6.31 7.66 -17.61
N SER L 55 -7.11 6.72 -17.10
CA SER L 55 -7.02 5.33 -17.53
C SER L 55 -7.68 5.07 -18.88
N LYS L 56 -8.50 6.01 -19.35
CA LYS L 56 -9.28 5.82 -20.58
C LYS L 56 -8.48 6.28 -21.78
N SER L 57 -8.64 5.57 -22.90
CA SER L 57 -7.99 5.93 -24.15
C SER L 57 -9.00 6.34 -25.22
N THR L 58 -10.27 6.45 -24.86
CA THR L 58 -11.34 6.84 -25.78
C THR L 58 -12.28 7.80 -25.07
N ALA L 59 -13.02 8.58 -25.87
CA ALA L 59 -13.98 9.53 -25.35
C ALA L 59 -15.10 9.72 -26.36
N THR L 60 -16.24 10.20 -25.87
CA THR L 60 -17.43 10.43 -26.70
C THR L 60 -17.85 11.89 -26.61
N ILE L 61 -18.05 12.52 -27.76
CA ILE L 61 -18.52 13.90 -27.84
C ILE L 61 -19.95 13.90 -28.37
N SER L 62 -20.85 14.57 -27.67
CA SER L 62 -22.27 14.62 -27.98
C SER L 62 -22.73 16.07 -28.14
N GLY L 63 -23.95 16.23 -28.65
CA GLY L 63 -24.51 17.56 -28.82
C GLY L 63 -24.08 18.28 -30.07
N LEU L 64 -23.52 17.55 -31.04
CA LEU L 64 -23.02 18.16 -32.26
C LEU L 64 -24.14 18.35 -33.28
N LYS L 65 -23.90 19.26 -34.22
CA LYS L 65 -24.79 19.53 -35.35
C LYS L 65 -24.42 18.60 -36.51
N PRO L 66 -25.41 18.12 -37.27
CA PRO L 66 -25.15 17.06 -38.26
C PRO L 66 -24.39 17.50 -39.50
N GLY L 67 -23.92 18.74 -39.61
CA GLY L 67 -23.17 19.09 -40.79
C GLY L 67 -22.02 20.06 -40.59
N VAL L 68 -21.52 20.14 -39.36
CA VAL L 68 -20.52 21.13 -38.98
C VAL L 68 -19.17 20.46 -38.77
N ASP L 69 -18.11 21.15 -39.17
CA ASP L 69 -16.73 20.74 -38.97
C ASP L 69 -16.28 21.20 -37.58
N TYR L 70 -15.79 20.26 -36.78
CA TYR L 70 -15.40 20.56 -35.41
C TYR L 70 -13.89 20.40 -35.26
N THR L 71 -13.31 21.15 -34.33
CA THR L 71 -11.90 21.03 -33.98
C THR L 71 -11.79 20.43 -32.60
N ILE L 72 -11.11 19.29 -32.50
CA ILE L 72 -11.05 18.50 -31.29
C ILE L 72 -9.61 18.46 -30.78
N THR L 73 -9.43 18.75 -29.49
CA THR L 73 -8.12 18.77 -28.86
C THR L 73 -8.16 17.91 -27.60
N VAL L 74 -7.14 17.08 -27.42
CA VAL L 74 -6.99 16.24 -26.23
C VAL L 74 -5.78 16.73 -25.46
N TYR L 75 -5.99 17.10 -24.19
CA TYR L 75 -4.94 17.57 -23.30
C TYR L 75 -4.68 16.54 -22.21
N ALA L 76 -3.41 16.13 -22.06
CA ALA L 76 -3.03 15.09 -21.11
C ALA L 76 -2.20 15.70 -19.99
N SER L 77 -2.64 15.51 -18.75
CA SER L 77 -1.94 15.99 -17.57
C SER L 77 -1.14 14.86 -16.93
N SER L 78 0.13 15.13 -16.63
CA SER L 78 1.01 14.14 -16.02
C SER L 78 1.94 14.87 -15.06
N LYS L 79 2.97 14.15 -14.58
CA LYS L 79 3.91 14.73 -13.61
C LYS L 79 4.58 15.99 -14.15
N HIS L 80 5.05 15.95 -15.39
CA HIS L 80 5.79 17.06 -15.97
C HIS L 80 5.04 17.76 -17.09
N SER L 81 3.75 17.45 -17.24
CA SER L 81 2.89 18.07 -18.24
C SER L 81 1.73 18.70 -17.49
N SER L 82 1.55 20.00 -17.68
CA SER L 82 0.45 20.73 -17.06
C SER L 82 -0.86 20.40 -17.78
N ARG L 83 -1.94 21.06 -17.33
CA ARG L 83 -3.26 20.78 -17.88
C ARG L 83 -3.26 20.93 -19.39
N TYR L 84 -2.79 22.06 -19.90
CA TYR L 84 -2.83 22.37 -21.32
C TYR L 84 -1.43 22.30 -21.95
N ALA L 85 -0.64 21.28 -21.61
CA ALA L 85 0.67 21.11 -22.23
C ALA L 85 0.73 20.12 -23.39
N SER L 86 -0.33 19.37 -23.67
CA SER L 86 -0.27 18.40 -24.76
C SER L 86 -1.19 18.83 -25.90
N PRO L 87 -0.66 19.28 -27.04
CA PRO L 87 -1.52 19.78 -28.11
C PRO L 87 -1.73 18.85 -29.29
N ILE L 88 -2.39 17.70 -29.10
CA ILE L 88 -2.75 16.89 -30.25
C ILE L 88 -4.21 17.18 -30.61
N SER L 89 -4.42 17.59 -31.86
CA SER L 89 -5.73 18.02 -32.34
C SER L 89 -6.06 17.34 -33.66
N ILE L 90 -7.36 17.19 -33.91
CA ILE L 90 -7.86 16.71 -35.19
C ILE L 90 -9.08 17.54 -35.57
N ASN L 91 -9.45 17.45 -36.84
CA ASN L 91 -10.65 18.09 -37.37
C ASN L 91 -11.57 17.03 -37.98
N TYR L 92 -12.86 17.12 -37.67
CA TYR L 92 -13.82 16.14 -38.18
C TYR L 92 -15.10 16.87 -38.57
N ARG L 93 -15.72 16.45 -39.67
CA ARG L 93 -17.00 16.98 -40.12
C ARG L 93 -18.07 15.93 -39.86
N THR L 94 -19.11 16.32 -39.12
CA THR L 94 -20.16 15.38 -38.74
C THR L 94 -21.12 15.10 -39.89
C ACT M . 20.97 21.10 36.52
O ACT M . 19.89 21.01 35.90
OXT ACT M . 21.26 20.67 37.69
CH3 ACT M . 22.13 21.82 35.74
C ACT N . 23.88 19.00 27.07
O ACT N . 24.93 18.30 27.10
OXT ACT N . 23.02 19.09 26.14
CH3 ACT N . 23.61 19.89 28.34
C ACT O . -33.27 1.91 -18.82
O ACT O . -33.63 2.35 -19.96
OXT ACT O . -33.78 2.17 -17.69
CH3 ACT O . -32.04 0.96 -18.84
C ACT P . -16.34 -2.94 -2.73
O ACT P . -15.60 -2.70 -3.71
OXT ACT P . -17.59 -2.84 -2.65
CH3 ACT P . -15.60 -3.42 -1.43
C ACT Q . -16.37 20.46 -16.72
O ACT Q . -16.75 19.31 -17.10
OXT ACT Q . -17.01 21.33 -16.07
CH3 ACT Q . -14.90 20.83 -17.12
#